data_6EWY
# 
_entry.id   6EWY 
# 
_audit_conform.dict_name       mmcif_pdbx.dic 
_audit_conform.dict_version    5.391 
_audit_conform.dict_location   http://mmcif.pdb.org/dictionaries/ascii/mmcif_pdbx.dic 
# 
loop_
_database_2.database_id 
_database_2.database_code 
_database_2.pdbx_database_accession 
_database_2.pdbx_DOI 
PDB   6EWY         pdb_00006ewy 10.2210/pdb6ewy/pdb 
WWPDB D_1200007386 ?            ?                   
# 
loop_
_pdbx_audit_revision_history.ordinal 
_pdbx_audit_revision_history.data_content_type 
_pdbx_audit_revision_history.major_revision 
_pdbx_audit_revision_history.minor_revision 
_pdbx_audit_revision_history.revision_date 
1 'Structure model' 1 0 2018-05-02 
2 'Structure model' 1 1 2018-05-16 
3 'Structure model' 1 2 2018-10-24 
4 'Structure model' 1 3 2024-05-08 
# 
_pdbx_audit_revision_details.ordinal             1 
_pdbx_audit_revision_details.revision_ordinal    1 
_pdbx_audit_revision_details.data_content_type   'Structure model' 
_pdbx_audit_revision_details.provider            repository 
_pdbx_audit_revision_details.type                'Initial release' 
_pdbx_audit_revision_details.description         ? 
_pdbx_audit_revision_details.details             ? 
# 
loop_
_pdbx_audit_revision_group.ordinal 
_pdbx_audit_revision_group.revision_ordinal 
_pdbx_audit_revision_group.data_content_type 
_pdbx_audit_revision_group.group 
1 2 'Structure model' 'Data collection'        
2 2 'Structure model' 'Database references'    
3 3 'Structure model' 'Data collection'        
4 3 'Structure model' 'Database references'    
5 4 'Structure model' 'Data collection'        
6 4 'Structure model' 'Database references'    
7 4 'Structure model' 'Refinement description' 
# 
loop_
_pdbx_audit_revision_category.ordinal 
_pdbx_audit_revision_category.revision_ordinal 
_pdbx_audit_revision_category.data_content_type 
_pdbx_audit_revision_category.category 
1 2 'Structure model' citation        
2 2 'Structure model' citation_author 
3 3 'Structure model' citation        
4 3 'Structure model' citation_author 
5 4 'Structure model' chem_comp_atom  
6 4 'Structure model' chem_comp_bond  
7 4 'Structure model' database_2      
8 4 'Structure model' software        
# 
loop_
_pdbx_audit_revision_item.ordinal 
_pdbx_audit_revision_item.revision_ordinal 
_pdbx_audit_revision_item.data_content_type 
_pdbx_audit_revision_item.item 
1  2 'Structure model' '_citation.country'                   
2  2 'Structure model' '_citation.journal_abbrev'            
3  2 'Structure model' '_citation.journal_id_ASTM'           
4  2 'Structure model' '_citation.journal_id_CSD'            
5  2 'Structure model' '_citation.journal_id_ISSN'           
6  2 'Structure model' '_citation.pdbx_database_id_DOI'      
7  2 'Structure model' '_citation.pdbx_database_id_PubMed'   
8  2 'Structure model' '_citation.title'                     
9  2 'Structure model' '_citation.year'                      
10 3 'Structure model' '_citation.journal_volume'            
11 3 'Structure model' '_citation.page_first'                
12 3 'Structure model' '_citation.page_last'                 
13 3 'Structure model' '_citation.title'                     
14 3 'Structure model' '_citation_author.identifier_ORCID'   
15 4 'Structure model' '_database_2.pdbx_DOI'                
16 4 'Structure model' '_database_2.pdbx_database_accession' 
17 4 'Structure model' '_software.name'                      
# 
_pdbx_database_status.status_code                     REL 
_pdbx_database_status.status_code_sf                  REL 
_pdbx_database_status.status_code_mr                  ? 
_pdbx_database_status.entry_id                        6EWY 
_pdbx_database_status.recvd_initial_deposition_date   2017-11-07 
_pdbx_database_status.SG_entry                        N 
_pdbx_database_status.deposit_site                    PDBE 
_pdbx_database_status.process_site                    PDBE 
_pdbx_database_status.status_code_cs                  ? 
_pdbx_database_status.methods_development_category    ? 
_pdbx_database_status.pdb_format_compatible           Y 
_pdbx_database_status.status_code_nmr_data            ? 
# 
loop_
_audit_author.name 
_audit_author.pdbx_ordinal 
_audit_author.identifier_ORCID 
'Schnell, R.'   1 ? 
'Steiner, E.M.' 2 ? 
'Schneider, G.' 3 ? 
'Guy, J.'       4 ? 
'Bourenkov, G.' 5 ? 
# 
_citation.abstract                  ? 
_citation.abstract_id_CAS           ? 
_citation.book_id_ISBN              ? 
_citation.book_publisher            ? 
_citation.book_publisher_city       ? 
_citation.book_title                ? 
_citation.coordinate_linkage        ? 
_citation.country                   US 
_citation.database_id_Medline       ? 
_citation.details                   ? 
_citation.id                        primary 
_citation.journal_abbrev            Proteins 
_citation.journal_id_ASTM           PSFGEY 
_citation.journal_id_CSD            0867 
_citation.journal_id_ISSN           1097-0134 
_citation.journal_full              ? 
_citation.journal_issue             ? 
_citation.journal_volume            86 
_citation.language                  ? 
_citation.page_first                912 
_citation.page_last                 923 
_citation.title                     
'The structure of the N-terminal module of the cell wall hydrolase RipA and its role in regulating catalytic activity.' 
_citation.year                      2018 
_citation.database_id_CSD           ? 
_citation.pdbx_database_id_DOI      10.1002/prot.25523 
_citation.pdbx_database_id_PubMed   29722065 
_citation.unpublished_flag          ? 
# 
loop_
_citation_author.citation_id 
_citation_author.name 
_citation_author.ordinal 
_citation_author.identifier_ORCID 
primary 'Steiner, E.M.'   1 ?                   
primary 'Lyngso, J.'      2 ?                   
primary 'Guy, J.E.'       3 ?                   
primary 'Bourenkov, G.'   4 ?                   
primary 'Lindqvist, Y.'   5 ?                   
primary 'Schneider, T.R.' 6 ?                   
primary 'Pedersen, J.S.'  7 ?                   
primary 'Schneider, G.'   8 ?                   
primary 'Schnell, R.'     9 0000-0001-7530-3629 
# 
loop_
_entity.id 
_entity.type 
_entity.src_method 
_entity.pdbx_description 
_entity.formula_weight 
_entity.pdbx_number_of_molecules 
_entity.pdbx_ec 
_entity.pdbx_mutation 
_entity.pdbx_fragment 
_entity.details 
1 polymer man 'Peptidoglycan endopeptidase RipA' 23274.570 1  3.4.-.- ? ? 'RipA-N-terminal domain' 
2 water   nat water                              18.015    98 ?       ? ? ?                        
# 
_entity_name_com.entity_id   1 
_entity_name_com.name        
;Macrophage invasion and intracellular persistence protein A,Resuscitation-promoting factor interaction partner A,Rpf-interacting protein A
;
# 
_entity_poly.entity_id                      1 
_entity_poly.type                           'polypeptide(L)' 
_entity_poly.nstd_linkage                   no 
_entity_poly.nstd_monomer                   no 
_entity_poly.pdbx_seq_one_letter_code       
;SMADPQTDTIAALIADVAKANQRLQDLSDEVQAEQESVNKAMVDVETARDNAAAAEDDLEVSQRAVKDANAAIAAAQHRF
DTFAAATYMNGPSVSYLSASSPDEIIATVTAAKTLSASSQAVMANLQRARTERVNTESAARLAKQKADKAAADAKASQDA
AVAALTETRRKFDEQREEVQRLAAERDAAQARLQAARLVAWSSEGGQGAPPFRMWDPGS
;
_entity_poly.pdbx_seq_one_letter_code_can   
;SMADPQTDTIAALIADVAKANQRLQDLSDEVQAEQESVNKAMVDVETARDNAAAAEDDLEVSQRAVKDANAAIAAAQHRF
DTFAAATYMNGPSVSYLSASSPDEIIATVTAAKTLSASSQAVMANLQRARTERVNTESAARLAKQKADKAAADAKASQDA
AVAALTETRRKFDEQREEVQRLAAERDAAQARLQAARLVAWSSEGGQGAPPFRMWDPGS
;
_entity_poly.pdbx_strand_id                 A 
_entity_poly.pdbx_target_identifier         ? 
# 
_pdbx_entity_nonpoly.entity_id   2 
_pdbx_entity_nonpoly.name        water 
_pdbx_entity_nonpoly.comp_id     HOH 
# 
loop_
_entity_poly_seq.entity_id 
_entity_poly_seq.num 
_entity_poly_seq.mon_id 
_entity_poly_seq.hetero 
1 1   SER n 
1 2   MET n 
1 3   ALA n 
1 4   ASP n 
1 5   PRO n 
1 6   GLN n 
1 7   THR n 
1 8   ASP n 
1 9   THR n 
1 10  ILE n 
1 11  ALA n 
1 12  ALA n 
1 13  LEU n 
1 14  ILE n 
1 15  ALA n 
1 16  ASP n 
1 17  VAL n 
1 18  ALA n 
1 19  LYS n 
1 20  ALA n 
1 21  ASN n 
1 22  GLN n 
1 23  ARG n 
1 24  LEU n 
1 25  GLN n 
1 26  ASP n 
1 27  LEU n 
1 28  SER n 
1 29  ASP n 
1 30  GLU n 
1 31  VAL n 
1 32  GLN n 
1 33  ALA n 
1 34  GLU n 
1 35  GLN n 
1 36  GLU n 
1 37  SER n 
1 38  VAL n 
1 39  ASN n 
1 40  LYS n 
1 41  ALA n 
1 42  MET n 
1 43  VAL n 
1 44  ASP n 
1 45  VAL n 
1 46  GLU n 
1 47  THR n 
1 48  ALA n 
1 49  ARG n 
1 50  ASP n 
1 51  ASN n 
1 52  ALA n 
1 53  ALA n 
1 54  ALA n 
1 55  ALA n 
1 56  GLU n 
1 57  ASP n 
1 58  ASP n 
1 59  LEU n 
1 60  GLU n 
1 61  VAL n 
1 62  SER n 
1 63  GLN n 
1 64  ARG n 
1 65  ALA n 
1 66  VAL n 
1 67  LYS n 
1 68  ASP n 
1 69  ALA n 
1 70  ASN n 
1 71  ALA n 
1 72  ALA n 
1 73  ILE n 
1 74  ALA n 
1 75  ALA n 
1 76  ALA n 
1 77  GLN n 
1 78  HIS n 
1 79  ARG n 
1 80  PHE n 
1 81  ASP n 
1 82  THR n 
1 83  PHE n 
1 84  ALA n 
1 85  ALA n 
1 86  ALA n 
1 87  THR n 
1 88  TYR n 
1 89  MET n 
1 90  ASN n 
1 91  GLY n 
1 92  PRO n 
1 93  SER n 
1 94  VAL n 
1 95  SER n 
1 96  TYR n 
1 97  LEU n 
1 98  SER n 
1 99  ALA n 
1 100 SER n 
1 101 SER n 
1 102 PRO n 
1 103 ASP n 
1 104 GLU n 
1 105 ILE n 
1 106 ILE n 
1 107 ALA n 
1 108 THR n 
1 109 VAL n 
1 110 THR n 
1 111 ALA n 
1 112 ALA n 
1 113 LYS n 
1 114 THR n 
1 115 LEU n 
1 116 SER n 
1 117 ALA n 
1 118 SER n 
1 119 SER n 
1 120 GLN n 
1 121 ALA n 
1 122 VAL n 
1 123 MET n 
1 124 ALA n 
1 125 ASN n 
1 126 LEU n 
1 127 GLN n 
1 128 ARG n 
1 129 ALA n 
1 130 ARG n 
1 131 THR n 
1 132 GLU n 
1 133 ARG n 
1 134 VAL n 
1 135 ASN n 
1 136 THR n 
1 137 GLU n 
1 138 SER n 
1 139 ALA n 
1 140 ALA n 
1 141 ARG n 
1 142 LEU n 
1 143 ALA n 
1 144 LYS n 
1 145 GLN n 
1 146 LYS n 
1 147 ALA n 
1 148 ASP n 
1 149 LYS n 
1 150 ALA n 
1 151 ALA n 
1 152 ALA n 
1 153 ASP n 
1 154 ALA n 
1 155 LYS n 
1 156 ALA n 
1 157 SER n 
1 158 GLN n 
1 159 ASP n 
1 160 ALA n 
1 161 ALA n 
1 162 VAL n 
1 163 ALA n 
1 164 ALA n 
1 165 LEU n 
1 166 THR n 
1 167 GLU n 
1 168 THR n 
1 169 ARG n 
1 170 ARG n 
1 171 LYS n 
1 172 PHE n 
1 173 ASP n 
1 174 GLU n 
1 175 GLN n 
1 176 ARG n 
1 177 GLU n 
1 178 GLU n 
1 179 VAL n 
1 180 GLN n 
1 181 ARG n 
1 182 LEU n 
1 183 ALA n 
1 184 ALA n 
1 185 GLU n 
1 186 ARG n 
1 187 ASP n 
1 188 ALA n 
1 189 ALA n 
1 190 GLN n 
1 191 ALA n 
1 192 ARG n 
1 193 LEU n 
1 194 GLN n 
1 195 ALA n 
1 196 ALA n 
1 197 ARG n 
1 198 LEU n 
1 199 VAL n 
1 200 ALA n 
1 201 TRP n 
1 202 SER n 
1 203 SER n 
1 204 GLU n 
1 205 GLY n 
1 206 GLY n 
1 207 GLN n 
1 208 GLY n 
1 209 ALA n 
1 210 PRO n 
1 211 PRO n 
1 212 PHE n 
1 213 ARG n 
1 214 MET n 
1 215 TRP n 
1 216 ASP n 
1 217 PRO n 
1 218 GLY n 
1 219 SER n 
# 
_entity_src_gen.entity_id                          1 
_entity_src_gen.pdbx_src_id                        1 
_entity_src_gen.pdbx_alt_source_flag               sample 
_entity_src_gen.pdbx_seq_type                      'Biological sequence' 
_entity_src_gen.pdbx_beg_seq_num                   1 
_entity_src_gen.pdbx_end_seq_num                   219 
_entity_src_gen.gene_src_common_name               ? 
_entity_src_gen.gene_src_genus                     ? 
_entity_src_gen.pdbx_gene_src_gene                 'ripA, Rv1477' 
_entity_src_gen.gene_src_species                   ? 
_entity_src_gen.gene_src_strain                    ? 
_entity_src_gen.gene_src_tissue                    ? 
_entity_src_gen.gene_src_tissue_fraction           ? 
_entity_src_gen.gene_src_details                   ? 
_entity_src_gen.pdbx_gene_src_fragment             ? 
_entity_src_gen.pdbx_gene_src_scientific_name      'Mycobacterium tuberculosis (strain ATCC 25618 / H37Rv)' 
_entity_src_gen.pdbx_gene_src_ncbi_taxonomy_id     83332 
_entity_src_gen.pdbx_gene_src_variant              ? 
_entity_src_gen.pdbx_gene_src_cell_line            ? 
_entity_src_gen.pdbx_gene_src_atcc                 ? 
_entity_src_gen.pdbx_gene_src_organ                ? 
_entity_src_gen.pdbx_gene_src_organelle            ? 
_entity_src_gen.pdbx_gene_src_cell                 ? 
_entity_src_gen.pdbx_gene_src_cellular_location    ? 
_entity_src_gen.host_org_common_name               ? 
_entity_src_gen.pdbx_host_org_scientific_name      'Escherichia coli BL21(DE3)' 
_entity_src_gen.pdbx_host_org_ncbi_taxonomy_id     469008 
_entity_src_gen.host_org_genus                     ? 
_entity_src_gen.pdbx_host_org_gene                 ? 
_entity_src_gen.pdbx_host_org_organ                ? 
_entity_src_gen.host_org_species                   ? 
_entity_src_gen.pdbx_host_org_tissue               ? 
_entity_src_gen.pdbx_host_org_tissue_fraction      ? 
_entity_src_gen.pdbx_host_org_strain               ? 
_entity_src_gen.pdbx_host_org_variant              ? 
_entity_src_gen.pdbx_host_org_cell_line            ? 
_entity_src_gen.pdbx_host_org_atcc                 ? 
_entity_src_gen.pdbx_host_org_culture_collection   ? 
_entity_src_gen.pdbx_host_org_cell                 ? 
_entity_src_gen.pdbx_host_org_organelle            ? 
_entity_src_gen.pdbx_host_org_cellular_location    ? 
_entity_src_gen.pdbx_host_org_vector_type          PLASMID 
_entity_src_gen.pdbx_host_org_vector               ? 
_entity_src_gen.host_org_details                   'N-terminal His6-tag, removable by TEV cleavage' 
_entity_src_gen.expression_system_id               ? 
_entity_src_gen.plasmid_name                       pNIC28Bsa4 
_entity_src_gen.plasmid_details                    ? 
_entity_src_gen.pdbx_description                   ? 
# 
loop_
_chem_comp.id 
_chem_comp.type 
_chem_comp.mon_nstd_flag 
_chem_comp.name 
_chem_comp.pdbx_synonyms 
_chem_comp.formula 
_chem_comp.formula_weight 
ALA 'L-peptide linking' y ALANINE         ? 'C3 H7 N O2'     89.093  
ARG 'L-peptide linking' y ARGININE        ? 'C6 H15 N4 O2 1' 175.209 
ASN 'L-peptide linking' y ASPARAGINE      ? 'C4 H8 N2 O3'    132.118 
ASP 'L-peptide linking' y 'ASPARTIC ACID' ? 'C4 H7 N O4'     133.103 
GLN 'L-peptide linking' y GLUTAMINE       ? 'C5 H10 N2 O3'   146.144 
GLU 'L-peptide linking' y 'GLUTAMIC ACID' ? 'C5 H9 N O4'     147.129 
GLY 'peptide linking'   y GLYCINE         ? 'C2 H5 N O2'     75.067  
HIS 'L-peptide linking' y HISTIDINE       ? 'C6 H10 N3 O2 1' 156.162 
HOH non-polymer         . WATER           ? 'H2 O'           18.015  
ILE 'L-peptide linking' y ISOLEUCINE      ? 'C6 H13 N O2'    131.173 
LEU 'L-peptide linking' y LEUCINE         ? 'C6 H13 N O2'    131.173 
LYS 'L-peptide linking' y LYSINE          ? 'C6 H15 N2 O2 1' 147.195 
MET 'L-peptide linking' y METHIONINE      ? 'C5 H11 N O2 S'  149.211 
PHE 'L-peptide linking' y PHENYLALANINE   ? 'C9 H11 N O2'    165.189 
PRO 'L-peptide linking' y PROLINE         ? 'C5 H9 N O2'     115.130 
SER 'L-peptide linking' y SERINE          ? 'C3 H7 N O3'     105.093 
THR 'L-peptide linking' y THREONINE       ? 'C4 H9 N O3'     119.119 
TRP 'L-peptide linking' y TRYPTOPHAN      ? 'C11 H12 N2 O2'  204.225 
TYR 'L-peptide linking' y TYROSINE        ? 'C9 H11 N O3'    181.189 
VAL 'L-peptide linking' y VALINE          ? 'C5 H11 N O2'    117.146 
# 
loop_
_pdbx_poly_seq_scheme.asym_id 
_pdbx_poly_seq_scheme.entity_id 
_pdbx_poly_seq_scheme.seq_id 
_pdbx_poly_seq_scheme.mon_id 
_pdbx_poly_seq_scheme.ndb_seq_num 
_pdbx_poly_seq_scheme.pdb_seq_num 
_pdbx_poly_seq_scheme.auth_seq_num 
_pdbx_poly_seq_scheme.pdb_mon_id 
_pdbx_poly_seq_scheme.auth_mon_id 
_pdbx_poly_seq_scheme.pdb_strand_id 
_pdbx_poly_seq_scheme.pdb_ins_code 
_pdbx_poly_seq_scheme.hetero 
A 1 1   SER 1   37  ?   ?   ?   A . n 
A 1 2   MET 2   38  ?   ?   ?   A . n 
A 1 3   ALA 3   39  ?   ?   ?   A . n 
A 1 4   ASP 4   40  40  ASP ASP A . n 
A 1 5   PRO 5   41  41  PRO PRO A . n 
A 1 6   GLN 6   42  42  GLN GLN A . n 
A 1 7   THR 7   43  43  THR THR A . n 
A 1 8   ASP 8   44  44  ASP ASP A . n 
A 1 9   THR 9   45  45  THR THR A . n 
A 1 10  ILE 10  46  46  ILE ILE A . n 
A 1 11  ALA 11  47  47  ALA ALA A . n 
A 1 12  ALA 12  48  48  ALA ALA A . n 
A 1 13  LEU 13  49  49  LEU LEU A . n 
A 1 14  ILE 14  50  50  ILE ILE A . n 
A 1 15  ALA 15  51  51  ALA ALA A . n 
A 1 16  ASP 16  52  52  ASP ASP A . n 
A 1 17  VAL 17  53  53  VAL VAL A . n 
A 1 18  ALA 18  54  54  ALA ALA A . n 
A 1 19  LYS 19  55  55  LYS LYS A . n 
A 1 20  ALA 20  56  56  ALA ALA A . n 
A 1 21  ASN 21  57  57  ASN ASN A . n 
A 1 22  GLN 22  58  58  GLN GLN A . n 
A 1 23  ARG 23  59  59  ARG ARG A . n 
A 1 24  LEU 24  60  60  LEU LEU A . n 
A 1 25  GLN 25  61  61  GLN GLN A . n 
A 1 26  ASP 26  62  62  ASP ASP A . n 
A 1 27  LEU 27  63  63  LEU LEU A . n 
A 1 28  SER 28  64  64  SER SER A . n 
A 1 29  ASP 29  65  65  ASP ASP A . n 
A 1 30  GLU 30  66  66  GLU GLU A . n 
A 1 31  VAL 31  67  67  VAL VAL A . n 
A 1 32  GLN 32  68  68  GLN GLN A . n 
A 1 33  ALA 33  69  69  ALA ALA A . n 
A 1 34  GLU 34  70  70  GLU GLU A . n 
A 1 35  GLN 35  71  71  GLN GLN A . n 
A 1 36  GLU 36  72  72  GLU GLU A . n 
A 1 37  SER 37  73  73  SER SER A . n 
A 1 38  VAL 38  74  74  VAL VAL A . n 
A 1 39  ASN 39  75  75  ASN ASN A . n 
A 1 40  LYS 40  76  76  LYS LYS A . n 
A 1 41  ALA 41  77  77  ALA ALA A . n 
A 1 42  MET 42  78  78  MET MET A . n 
A 1 43  VAL 43  79  79  VAL VAL A . n 
A 1 44  ASP 44  80  80  ASP ASP A . n 
A 1 45  VAL 45  81  81  VAL VAL A . n 
A 1 46  GLU 46  82  82  GLU GLU A . n 
A 1 47  THR 47  83  83  THR THR A . n 
A 1 48  ALA 48  84  84  ALA ALA A . n 
A 1 49  ARG 49  85  85  ARG ARG A . n 
A 1 50  ASP 50  86  86  ASP ASP A . n 
A 1 51  ASN 51  87  87  ASN ASN A . n 
A 1 52  ALA 52  88  88  ALA ALA A . n 
A 1 53  ALA 53  89  89  ALA ALA A . n 
A 1 54  ALA 54  90  90  ALA ALA A . n 
A 1 55  ALA 55  91  91  ALA ALA A . n 
A 1 56  GLU 56  92  92  GLU GLU A . n 
A 1 57  ASP 57  93  93  ASP ASP A . n 
A 1 58  ASP 58  94  94  ASP ASP A . n 
A 1 59  LEU 59  95  95  LEU LEU A . n 
A 1 60  GLU 60  96  96  GLU GLU A . n 
A 1 61  VAL 61  97  97  VAL VAL A . n 
A 1 62  SER 62  98  98  SER SER A . n 
A 1 63  GLN 63  99  99  GLN GLN A . n 
A 1 64  ARG 64  100 100 ARG ARG A . n 
A 1 65  ALA 65  101 101 ALA ALA A . n 
A 1 66  VAL 66  102 102 VAL VAL A . n 
A 1 67  LYS 67  103 103 LYS LYS A . n 
A 1 68  ASP 68  104 104 ASP ASP A . n 
A 1 69  ALA 69  105 105 ALA ALA A . n 
A 1 70  ASN 70  106 106 ASN ASN A . n 
A 1 71  ALA 71  107 107 ALA ALA A . n 
A 1 72  ALA 72  108 108 ALA ALA A . n 
A 1 73  ILE 73  109 109 ILE ILE A . n 
A 1 74  ALA 74  110 110 ALA ALA A . n 
A 1 75  ALA 75  111 111 ALA ALA A . n 
A 1 76  ALA 76  112 112 ALA ALA A . n 
A 1 77  GLN 77  113 113 GLN GLN A . n 
A 1 78  HIS 78  114 114 HIS HIS A . n 
A 1 79  ARG 79  115 115 ARG ARG A . n 
A 1 80  PHE 80  116 116 PHE PHE A . n 
A 1 81  ASP 81  117 117 ASP ASP A . n 
A 1 82  THR 82  118 118 THR THR A . n 
A 1 83  PHE 83  119 119 PHE PHE A . n 
A 1 84  ALA 84  120 120 ALA ALA A . n 
A 1 85  ALA 85  121 121 ALA ALA A . n 
A 1 86  ALA 86  122 122 ALA ALA A . n 
A 1 87  THR 87  123 123 THR THR A . n 
A 1 88  TYR 88  124 124 TYR TYR A . n 
A 1 89  MET 89  125 125 MET MET A . n 
A 1 90  ASN 90  126 126 ASN ASN A . n 
A 1 91  GLY 91  127 127 GLY GLY A . n 
A 1 92  PRO 92  128 128 PRO PRO A . n 
A 1 93  SER 93  129 129 SER SER A . n 
A 1 94  VAL 94  130 130 VAL VAL A . n 
A 1 95  SER 95  131 131 SER SER A . n 
A 1 96  TYR 96  132 132 TYR TYR A . n 
A 1 97  LEU 97  133 133 LEU LEU A . n 
A 1 98  SER 98  134 134 SER SER A . n 
A 1 99  ALA 99  135 135 ALA ALA A . n 
A 1 100 SER 100 136 136 SER SER A . n 
A 1 101 SER 101 137 137 SER SER A . n 
A 1 102 PRO 102 138 138 PRO PRO A . n 
A 1 103 ASP 103 139 139 ASP ASP A . n 
A 1 104 GLU 104 140 140 GLU GLU A . n 
A 1 105 ILE 105 141 141 ILE ILE A . n 
A 1 106 ILE 106 142 142 ILE ILE A . n 
A 1 107 ALA 107 143 143 ALA ALA A . n 
A 1 108 THR 108 144 144 THR THR A . n 
A 1 109 VAL 109 145 145 VAL VAL A . n 
A 1 110 THR 110 146 146 THR THR A . n 
A 1 111 ALA 111 147 147 ALA ALA A . n 
A 1 112 ALA 112 148 148 ALA ALA A . n 
A 1 113 LYS 113 149 149 LYS LYS A . n 
A 1 114 THR 114 150 150 THR THR A . n 
A 1 115 LEU 115 151 151 LEU LEU A . n 
A 1 116 SER 116 152 152 SER SER A . n 
A 1 117 ALA 117 153 153 ALA ALA A . n 
A 1 118 SER 118 154 154 SER SER A . n 
A 1 119 SER 119 155 155 SER SER A . n 
A 1 120 GLN 120 156 156 GLN GLN A . n 
A 1 121 ALA 121 157 157 ALA ALA A . n 
A 1 122 VAL 122 158 158 VAL VAL A . n 
A 1 123 MET 123 159 159 MET MET A . n 
A 1 124 ALA 124 160 160 ALA ALA A . n 
A 1 125 ASN 125 161 161 ASN ASN A . n 
A 1 126 LEU 126 162 162 LEU LEU A . n 
A 1 127 GLN 127 163 163 GLN GLN A . n 
A 1 128 ARG 128 164 164 ARG ARG A . n 
A 1 129 ALA 129 165 165 ALA ALA A . n 
A 1 130 ARG 130 166 166 ARG ARG A . n 
A 1 131 THR 131 167 167 THR THR A . n 
A 1 132 GLU 132 168 168 GLU GLU A . n 
A 1 133 ARG 133 169 169 ARG ARG A . n 
A 1 134 VAL 134 170 170 VAL VAL A . n 
A 1 135 ASN 135 171 171 ASN ASN A . n 
A 1 136 THR 136 172 172 THR THR A . n 
A 1 137 GLU 137 173 173 GLU GLU A . n 
A 1 138 SER 138 174 174 SER SER A . n 
A 1 139 ALA 139 175 175 ALA ALA A . n 
A 1 140 ALA 140 176 176 ALA ALA A . n 
A 1 141 ARG 141 177 177 ARG ARG A . n 
A 1 142 LEU 142 178 178 LEU LEU A . n 
A 1 143 ALA 143 179 179 ALA ALA A . n 
A 1 144 LYS 144 180 180 LYS LYS A . n 
A 1 145 GLN 145 181 181 GLN GLN A . n 
A 1 146 LYS 146 182 182 LYS LYS A . n 
A 1 147 ALA 147 183 183 ALA ALA A . n 
A 1 148 ASP 148 184 184 ASP ASP A . n 
A 1 149 LYS 149 185 185 LYS LYS A . n 
A 1 150 ALA 150 186 186 ALA ALA A . n 
A 1 151 ALA 151 187 187 ALA ALA A . n 
A 1 152 ALA 152 188 188 ALA ALA A . n 
A 1 153 ASP 153 189 189 ASP ASP A . n 
A 1 154 ALA 154 190 190 ALA ALA A . n 
A 1 155 LYS 155 191 191 LYS LYS A . n 
A 1 156 ALA 156 192 192 ALA ALA A . n 
A 1 157 SER 157 193 193 SER SER A . n 
A 1 158 GLN 158 194 194 GLN GLN A . n 
A 1 159 ASP 159 195 195 ASP ASP A . n 
A 1 160 ALA 160 196 196 ALA ALA A . n 
A 1 161 ALA 161 197 197 ALA ALA A . n 
A 1 162 VAL 162 198 198 VAL VAL A . n 
A 1 163 ALA 163 199 199 ALA ALA A . n 
A 1 164 ALA 164 200 200 ALA ALA A . n 
A 1 165 LEU 165 201 201 LEU LEU A . n 
A 1 166 THR 166 202 202 THR THR A . n 
A 1 167 GLU 167 203 203 GLU GLU A . n 
A 1 168 THR 168 204 204 THR THR A . n 
A 1 169 ARG 169 205 205 ARG ARG A . n 
A 1 170 ARG 170 206 206 ARG ARG A . n 
A 1 171 LYS 171 207 207 LYS LYS A . n 
A 1 172 PHE 172 208 208 PHE PHE A . n 
A 1 173 ASP 173 209 209 ASP ASP A . n 
A 1 174 GLU 174 210 210 GLU GLU A . n 
A 1 175 GLN 175 211 211 GLN GLN A . n 
A 1 176 ARG 176 212 212 ARG ARG A . n 
A 1 177 GLU 177 213 213 GLU GLU A . n 
A 1 178 GLU 178 214 214 GLU GLU A . n 
A 1 179 VAL 179 215 215 VAL VAL A . n 
A 1 180 GLN 180 216 216 GLN GLN A . n 
A 1 181 ARG 181 217 217 ARG ARG A . n 
A 1 182 LEU 182 218 218 LEU LEU A . n 
A 1 183 ALA 183 219 219 ALA ALA A . n 
A 1 184 ALA 184 220 220 ALA ALA A . n 
A 1 185 GLU 185 221 221 GLU GLU A . n 
A 1 186 ARG 186 222 222 ARG ARG A . n 
A 1 187 ASP 187 223 223 ASP ASP A . n 
A 1 188 ALA 188 224 224 ALA ALA A . n 
A 1 189 ALA 189 225 225 ALA ALA A . n 
A 1 190 GLN 190 226 226 GLN GLN A . n 
A 1 191 ALA 191 227 227 ALA ALA A . n 
A 1 192 ARG 192 228 228 ARG ARG A . n 
A 1 193 LEU 193 229 229 LEU LEU A . n 
A 1 194 GLN 194 230 230 GLN GLN A . n 
A 1 195 ALA 195 231 231 ALA ALA A . n 
A 1 196 ALA 196 232 232 ALA ALA A . n 
A 1 197 ARG 197 233 233 ARG ARG A . n 
A 1 198 LEU 198 234 234 LEU LEU A . n 
A 1 199 VAL 199 235 235 VAL VAL A . n 
A 1 200 ALA 200 236 236 ALA ALA A . n 
A 1 201 TRP 201 237 237 TRP TRP A . n 
A 1 202 SER 202 238 238 SER SER A . n 
A 1 203 SER 203 239 239 SER SER A . n 
A 1 204 GLU 204 240 240 GLU GLU A . n 
A 1 205 GLY 205 241 ?   ?   ?   A . n 
A 1 206 GLY 206 242 ?   ?   ?   A . n 
A 1 207 GLN 207 243 ?   ?   ?   A . n 
A 1 208 GLY 208 244 ?   ?   ?   A . n 
A 1 209 ALA 209 245 ?   ?   ?   A . n 
A 1 210 PRO 210 246 ?   ?   ?   A . n 
A 1 211 PRO 211 247 ?   ?   ?   A . n 
A 1 212 PHE 212 248 ?   ?   ?   A . n 
A 1 213 ARG 213 249 ?   ?   ?   A . n 
A 1 214 MET 214 250 ?   ?   ?   A . n 
A 1 215 TRP 215 251 ?   ?   ?   A . n 
A 1 216 ASP 216 252 ?   ?   ?   A . n 
A 1 217 PRO 217 253 ?   ?   ?   A . n 
A 1 218 GLY 218 254 ?   ?   ?   A . n 
A 1 219 SER 219 255 ?   ?   ?   A . n 
# 
loop_
_pdbx_nonpoly_scheme.asym_id 
_pdbx_nonpoly_scheme.entity_id 
_pdbx_nonpoly_scheme.mon_id 
_pdbx_nonpoly_scheme.ndb_seq_num 
_pdbx_nonpoly_scheme.pdb_seq_num 
_pdbx_nonpoly_scheme.auth_seq_num 
_pdbx_nonpoly_scheme.pdb_mon_id 
_pdbx_nonpoly_scheme.auth_mon_id 
_pdbx_nonpoly_scheme.pdb_strand_id 
_pdbx_nonpoly_scheme.pdb_ins_code 
B 2 HOH 1  301 50 HOH HOH A . 
B 2 HOH 2  302 25 HOH HOH A . 
B 2 HOH 3  303 51 HOH HOH A . 
B 2 HOH 4  304 57 HOH HOH A . 
B 2 HOH 5  305 4  HOH HOH A . 
B 2 HOH 6  306 10 HOH HOH A . 
B 2 HOH 7  307 35 HOH HOH A . 
B 2 HOH 8  308 54 HOH HOH A . 
B 2 HOH 9  309 30 HOH HOH A . 
B 2 HOH 10 310 95 HOH HOH A . 
B 2 HOH 11 311 24 HOH HOH A . 
B 2 HOH 12 312 61 HOH HOH A . 
B 2 HOH 13 313 5  HOH HOH A . 
B 2 HOH 14 314 8  HOH HOH A . 
B 2 HOH 15 315 28 HOH HOH A . 
B 2 HOH 16 316 22 HOH HOH A . 
B 2 HOH 17 317 6  HOH HOH A . 
B 2 HOH 18 318 12 HOH HOH A . 
B 2 HOH 19 319 26 HOH HOH A . 
B 2 HOH 20 320 19 HOH HOH A . 
B 2 HOH 21 321 13 HOH HOH A . 
B 2 HOH 22 322 63 HOH HOH A . 
B 2 HOH 23 323 76 HOH HOH A . 
B 2 HOH 24 324 18 HOH HOH A . 
B 2 HOH 25 325 2  HOH HOH A . 
B 2 HOH 26 326 74 HOH HOH A . 
B 2 HOH 27 327 21 HOH HOH A . 
B 2 HOH 28 328 90 HOH HOH A . 
B 2 HOH 29 329 66 HOH HOH A . 
B 2 HOH 30 330 38 HOH HOH A . 
B 2 HOH 31 331 27 HOH HOH A . 
B 2 HOH 32 332 14 HOH HOH A . 
B 2 HOH 33 333 70 HOH HOH A . 
B 2 HOH 34 334 23 HOH HOH A . 
B 2 HOH 35 335 1  HOH HOH A . 
B 2 HOH 36 336 56 HOH HOH A . 
B 2 HOH 37 337 15 HOH HOH A . 
B 2 HOH 38 338 53 HOH HOH A . 
B 2 HOH 39 339 9  HOH HOH A . 
B 2 HOH 40 340 40 HOH HOH A . 
B 2 HOH 41 341 36 HOH HOH A . 
B 2 HOH 42 342 43 HOH HOH A . 
B 2 HOH 43 343 31 HOH HOH A . 
B 2 HOH 44 344 29 HOH HOH A . 
B 2 HOH 45 345 11 HOH HOH A . 
B 2 HOH 46 346 86 HOH HOH A . 
B 2 HOH 47 347 34 HOH HOH A . 
B 2 HOH 48 348 83 HOH HOH A . 
B 2 HOH 49 349 82 HOH HOH A . 
B 2 HOH 50 350 59 HOH HOH A . 
B 2 HOH 51 351 32 HOH HOH A . 
B 2 HOH 52 352 69 HOH HOH A . 
B 2 HOH 53 353 46 HOH HOH A . 
B 2 HOH 54 354 39 HOH HOH A . 
B 2 HOH 55 355 7  HOH HOH A . 
B 2 HOH 56 356 97 HOH HOH A . 
B 2 HOH 57 357 17 HOH HOH A . 
B 2 HOH 58 358 3  HOH HOH A . 
B 2 HOH 59 359 78 HOH HOH A . 
B 2 HOH 60 360 62 HOH HOH A . 
B 2 HOH 61 361 16 HOH HOH A . 
B 2 HOH 62 362 93 HOH HOH A . 
B 2 HOH 63 363 67 HOH HOH A . 
B 2 HOH 64 364 41 HOH HOH A . 
B 2 HOH 65 365 20 HOH HOH A . 
B 2 HOH 66 366 85 HOH HOH A . 
B 2 HOH 67 367 58 HOH HOH A . 
B 2 HOH 68 368 45 HOH HOH A . 
B 2 HOH 69 369 55 HOH HOH A . 
B 2 HOH 70 370 33 HOH HOH A . 
B 2 HOH 71 371 89 HOH HOH A . 
B 2 HOH 72 372 80 HOH HOH A . 
B 2 HOH 73 373 37 HOH HOH A . 
B 2 HOH 74 374 79 HOH HOH A . 
B 2 HOH 75 375 52 HOH HOH A . 
B 2 HOH 76 376 81 HOH HOH A . 
B 2 HOH 77 377 42 HOH HOH A . 
B 2 HOH 78 378 48 HOH HOH A . 
B 2 HOH 79 379 49 HOH HOH A . 
B 2 HOH 80 380 71 HOH HOH A . 
B 2 HOH 81 381 72 HOH HOH A . 
B 2 HOH 82 382 91 HOH HOH A . 
B 2 HOH 83 383 73 HOH HOH A . 
B 2 HOH 84 384 87 HOH HOH A . 
B 2 HOH 85 385 64 HOH HOH A . 
B 2 HOH 86 386 88 HOH HOH A . 
B 2 HOH 87 387 77 HOH HOH A . 
B 2 HOH 88 388 75 HOH HOH A . 
B 2 HOH 89 389 47 HOH HOH A . 
B 2 HOH 90 390 92 HOH HOH A . 
B 2 HOH 91 391 65 HOH HOH A . 
B 2 HOH 92 392 44 HOH HOH A . 
B 2 HOH 93 393 84 HOH HOH A . 
B 2 HOH 94 394 96 HOH HOH A . 
B 2 HOH 95 395 94 HOH HOH A . 
B 2 HOH 96 396 68 HOH HOH A . 
B 2 HOH 97 397 98 HOH HOH A . 
B 2 HOH 98 398 60 HOH HOH A . 
# 
loop_
_pdbx_unobs_or_zero_occ_atoms.id 
_pdbx_unobs_or_zero_occ_atoms.PDB_model_num 
_pdbx_unobs_or_zero_occ_atoms.polymer_flag 
_pdbx_unobs_or_zero_occ_atoms.occupancy_flag 
_pdbx_unobs_or_zero_occ_atoms.auth_asym_id 
_pdbx_unobs_or_zero_occ_atoms.auth_comp_id 
_pdbx_unobs_or_zero_occ_atoms.auth_seq_id 
_pdbx_unobs_or_zero_occ_atoms.PDB_ins_code 
_pdbx_unobs_or_zero_occ_atoms.auth_atom_id 
_pdbx_unobs_or_zero_occ_atoms.label_alt_id 
_pdbx_unobs_or_zero_occ_atoms.label_asym_id 
_pdbx_unobs_or_zero_occ_atoms.label_comp_id 
_pdbx_unobs_or_zero_occ_atoms.label_seq_id 
_pdbx_unobs_or_zero_occ_atoms.label_atom_id 
1 1 Y 1 A ASP 40 ? CG  ? A ASP 4 CG  
2 1 Y 1 A ASP 40 ? OD1 ? A ASP 4 OD1 
3 1 Y 1 A ASP 40 ? OD2 ? A ASP 4 OD2 
# 
loop_
_software.citation_id 
_software.classification 
_software.compiler_name 
_software.compiler_version 
_software.contact_author 
_software.contact_author_email 
_software.date 
_software.description 
_software.dependencies 
_software.hardware 
_software.language 
_software.location 
_software.mods 
_software.name 
_software.os 
_software.os_version 
_software.type 
_software.version 
_software.pdbx_ordinal 
? refinement       ? ? ? ? ? ? ? ? ? ? ? PHENIX   ? ? ? 1.9_1692 1 
? 'data reduction' ? ? ? ? ? ? ? ? ? ? ? XDS      ? ? ? .        2 
? 'data scaling'   ? ? ? ? ? ? ? ? ? ? ? autoPROC ? ? ? .        3 
? phasing          ? ? ? ? ? ? ? ? ? ? ? SHELXDE  ? ? ? .        4 
# 
_cell.angle_alpha                  90.00 
_cell.angle_alpha_esd              ? 
_cell.angle_beta                   90.00 
_cell.angle_beta_esd               ? 
_cell.angle_gamma                  90.00 
_cell.angle_gamma_esd              ? 
_cell.entry_id                     6EWY 
_cell.details                      ? 
_cell.formula_units_Z              ? 
_cell.length_a                     44.916 
_cell.length_a_esd                 ? 
_cell.length_b                     93.960 
_cell.length_b_esd                 ? 
_cell.length_c                     138.672 
_cell.length_c_esd                 ? 
_cell.volume                       ? 
_cell.volume_esd                   ? 
_cell.Z_PDB                        8 
_cell.reciprocal_angle_alpha       ? 
_cell.reciprocal_angle_beta        ? 
_cell.reciprocal_angle_gamma       ? 
_cell.reciprocal_angle_alpha_esd   ? 
_cell.reciprocal_angle_beta_esd    ? 
_cell.reciprocal_angle_gamma_esd   ? 
_cell.reciprocal_length_a          ? 
_cell.reciprocal_length_b          ? 
_cell.reciprocal_length_c          ? 
_cell.reciprocal_length_a_esd      ? 
_cell.reciprocal_length_b_esd      ? 
_cell.reciprocal_length_c_esd      ? 
_cell.pdbx_unique_axis             ? 
# 
_symmetry.entry_id                         6EWY 
_symmetry.cell_setting                     ? 
_symmetry.Int_Tables_number                21 
_symmetry.space_group_name_Hall            ? 
_symmetry.space_group_name_H-M             'C 2 2 2' 
_symmetry.pdbx_full_space_group_name_H-M   ? 
# 
_exptl.absorpt_coefficient_mu     ? 
_exptl.absorpt_correction_T_max   ? 
_exptl.absorpt_correction_T_min   ? 
_exptl.absorpt_correction_type    ? 
_exptl.absorpt_process_details    ? 
_exptl.entry_id                   6EWY 
_exptl.crystals_number            1 
_exptl.details                    ? 
_exptl.method                     'X-RAY DIFFRACTION' 
_exptl.method_details             ? 
# 
_exptl_crystal.colour                      ? 
_exptl_crystal.density_diffrn              ? 
_exptl_crystal.density_Matthews            3.15 
_exptl_crystal.density_method              ? 
_exptl_crystal.density_percent_sol         0.61 
_exptl_crystal.description                 rod 
_exptl_crystal.F_000                       ? 
_exptl_crystal.id                          1 
_exptl_crystal.preparation                 ? 
_exptl_crystal.size_max                    ? 
_exptl_crystal.size_mid                    ? 
_exptl_crystal.size_min                    ? 
_exptl_crystal.size_rad                    ? 
_exptl_crystal.colour_lustre               ? 
_exptl_crystal.colour_modifier             ? 
_exptl_crystal.colour_primary              ? 
_exptl_crystal.density_meas                ? 
_exptl_crystal.density_meas_esd            ? 
_exptl_crystal.density_meas_gt             ? 
_exptl_crystal.density_meas_lt             ? 
_exptl_crystal.density_meas_temp           ? 
_exptl_crystal.density_meas_temp_esd       ? 
_exptl_crystal.density_meas_temp_gt        ? 
_exptl_crystal.density_meas_temp_lt        ? 
_exptl_crystal.pdbx_crystal_image_url      ? 
_exptl_crystal.pdbx_crystal_image_format   ? 
_exptl_crystal.pdbx_mosaicity              ? 
_exptl_crystal.pdbx_mosaicity_esd          ? 
# 
_exptl_crystal_grow.apparatus       ? 
_exptl_crystal_grow.atmosphere      ? 
_exptl_crystal_grow.crystal_id      1 
_exptl_crystal_grow.details         ? 
_exptl_crystal_grow.method          'VAPOR DIFFUSION, SITTING DROP' 
_exptl_crystal_grow.method_ref      ? 
_exptl_crystal_grow.pH              5.75 
_exptl_crystal_grow.pressure        ? 
_exptl_crystal_grow.pressure_esd    ? 
_exptl_crystal_grow.seeding         ? 
_exptl_crystal_grow.seeding_ref     ? 
_exptl_crystal_grow.temp            277 
_exptl_crystal_grow.temp_details    ? 
_exptl_crystal_grow.temp_esd        ? 
_exptl_crystal_grow.time            ? 
_exptl_crystal_grow.pdbx_details    '42% MPD, 0.1M MES pH 5.75' 
_exptl_crystal_grow.pdbx_pH_range   ? 
# 
_diffrn.ambient_environment    ? 
_diffrn.ambient_temp           100 
_diffrn.ambient_temp_details   ? 
_diffrn.ambient_temp_esd       ? 
_diffrn.crystal_id             1 
_diffrn.crystal_support        ? 
_diffrn.crystal_treatment      ? 
_diffrn.details                ? 
_diffrn.id                     1 
_diffrn.ambient_pressure       ? 
_diffrn.ambient_pressure_esd   ? 
_diffrn.ambient_pressure_gt    ? 
_diffrn.ambient_pressure_lt    ? 
_diffrn.ambient_temp_gt        ? 
_diffrn.ambient_temp_lt        ? 
# 
_diffrn_detector.details                      mirrors 
_diffrn_detector.detector                     PIXEL 
_diffrn_detector.diffrn_id                    1 
_diffrn_detector.type                         'DECTRIS PILATUS 6M' 
_diffrn_detector.area_resol_mean              ? 
_diffrn_detector.dtime                        ? 
_diffrn_detector.pdbx_frames_total            ? 
_diffrn_detector.pdbx_collection_time_total   ? 
_diffrn_detector.pdbx_collection_date         2015-06-13 
# 
_diffrn_radiation.collimation                      ? 
_diffrn_radiation.diffrn_id                        1 
_diffrn_radiation.filter_edge                      ? 
_diffrn_radiation.inhomogeneity                    ? 
_diffrn_radiation.monochromator                    'Si (1 1 1)' 
_diffrn_radiation.polarisn_norm                    ? 
_diffrn_radiation.polarisn_ratio                   ? 
_diffrn_radiation.probe                            ? 
_diffrn_radiation.type                             ? 
_diffrn_radiation.xray_symbol                      ? 
_diffrn_radiation.wavelength_id                    1 
_diffrn_radiation.pdbx_monochromatic_or_laue_m_l   M 
_diffrn_radiation.pdbx_wavelength_list             ? 
_diffrn_radiation.pdbx_wavelength                  ? 
_diffrn_radiation.pdbx_diffrn_protocol             'SINGLE WAVELENGTH' 
_diffrn_radiation.pdbx_analyzer                    ? 
_diffrn_radiation.pdbx_scattering_type             x-ray 
# 
_diffrn_radiation_wavelength.id           1 
_diffrn_radiation_wavelength.wavelength   0.97625 
_diffrn_radiation_wavelength.wt           1.0 
# 
_diffrn_source.current                     ? 
_diffrn_source.details                     ? 
_diffrn_source.diffrn_id                   1 
_diffrn_source.power                       ? 
_diffrn_source.size                        ? 
_diffrn_source.source                      SYNCHROTRON 
_diffrn_source.target                      ? 
_diffrn_source.type                        'ESRF BEAMLINE ID23-1' 
_diffrn_source.voltage                     ? 
_diffrn_source.take-off_angle              ? 
_diffrn_source.pdbx_wavelength_list        0.97625 
_diffrn_source.pdbx_wavelength             ? 
_diffrn_source.pdbx_synchrotron_beamline   ID23-1 
_diffrn_source.pdbx_synchrotron_site       ESRF 
# 
_reflns.B_iso_Wilson_estimate            67.94 
_reflns.entry_id                         6EWY 
_reflns.data_reduction_details           ? 
_reflns.data_reduction_method            ? 
_reflns.d_resolution_high                2.191 
_reflns.d_resolution_low                 34.987 
_reflns.details                          ? 
_reflns.limit_h_max                      ? 
_reflns.limit_h_min                      ? 
_reflns.limit_k_max                      ? 
_reflns.limit_k_min                      ? 
_reflns.limit_l_max                      ? 
_reflns.limit_l_min                      ? 
_reflns.number_all                       ? 
_reflns.number_obs                       12284 
_reflns.observed_criterion               ? 
_reflns.observed_criterion_F_max         ? 
_reflns.observed_criterion_F_min         ? 
_reflns.observed_criterion_I_max         ? 
_reflns.observed_criterion_I_min         ? 
_reflns.observed_criterion_sigma_F       ? 
_reflns.observed_criterion_sigma_I       4.0 
_reflns.percent_possible_obs             90.5 
_reflns.R_free_details                   ? 
_reflns.Rmerge_F_all                     ? 
_reflns.Rmerge_F_obs                     ? 
_reflns.Friedel_coverage                 ? 
_reflns.number_gt                        ? 
_reflns.threshold_expression             ? 
_reflns.pdbx_redundancy                  5.8 
_reflns.pdbx_Rmerge_I_obs                0.056 
_reflns.pdbx_Rmerge_I_all                ? 
_reflns.pdbx_Rsym_value                  ? 
_reflns.pdbx_netI_over_av_sigmaI         ? 
_reflns.pdbx_netI_over_sigmaI            14.5 
_reflns.pdbx_res_netI_over_av_sigmaI_2   ? 
_reflns.pdbx_res_netI_over_sigmaI_2      ? 
_reflns.pdbx_chi_squared                 ? 
_reflns.pdbx_scaling_rejects             ? 
_reflns.pdbx_d_res_high_opt              ? 
_reflns.pdbx_d_res_low_opt               ? 
_reflns.pdbx_d_res_opt_method            ? 
_reflns.phase_calculation_details        ? 
_reflns.pdbx_Rrim_I_all                  0.062 
_reflns.pdbx_Rpim_I_all                  0.026 
_reflns.pdbx_d_opt                       ? 
_reflns.pdbx_number_measured_all         ? 
_reflns.pdbx_diffrn_id                   1 
_reflns.pdbx_ordinal                     1 
_reflns.pdbx_CC_half                     0.995 
_reflns.pdbx_R_split                     ? 
# 
_reflns_shell.d_res_high                  2.191 
_reflns_shell.d_res_low                   2.270 
_reflns_shell.meanI_over_sigI_all         ? 
_reflns_shell.meanI_over_sigI_obs         4.1 
_reflns_shell.number_measured_all         ? 
_reflns_shell.number_measured_obs         ? 
_reflns_shell.number_possible             ? 
_reflns_shell.number_unique_all           ? 
_reflns_shell.number_unique_obs           614 
_reflns_shell.percent_possible_all        87.3 
_reflns_shell.percent_possible_obs        ? 
_reflns_shell.Rmerge_F_all                ? 
_reflns_shell.Rmerge_F_obs                ? 
_reflns_shell.Rmerge_I_all                ? 
_reflns_shell.Rmerge_I_obs                0.381 
_reflns_shell.meanI_over_sigI_gt          ? 
_reflns_shell.meanI_over_uI_all           ? 
_reflns_shell.meanI_over_uI_gt            ? 
_reflns_shell.number_measured_gt          ? 
_reflns_shell.number_unique_gt            ? 
_reflns_shell.percent_possible_gt         ? 
_reflns_shell.Rmerge_F_gt                 ? 
_reflns_shell.Rmerge_I_gt                 ? 
_reflns_shell.pdbx_redundancy             5.3 
_reflns_shell.pdbx_Rsym_value             ? 
_reflns_shell.pdbx_chi_squared            ? 
_reflns_shell.pdbx_netI_over_sigmaI_all   ? 
_reflns_shell.pdbx_netI_over_sigmaI_obs   ? 
_reflns_shell.pdbx_Rrim_I_all             0.420 
_reflns_shell.pdbx_Rpim_I_all             0.174 
_reflns_shell.pdbx_rejects                ? 
_reflns_shell.pdbx_ordinal                1 
_reflns_shell.pdbx_diffrn_id              1 
_reflns_shell.pdbx_CC_half                0.946 
_reflns_shell.pdbx_R_split                ? 
# 
_refine.aniso_B[1][1]                            ? 
_refine.aniso_B[1][2]                            ? 
_refine.aniso_B[1][3]                            ? 
_refine.aniso_B[2][2]                            ? 
_refine.aniso_B[2][3]                            ? 
_refine.aniso_B[3][3]                            ? 
_refine.B_iso_max                                ? 
_refine.B_iso_mean                               32.2 
_refine.B_iso_min                                ? 
_refine.correlation_coeff_Fo_to_Fc               ? 
_refine.correlation_coeff_Fo_to_Fc_free          ? 
_refine.details                                  ? 
_refine.diff_density_max                         ? 
_refine.diff_density_max_esd                     ? 
_refine.diff_density_min                         ? 
_refine.diff_density_min_esd                     ? 
_refine.diff_density_rms                         ? 
_refine.diff_density_rms_esd                     ? 
_refine.entry_id                                 6EWY 
_refine.pdbx_refine_id                           'X-RAY DIFFRACTION' 
_refine.ls_abs_structure_details                 ? 
_refine.ls_abs_structure_Flack                   ? 
_refine.ls_abs_structure_Flack_esd               ? 
_refine.ls_abs_structure_Rogers                  ? 
_refine.ls_abs_structure_Rogers_esd              ? 
_refine.ls_d_res_high                            2.200 
_refine.ls_d_res_low                             34.987 
_refine.ls_extinction_coef                       ? 
_refine.ls_extinction_coef_esd                   ? 
_refine.ls_extinction_expression                 ? 
_refine.ls_extinction_method                     ? 
_refine.ls_goodness_of_fit_all                   ? 
_refine.ls_goodness_of_fit_all_esd               ? 
_refine.ls_goodness_of_fit_obs                   ? 
_refine.ls_goodness_of_fit_obs_esd               ? 
_refine.ls_hydrogen_treatment                    ? 
_refine.ls_matrix_type                           ? 
_refine.ls_number_constraints                    ? 
_refine.ls_number_parameters                     ? 
_refine.ls_number_reflns_all                     ? 
_refine.ls_number_reflns_obs                     12226 
_refine.ls_number_reflns_R_free                  627 
_refine.ls_number_reflns_R_work                  ? 
_refine.ls_number_restraints                     ? 
_refine.ls_percent_reflns_obs                    79.54 
_refine.ls_percent_reflns_R_free                 5.13 
_refine.ls_R_factor_all                          ? 
_refine.ls_R_factor_obs                          0.2303 
_refine.ls_R_factor_R_free                       0.2667 
_refine.ls_R_factor_R_free_error                 ? 
_refine.ls_R_factor_R_free_error_details         ? 
_refine.ls_R_factor_R_work                       0.2283 
_refine.ls_R_Fsqd_factor_obs                     ? 
_refine.ls_R_I_factor_obs                        ? 
_refine.ls_redundancy_reflns_all                 ? 
_refine.ls_redundancy_reflns_obs                 ? 
_refine.ls_restrained_S_all                      ? 
_refine.ls_restrained_S_obs                      ? 
_refine.ls_shift_over_esd_max                    ? 
_refine.ls_shift_over_esd_mean                   ? 
_refine.ls_structure_factor_coef                 ? 
_refine.ls_weighting_details                     ? 
_refine.ls_weighting_scheme                      ? 
_refine.ls_wR_factor_all                         ? 
_refine.ls_wR_factor_obs                         ? 
_refine.ls_wR_factor_R_free                      ? 
_refine.ls_wR_factor_R_work                      ? 
_refine.occupancy_max                            ? 
_refine.occupancy_min                            ? 
_refine.solvent_model_details                    ? 
_refine.solvent_model_param_bsol                 ? 
_refine.solvent_model_param_ksol                 ? 
_refine.ls_R_factor_gt                           ? 
_refine.ls_goodness_of_fit_gt                    ? 
_refine.ls_goodness_of_fit_ref                   ? 
_refine.ls_shift_over_su_max                     ? 
_refine.ls_shift_over_su_max_lt                  ? 
_refine.ls_shift_over_su_mean                    ? 
_refine.ls_shift_over_su_mean_lt                 ? 
_refine.pdbx_ls_sigma_I                          ? 
_refine.pdbx_ls_sigma_F                          1.38 
_refine.pdbx_ls_sigma_Fsqd                       ? 
_refine.pdbx_data_cutoff_high_absF               ? 
_refine.pdbx_data_cutoff_high_rms_absF           ? 
_refine.pdbx_data_cutoff_low_absF                ? 
_refine.pdbx_isotropic_thermal_model             ? 
_refine.pdbx_ls_cross_valid_method               'FREE R-VALUE' 
_refine.pdbx_method_to_determine_struct          SAD 
_refine.pdbx_starting_model                      ? 
_refine.pdbx_stereochemistry_target_values       ? 
_refine.pdbx_R_Free_selection_details            ? 
_refine.pdbx_stereochem_target_val_spec_case     ? 
_refine.pdbx_overall_ESU_R                       ? 
_refine.pdbx_overall_ESU_R_Free                  ? 
_refine.pdbx_solvent_vdw_probe_radii             1.11 
_refine.pdbx_solvent_ion_probe_radii             ? 
_refine.pdbx_solvent_shrinkage_radii             0.90 
_refine.pdbx_real_space_R                        ? 
_refine.pdbx_density_correlation                 ? 
_refine.pdbx_pd_number_of_powder_patterns        ? 
_refine.pdbx_pd_number_of_points                 ? 
_refine.pdbx_pd_meas_number_of_points            ? 
_refine.pdbx_pd_proc_ls_prof_R_factor            ? 
_refine.pdbx_pd_proc_ls_prof_wR_factor           ? 
_refine.pdbx_pd_Marquardt_correlation_coeff      ? 
_refine.pdbx_pd_Fsqrd_R_factor                   ? 
_refine.pdbx_pd_ls_matrix_band_width             ? 
_refine.pdbx_overall_phase_error                 28.51 
_refine.pdbx_overall_SU_R_free_Cruickshank_DPI   ? 
_refine.pdbx_overall_SU_R_free_Blow_DPI          ? 
_refine.pdbx_overall_SU_R_Blow_DPI               ? 
_refine.pdbx_TLS_residual_ADP_flag               ? 
_refine.pdbx_diffrn_id                           1 
_refine.overall_SU_B                             ? 
_refine.overall_SU_ML                            0.26 
_refine.overall_SU_R_Cruickshank_DPI             ? 
_refine.overall_SU_R_free                        ? 
_refine.overall_FOM_free_R_set                   ? 
_refine.overall_FOM_work_R_set                   ? 
_refine.pdbx_average_fsc_overall                 ? 
_refine.pdbx_average_fsc_work                    ? 
_refine.pdbx_average_fsc_free                    ? 
# 
_refine_hist.pdbx_refine_id                   'X-RAY DIFFRACTION' 
_refine_hist.cycle_id                         LAST 
_refine_hist.pdbx_number_atoms_protein        1498 
_refine_hist.pdbx_number_atoms_nucleic_acid   0 
_refine_hist.pdbx_number_atoms_ligand         0 
_refine_hist.number_atoms_solvent             98 
_refine_hist.number_atoms_total               1596 
_refine_hist.d_res_high                       2.200 
_refine_hist.d_res_low                        34.987 
# 
loop_
_refine_ls_restr.pdbx_refine_id 
_refine_ls_restr.criterion 
_refine_ls_restr.dev_ideal 
_refine_ls_restr.dev_ideal_target 
_refine_ls_restr.number 
_refine_ls_restr.rejects 
_refine_ls_restr.type 
_refine_ls_restr.weight 
_refine_ls_restr.pdbx_restraint_function 
'X-RAY DIFFRACTION' ? 0.008  ? 1508 ? f_bond_d           ? ? 
'X-RAY DIFFRACTION' ? 0.913  ? 2043 ? f_angle_d          ? ? 
'X-RAY DIFFRACTION' ? 15.139 ? 556  ? f_dihedral_angle_d ? ? 
'X-RAY DIFFRACTION' ? 0.032  ? 243  ? f_chiral_restr     ? ? 
'X-RAY DIFFRACTION' ? 0.004  ? 278  ? f_plane_restr      ? ? 
# 
loop_
_refine_ls_shell.pdbx_refine_id 
_refine_ls_shell.d_res_high 
_refine_ls_shell.d_res_low 
_refine_ls_shell.number_reflns_all 
_refine_ls_shell.number_reflns_obs 
_refine_ls_shell.number_reflns_R_free 
_refine_ls_shell.number_reflns_R_work 
_refine_ls_shell.percent_reflns_obs 
_refine_ls_shell.percent_reflns_R_free 
_refine_ls_shell.R_factor_all 
_refine_ls_shell.R_factor_obs 
_refine_ls_shell.R_factor_R_free 
_refine_ls_shell.R_factor_R_free_error 
_refine_ls_shell.R_factor_R_work 
_refine_ls_shell.redundancy_reflns_all 
_refine_ls_shell.redundancy_reflns_obs 
_refine_ls_shell.wR_factor_all 
_refine_ls_shell.wR_factor_obs 
_refine_ls_shell.wR_factor_R_free 
_refine_ls_shell.wR_factor_R_work 
_refine_ls_shell.pdbx_total_number_of_bins_used 
_refine_ls_shell.pdbx_phase_error 
_refine_ls_shell.pdbx_fsc_work 
_refine_ls_shell.pdbx_fsc_free 
'X-RAY DIFFRACTION' 2.2001 2.4214 . . 89  1641 46.00 . . . 0.3139 . 0.25   . . . . . . . . . . 
'X-RAY DIFFRACTION' 2.4214 2.7717 . . 141 2715 75.00 . . . 0.3089 . 0.2555 . . . . . . . . . . 
# 
_struct.entry_id                     6EWY 
_struct.title                        'RipA Peptidoglycan hydrolase (Rv1477, Mycobacterium tuberculosis) N-terminal domain' 
_struct.pdbx_model_details           ? 
_struct.pdbx_formula_weight          ? 
_struct.pdbx_formula_weight_method   ? 
_struct.pdbx_model_type_details      ? 
_struct.pdbx_CASP_flag               N 
# 
_struct_keywords.entry_id        6EWY 
_struct_keywords.text            'Periplasmic protein, STRUCTURAL PROTEIN' 
_struct_keywords.pdbx_keywords   'STRUCTURAL PROTEIN' 
# 
loop_
_struct_asym.id 
_struct_asym.pdbx_blank_PDB_chainid_flag 
_struct_asym.pdbx_modified 
_struct_asym.entity_id 
_struct_asym.details 
A N N 1 ? 
B N N 2 ? 
# 
_struct_ref.id                         1 
_struct_ref.db_name                    UNP 
_struct_ref.db_code                    RIPA_MYCTU 
_struct_ref.pdbx_db_accession          O53168 
_struct_ref.pdbx_db_isoform            ? 
_struct_ref.entity_id                  1 
_struct_ref.pdbx_seq_one_letter_code   
;ADPQTDTIAALIADVAKANQRLQDLSDEVQAEQESVNKAMVDVETARDNAAAAEDDLEVSQRAVKDANAAIAAAQHRFDT
FAAATYMNGPSVSYLSASSPDEIIATVTAAKTLSASSQAVMANLQRARTERVNTESAARLAKQKADKAAADAKASQDAAV
AALTETRRKFDEQREEVQRLAAERDAAQARLQAARLVAWSSEGGQGAPPFRMWDPGS
;
_struct_ref.pdbx_align_begin           39 
# 
_struct_ref_seq.align_id                      1 
_struct_ref_seq.ref_id                        1 
_struct_ref_seq.pdbx_PDB_id_code              6EWY 
_struct_ref_seq.pdbx_strand_id                A 
_struct_ref_seq.seq_align_beg                 3 
_struct_ref_seq.pdbx_seq_align_beg_ins_code   ? 
_struct_ref_seq.seq_align_end                 219 
_struct_ref_seq.pdbx_seq_align_end_ins_code   ? 
_struct_ref_seq.pdbx_db_accession             O53168 
_struct_ref_seq.db_align_beg                  39 
_struct_ref_seq.pdbx_db_align_beg_ins_code    ? 
_struct_ref_seq.db_align_end                  255 
_struct_ref_seq.pdbx_db_align_end_ins_code    ? 
_struct_ref_seq.pdbx_auth_seq_align_beg       39 
_struct_ref_seq.pdbx_auth_seq_align_end       255 
# 
loop_
_struct_ref_seq_dif.align_id 
_struct_ref_seq_dif.pdbx_pdb_id_code 
_struct_ref_seq_dif.mon_id 
_struct_ref_seq_dif.pdbx_pdb_strand_id 
_struct_ref_seq_dif.seq_num 
_struct_ref_seq_dif.pdbx_pdb_ins_code 
_struct_ref_seq_dif.pdbx_seq_db_name 
_struct_ref_seq_dif.pdbx_seq_db_accession_code 
_struct_ref_seq_dif.db_mon_id 
_struct_ref_seq_dif.pdbx_seq_db_seq_num 
_struct_ref_seq_dif.details 
_struct_ref_seq_dif.pdbx_auth_seq_num 
_struct_ref_seq_dif.pdbx_ordinal 
1 6EWY SER A 1 ? UNP O53168 ? ? 'expression tag' 37 1 
1 6EWY MET A 2 ? UNP O53168 ? ? 'expression tag' 38 2 
# 
_pdbx_struct_assembly.id                   1 
_pdbx_struct_assembly.details              author_and_software_defined_assembly 
_pdbx_struct_assembly.method_details       PISA 
_pdbx_struct_assembly.oligomeric_details   monomeric 
_pdbx_struct_assembly.oligomeric_count     1 
# 
loop_
_pdbx_struct_assembly_prop.biol_id 
_pdbx_struct_assembly_prop.type 
_pdbx_struct_assembly_prop.value 
_pdbx_struct_assembly_prop.details 
1 'ABSA (A^2)' 0     ? 
1 MORE         0     ? 
1 'SSA (A^2)'  13950 ? 
# 
_pdbx_struct_assembly_gen.assembly_id       1 
_pdbx_struct_assembly_gen.oper_expression   1 
_pdbx_struct_assembly_gen.asym_id_list      A,B 
# 
loop_
_pdbx_struct_assembly_auth_evidence.id 
_pdbx_struct_assembly_auth_evidence.assembly_id 
_pdbx_struct_assembly_auth_evidence.experimental_support 
_pdbx_struct_assembly_auth_evidence.details 
1 1 'gel filtration' 'approximately a dimer size derived'                 
2 1 SAXS             'Monomer at pH 5, dimer at higher pH values, pH 6-8' 
# 
_pdbx_struct_oper_list.id                   1 
_pdbx_struct_oper_list.type                 'identity operation' 
_pdbx_struct_oper_list.name                 1_555 
_pdbx_struct_oper_list.symmetry_operation   x,y,z 
_pdbx_struct_oper_list.matrix[1][1]         1.0000000000 
_pdbx_struct_oper_list.matrix[1][2]         0.0000000000 
_pdbx_struct_oper_list.matrix[1][3]         0.0000000000 
_pdbx_struct_oper_list.vector[1]            0.0000000000 
_pdbx_struct_oper_list.matrix[2][1]         0.0000000000 
_pdbx_struct_oper_list.matrix[2][2]         1.0000000000 
_pdbx_struct_oper_list.matrix[2][3]         0.0000000000 
_pdbx_struct_oper_list.vector[2]            0.0000000000 
_pdbx_struct_oper_list.matrix[3][1]         0.0000000000 
_pdbx_struct_oper_list.matrix[3][2]         0.0000000000 
_pdbx_struct_oper_list.matrix[3][3]         1.0000000000 
_pdbx_struct_oper_list.vector[3]            0.0000000000 
# 
loop_
_struct_conf.conf_type_id 
_struct_conf.id 
_struct_conf.pdbx_PDB_helix_id 
_struct_conf.beg_label_comp_id 
_struct_conf.beg_label_asym_id 
_struct_conf.beg_label_seq_id 
_struct_conf.pdbx_beg_PDB_ins_code 
_struct_conf.end_label_comp_id 
_struct_conf.end_label_asym_id 
_struct_conf.end_label_seq_id 
_struct_conf.pdbx_end_PDB_ins_code 
_struct_conf.beg_auth_comp_id 
_struct_conf.beg_auth_asym_id 
_struct_conf.beg_auth_seq_id 
_struct_conf.end_auth_comp_id 
_struct_conf.end_auth_asym_id 
_struct_conf.end_auth_seq_id 
_struct_conf.pdbx_PDB_helix_class 
_struct_conf.details 
_struct_conf.pdbx_PDB_helix_length 
HELX_P HELX_P1 AA1 ASP A 8   ? ASN A 90  ? ASP A 44  ASN A 126 1 ? 83  
HELX_P HELX_P2 AA2 SER A 101 ? SER A 202 ? SER A 137 SER A 238 1 ? 102 
# 
_struct_conf_type.id          HELX_P 
_struct_conf_type.criteria    ? 
_struct_conf_type.reference   ? 
# 
loop_
_pdbx_validate_close_contact.id 
_pdbx_validate_close_contact.PDB_model_num 
_pdbx_validate_close_contact.auth_atom_id_1 
_pdbx_validate_close_contact.auth_asym_id_1 
_pdbx_validate_close_contact.auth_comp_id_1 
_pdbx_validate_close_contact.auth_seq_id_1 
_pdbx_validate_close_contact.PDB_ins_code_1 
_pdbx_validate_close_contact.label_alt_id_1 
_pdbx_validate_close_contact.auth_atom_id_2 
_pdbx_validate_close_contact.auth_asym_id_2 
_pdbx_validate_close_contact.auth_comp_id_2 
_pdbx_validate_close_contact.auth_seq_id_2 
_pdbx_validate_close_contact.PDB_ins_code_2 
_pdbx_validate_close_contact.label_alt_id_2 
_pdbx_validate_close_contact.dist 
1 1 OD2 A ASP 117 ? ? O A HOH 301 ? ? 2.00 
2 1 NZ  A LYS 180 ? ? O A HOH 302 ? ? 2.04 
3 1 O   A HOH 313 ? ? O A HOH 370 ? ? 2.07 
# 
loop_
_pdbx_validate_torsion.id 
_pdbx_validate_torsion.PDB_model_num 
_pdbx_validate_torsion.auth_comp_id 
_pdbx_validate_torsion.auth_asym_id 
_pdbx_validate_torsion.auth_seq_id 
_pdbx_validate_torsion.PDB_ins_code 
_pdbx_validate_torsion.label_alt_id 
_pdbx_validate_torsion.phi 
_pdbx_validate_torsion.psi 
1 1 THR A 43  ? ? -59.18  -4.07  
2 1 VAL A 130 ? ? -129.34 -87.83 
# 
loop_
_pdbx_unobs_or_zero_occ_residues.id 
_pdbx_unobs_or_zero_occ_residues.PDB_model_num 
_pdbx_unobs_or_zero_occ_residues.polymer_flag 
_pdbx_unobs_or_zero_occ_residues.occupancy_flag 
_pdbx_unobs_or_zero_occ_residues.auth_asym_id 
_pdbx_unobs_or_zero_occ_residues.auth_comp_id 
_pdbx_unobs_or_zero_occ_residues.auth_seq_id 
_pdbx_unobs_or_zero_occ_residues.PDB_ins_code 
_pdbx_unobs_or_zero_occ_residues.label_asym_id 
_pdbx_unobs_or_zero_occ_residues.label_comp_id 
_pdbx_unobs_or_zero_occ_residues.label_seq_id 
1  1 Y 1 A SER 37  ? A SER 1   
2  1 Y 1 A MET 38  ? A MET 2   
3  1 Y 1 A ALA 39  ? A ALA 3   
4  1 Y 1 A GLY 241 ? A GLY 205 
5  1 Y 1 A GLY 242 ? A GLY 206 
6  1 Y 1 A GLN 243 ? A GLN 207 
7  1 Y 1 A GLY 244 ? A GLY 208 
8  1 Y 1 A ALA 245 ? A ALA 209 
9  1 Y 1 A PRO 246 ? A PRO 210 
10 1 Y 1 A PRO 247 ? A PRO 211 
11 1 Y 1 A PHE 248 ? A PHE 212 
12 1 Y 1 A ARG 249 ? A ARG 213 
13 1 Y 1 A MET 250 ? A MET 214 
14 1 Y 1 A TRP 251 ? A TRP 215 
15 1 Y 1 A ASP 252 ? A ASP 216 
16 1 Y 1 A PRO 253 ? A PRO 217 
17 1 Y 1 A GLY 254 ? A GLY 218 
18 1 Y 1 A SER 255 ? A SER 219 
# 
loop_
_chem_comp_atom.comp_id 
_chem_comp_atom.atom_id 
_chem_comp_atom.type_symbol 
_chem_comp_atom.pdbx_aromatic_flag 
_chem_comp_atom.pdbx_stereo_config 
_chem_comp_atom.pdbx_ordinal 
ALA N    N N N 1   
ALA CA   C N S 2   
ALA C    C N N 3   
ALA O    O N N 4   
ALA CB   C N N 5   
ALA OXT  O N N 6   
ALA H    H N N 7   
ALA H2   H N N 8   
ALA HA   H N N 9   
ALA HB1  H N N 10  
ALA HB2  H N N 11  
ALA HB3  H N N 12  
ALA HXT  H N N 13  
ARG N    N N N 14  
ARG CA   C N S 15  
ARG C    C N N 16  
ARG O    O N N 17  
ARG CB   C N N 18  
ARG CG   C N N 19  
ARG CD   C N N 20  
ARG NE   N N N 21  
ARG CZ   C N N 22  
ARG NH1  N N N 23  
ARG NH2  N N N 24  
ARG OXT  O N N 25  
ARG H    H N N 26  
ARG H2   H N N 27  
ARG HA   H N N 28  
ARG HB2  H N N 29  
ARG HB3  H N N 30  
ARG HG2  H N N 31  
ARG HG3  H N N 32  
ARG HD2  H N N 33  
ARG HD3  H N N 34  
ARG HE   H N N 35  
ARG HH11 H N N 36  
ARG HH12 H N N 37  
ARG HH21 H N N 38  
ARG HH22 H N N 39  
ARG HXT  H N N 40  
ASN N    N N N 41  
ASN CA   C N S 42  
ASN C    C N N 43  
ASN O    O N N 44  
ASN CB   C N N 45  
ASN CG   C N N 46  
ASN OD1  O N N 47  
ASN ND2  N N N 48  
ASN OXT  O N N 49  
ASN H    H N N 50  
ASN H2   H N N 51  
ASN HA   H N N 52  
ASN HB2  H N N 53  
ASN HB3  H N N 54  
ASN HD21 H N N 55  
ASN HD22 H N N 56  
ASN HXT  H N N 57  
ASP N    N N N 58  
ASP CA   C N S 59  
ASP C    C N N 60  
ASP O    O N N 61  
ASP CB   C N N 62  
ASP CG   C N N 63  
ASP OD1  O N N 64  
ASP OD2  O N N 65  
ASP OXT  O N N 66  
ASP H    H N N 67  
ASP H2   H N N 68  
ASP HA   H N N 69  
ASP HB2  H N N 70  
ASP HB3  H N N 71  
ASP HD2  H N N 72  
ASP HXT  H N N 73  
GLN N    N N N 74  
GLN CA   C N S 75  
GLN C    C N N 76  
GLN O    O N N 77  
GLN CB   C N N 78  
GLN CG   C N N 79  
GLN CD   C N N 80  
GLN OE1  O N N 81  
GLN NE2  N N N 82  
GLN OXT  O N N 83  
GLN H    H N N 84  
GLN H2   H N N 85  
GLN HA   H N N 86  
GLN HB2  H N N 87  
GLN HB3  H N N 88  
GLN HG2  H N N 89  
GLN HG3  H N N 90  
GLN HE21 H N N 91  
GLN HE22 H N N 92  
GLN HXT  H N N 93  
GLU N    N N N 94  
GLU CA   C N S 95  
GLU C    C N N 96  
GLU O    O N N 97  
GLU CB   C N N 98  
GLU CG   C N N 99  
GLU CD   C N N 100 
GLU OE1  O N N 101 
GLU OE2  O N N 102 
GLU OXT  O N N 103 
GLU H    H N N 104 
GLU H2   H N N 105 
GLU HA   H N N 106 
GLU HB2  H N N 107 
GLU HB3  H N N 108 
GLU HG2  H N N 109 
GLU HG3  H N N 110 
GLU HE2  H N N 111 
GLU HXT  H N N 112 
GLY N    N N N 113 
GLY CA   C N N 114 
GLY C    C N N 115 
GLY O    O N N 116 
GLY OXT  O N N 117 
GLY H    H N N 118 
GLY H2   H N N 119 
GLY HA2  H N N 120 
GLY HA3  H N N 121 
GLY HXT  H N N 122 
HIS N    N N N 123 
HIS CA   C N S 124 
HIS C    C N N 125 
HIS O    O N N 126 
HIS CB   C N N 127 
HIS CG   C Y N 128 
HIS ND1  N Y N 129 
HIS CD2  C Y N 130 
HIS CE1  C Y N 131 
HIS NE2  N Y N 132 
HIS OXT  O N N 133 
HIS H    H N N 134 
HIS H2   H N N 135 
HIS HA   H N N 136 
HIS HB2  H N N 137 
HIS HB3  H N N 138 
HIS HD1  H N N 139 
HIS HD2  H N N 140 
HIS HE1  H N N 141 
HIS HE2  H N N 142 
HIS HXT  H N N 143 
HOH O    O N N 144 
HOH H1   H N N 145 
HOH H2   H N N 146 
ILE N    N N N 147 
ILE CA   C N S 148 
ILE C    C N N 149 
ILE O    O N N 150 
ILE CB   C N S 151 
ILE CG1  C N N 152 
ILE CG2  C N N 153 
ILE CD1  C N N 154 
ILE OXT  O N N 155 
ILE H    H N N 156 
ILE H2   H N N 157 
ILE HA   H N N 158 
ILE HB   H N N 159 
ILE HG12 H N N 160 
ILE HG13 H N N 161 
ILE HG21 H N N 162 
ILE HG22 H N N 163 
ILE HG23 H N N 164 
ILE HD11 H N N 165 
ILE HD12 H N N 166 
ILE HD13 H N N 167 
ILE HXT  H N N 168 
LEU N    N N N 169 
LEU CA   C N S 170 
LEU C    C N N 171 
LEU O    O N N 172 
LEU CB   C N N 173 
LEU CG   C N N 174 
LEU CD1  C N N 175 
LEU CD2  C N N 176 
LEU OXT  O N N 177 
LEU H    H N N 178 
LEU H2   H N N 179 
LEU HA   H N N 180 
LEU HB2  H N N 181 
LEU HB3  H N N 182 
LEU HG   H N N 183 
LEU HD11 H N N 184 
LEU HD12 H N N 185 
LEU HD13 H N N 186 
LEU HD21 H N N 187 
LEU HD22 H N N 188 
LEU HD23 H N N 189 
LEU HXT  H N N 190 
LYS N    N N N 191 
LYS CA   C N S 192 
LYS C    C N N 193 
LYS O    O N N 194 
LYS CB   C N N 195 
LYS CG   C N N 196 
LYS CD   C N N 197 
LYS CE   C N N 198 
LYS NZ   N N N 199 
LYS OXT  O N N 200 
LYS H    H N N 201 
LYS H2   H N N 202 
LYS HA   H N N 203 
LYS HB2  H N N 204 
LYS HB3  H N N 205 
LYS HG2  H N N 206 
LYS HG3  H N N 207 
LYS HD2  H N N 208 
LYS HD3  H N N 209 
LYS HE2  H N N 210 
LYS HE3  H N N 211 
LYS HZ1  H N N 212 
LYS HZ2  H N N 213 
LYS HZ3  H N N 214 
LYS HXT  H N N 215 
MET N    N N N 216 
MET CA   C N S 217 
MET C    C N N 218 
MET O    O N N 219 
MET CB   C N N 220 
MET CG   C N N 221 
MET SD   S N N 222 
MET CE   C N N 223 
MET OXT  O N N 224 
MET H    H N N 225 
MET H2   H N N 226 
MET HA   H N N 227 
MET HB2  H N N 228 
MET HB3  H N N 229 
MET HG2  H N N 230 
MET HG3  H N N 231 
MET HE1  H N N 232 
MET HE2  H N N 233 
MET HE3  H N N 234 
MET HXT  H N N 235 
PHE N    N N N 236 
PHE CA   C N S 237 
PHE C    C N N 238 
PHE O    O N N 239 
PHE CB   C N N 240 
PHE CG   C Y N 241 
PHE CD1  C Y N 242 
PHE CD2  C Y N 243 
PHE CE1  C Y N 244 
PHE CE2  C Y N 245 
PHE CZ   C Y N 246 
PHE OXT  O N N 247 
PHE H    H N N 248 
PHE H2   H N N 249 
PHE HA   H N N 250 
PHE HB2  H N N 251 
PHE HB3  H N N 252 
PHE HD1  H N N 253 
PHE HD2  H N N 254 
PHE HE1  H N N 255 
PHE HE2  H N N 256 
PHE HZ   H N N 257 
PHE HXT  H N N 258 
PRO N    N N N 259 
PRO CA   C N S 260 
PRO C    C N N 261 
PRO O    O N N 262 
PRO CB   C N N 263 
PRO CG   C N N 264 
PRO CD   C N N 265 
PRO OXT  O N N 266 
PRO H    H N N 267 
PRO HA   H N N 268 
PRO HB2  H N N 269 
PRO HB3  H N N 270 
PRO HG2  H N N 271 
PRO HG3  H N N 272 
PRO HD2  H N N 273 
PRO HD3  H N N 274 
PRO HXT  H N N 275 
SER N    N N N 276 
SER CA   C N S 277 
SER C    C N N 278 
SER O    O N N 279 
SER CB   C N N 280 
SER OG   O N N 281 
SER OXT  O N N 282 
SER H    H N N 283 
SER H2   H N N 284 
SER HA   H N N 285 
SER HB2  H N N 286 
SER HB3  H N N 287 
SER HG   H N N 288 
SER HXT  H N N 289 
THR N    N N N 290 
THR CA   C N S 291 
THR C    C N N 292 
THR O    O N N 293 
THR CB   C N R 294 
THR OG1  O N N 295 
THR CG2  C N N 296 
THR OXT  O N N 297 
THR H    H N N 298 
THR H2   H N N 299 
THR HA   H N N 300 
THR HB   H N N 301 
THR HG1  H N N 302 
THR HG21 H N N 303 
THR HG22 H N N 304 
THR HG23 H N N 305 
THR HXT  H N N 306 
TRP N    N N N 307 
TRP CA   C N S 308 
TRP C    C N N 309 
TRP O    O N N 310 
TRP CB   C N N 311 
TRP CG   C Y N 312 
TRP CD1  C Y N 313 
TRP CD2  C Y N 314 
TRP NE1  N Y N 315 
TRP CE2  C Y N 316 
TRP CE3  C Y N 317 
TRP CZ2  C Y N 318 
TRP CZ3  C Y N 319 
TRP CH2  C Y N 320 
TRP OXT  O N N 321 
TRP H    H N N 322 
TRP H2   H N N 323 
TRP HA   H N N 324 
TRP HB2  H N N 325 
TRP HB3  H N N 326 
TRP HD1  H N N 327 
TRP HE1  H N N 328 
TRP HE3  H N N 329 
TRP HZ2  H N N 330 
TRP HZ3  H N N 331 
TRP HH2  H N N 332 
TRP HXT  H N N 333 
TYR N    N N N 334 
TYR CA   C N S 335 
TYR C    C N N 336 
TYR O    O N N 337 
TYR CB   C N N 338 
TYR CG   C Y N 339 
TYR CD1  C Y N 340 
TYR CD2  C Y N 341 
TYR CE1  C Y N 342 
TYR CE2  C Y N 343 
TYR CZ   C Y N 344 
TYR OH   O N N 345 
TYR OXT  O N N 346 
TYR H    H N N 347 
TYR H2   H N N 348 
TYR HA   H N N 349 
TYR HB2  H N N 350 
TYR HB3  H N N 351 
TYR HD1  H N N 352 
TYR HD2  H N N 353 
TYR HE1  H N N 354 
TYR HE2  H N N 355 
TYR HH   H N N 356 
TYR HXT  H N N 357 
VAL N    N N N 358 
VAL CA   C N S 359 
VAL C    C N N 360 
VAL O    O N N 361 
VAL CB   C N N 362 
VAL CG1  C N N 363 
VAL CG2  C N N 364 
VAL OXT  O N N 365 
VAL H    H N N 366 
VAL H2   H N N 367 
VAL HA   H N N 368 
VAL HB   H N N 369 
VAL HG11 H N N 370 
VAL HG12 H N N 371 
VAL HG13 H N N 372 
VAL HG21 H N N 373 
VAL HG22 H N N 374 
VAL HG23 H N N 375 
VAL HXT  H N N 376 
# 
loop_
_chem_comp_bond.comp_id 
_chem_comp_bond.atom_id_1 
_chem_comp_bond.atom_id_2 
_chem_comp_bond.value_order 
_chem_comp_bond.pdbx_aromatic_flag 
_chem_comp_bond.pdbx_stereo_config 
_chem_comp_bond.pdbx_ordinal 
ALA N   CA   sing N N 1   
ALA N   H    sing N N 2   
ALA N   H2   sing N N 3   
ALA CA  C    sing N N 4   
ALA CA  CB   sing N N 5   
ALA CA  HA   sing N N 6   
ALA C   O    doub N N 7   
ALA C   OXT  sing N N 8   
ALA CB  HB1  sing N N 9   
ALA CB  HB2  sing N N 10  
ALA CB  HB3  sing N N 11  
ALA OXT HXT  sing N N 12  
ARG N   CA   sing N N 13  
ARG N   H    sing N N 14  
ARG N   H2   sing N N 15  
ARG CA  C    sing N N 16  
ARG CA  CB   sing N N 17  
ARG CA  HA   sing N N 18  
ARG C   O    doub N N 19  
ARG C   OXT  sing N N 20  
ARG CB  CG   sing N N 21  
ARG CB  HB2  sing N N 22  
ARG CB  HB3  sing N N 23  
ARG CG  CD   sing N N 24  
ARG CG  HG2  sing N N 25  
ARG CG  HG3  sing N N 26  
ARG CD  NE   sing N N 27  
ARG CD  HD2  sing N N 28  
ARG CD  HD3  sing N N 29  
ARG NE  CZ   sing N N 30  
ARG NE  HE   sing N N 31  
ARG CZ  NH1  sing N N 32  
ARG CZ  NH2  doub N N 33  
ARG NH1 HH11 sing N N 34  
ARG NH1 HH12 sing N N 35  
ARG NH2 HH21 sing N N 36  
ARG NH2 HH22 sing N N 37  
ARG OXT HXT  sing N N 38  
ASN N   CA   sing N N 39  
ASN N   H    sing N N 40  
ASN N   H2   sing N N 41  
ASN CA  C    sing N N 42  
ASN CA  CB   sing N N 43  
ASN CA  HA   sing N N 44  
ASN C   O    doub N N 45  
ASN C   OXT  sing N N 46  
ASN CB  CG   sing N N 47  
ASN CB  HB2  sing N N 48  
ASN CB  HB3  sing N N 49  
ASN CG  OD1  doub N N 50  
ASN CG  ND2  sing N N 51  
ASN ND2 HD21 sing N N 52  
ASN ND2 HD22 sing N N 53  
ASN OXT HXT  sing N N 54  
ASP N   CA   sing N N 55  
ASP N   H    sing N N 56  
ASP N   H2   sing N N 57  
ASP CA  C    sing N N 58  
ASP CA  CB   sing N N 59  
ASP CA  HA   sing N N 60  
ASP C   O    doub N N 61  
ASP C   OXT  sing N N 62  
ASP CB  CG   sing N N 63  
ASP CB  HB2  sing N N 64  
ASP CB  HB3  sing N N 65  
ASP CG  OD1  doub N N 66  
ASP CG  OD2  sing N N 67  
ASP OD2 HD2  sing N N 68  
ASP OXT HXT  sing N N 69  
GLN N   CA   sing N N 70  
GLN N   H    sing N N 71  
GLN N   H2   sing N N 72  
GLN CA  C    sing N N 73  
GLN CA  CB   sing N N 74  
GLN CA  HA   sing N N 75  
GLN C   O    doub N N 76  
GLN C   OXT  sing N N 77  
GLN CB  CG   sing N N 78  
GLN CB  HB2  sing N N 79  
GLN CB  HB3  sing N N 80  
GLN CG  CD   sing N N 81  
GLN CG  HG2  sing N N 82  
GLN CG  HG3  sing N N 83  
GLN CD  OE1  doub N N 84  
GLN CD  NE2  sing N N 85  
GLN NE2 HE21 sing N N 86  
GLN NE2 HE22 sing N N 87  
GLN OXT HXT  sing N N 88  
GLU N   CA   sing N N 89  
GLU N   H    sing N N 90  
GLU N   H2   sing N N 91  
GLU CA  C    sing N N 92  
GLU CA  CB   sing N N 93  
GLU CA  HA   sing N N 94  
GLU C   O    doub N N 95  
GLU C   OXT  sing N N 96  
GLU CB  CG   sing N N 97  
GLU CB  HB2  sing N N 98  
GLU CB  HB3  sing N N 99  
GLU CG  CD   sing N N 100 
GLU CG  HG2  sing N N 101 
GLU CG  HG3  sing N N 102 
GLU CD  OE1  doub N N 103 
GLU CD  OE2  sing N N 104 
GLU OE2 HE2  sing N N 105 
GLU OXT HXT  sing N N 106 
GLY N   CA   sing N N 107 
GLY N   H    sing N N 108 
GLY N   H2   sing N N 109 
GLY CA  C    sing N N 110 
GLY CA  HA2  sing N N 111 
GLY CA  HA3  sing N N 112 
GLY C   O    doub N N 113 
GLY C   OXT  sing N N 114 
GLY OXT HXT  sing N N 115 
HIS N   CA   sing N N 116 
HIS N   H    sing N N 117 
HIS N   H2   sing N N 118 
HIS CA  C    sing N N 119 
HIS CA  CB   sing N N 120 
HIS CA  HA   sing N N 121 
HIS C   O    doub N N 122 
HIS C   OXT  sing N N 123 
HIS CB  CG   sing N N 124 
HIS CB  HB2  sing N N 125 
HIS CB  HB3  sing N N 126 
HIS CG  ND1  sing Y N 127 
HIS CG  CD2  doub Y N 128 
HIS ND1 CE1  doub Y N 129 
HIS ND1 HD1  sing N N 130 
HIS CD2 NE2  sing Y N 131 
HIS CD2 HD2  sing N N 132 
HIS CE1 NE2  sing Y N 133 
HIS CE1 HE1  sing N N 134 
HIS NE2 HE2  sing N N 135 
HIS OXT HXT  sing N N 136 
HOH O   H1   sing N N 137 
HOH O   H2   sing N N 138 
ILE N   CA   sing N N 139 
ILE N   H    sing N N 140 
ILE N   H2   sing N N 141 
ILE CA  C    sing N N 142 
ILE CA  CB   sing N N 143 
ILE CA  HA   sing N N 144 
ILE C   O    doub N N 145 
ILE C   OXT  sing N N 146 
ILE CB  CG1  sing N N 147 
ILE CB  CG2  sing N N 148 
ILE CB  HB   sing N N 149 
ILE CG1 CD1  sing N N 150 
ILE CG1 HG12 sing N N 151 
ILE CG1 HG13 sing N N 152 
ILE CG2 HG21 sing N N 153 
ILE CG2 HG22 sing N N 154 
ILE CG2 HG23 sing N N 155 
ILE CD1 HD11 sing N N 156 
ILE CD1 HD12 sing N N 157 
ILE CD1 HD13 sing N N 158 
ILE OXT HXT  sing N N 159 
LEU N   CA   sing N N 160 
LEU N   H    sing N N 161 
LEU N   H2   sing N N 162 
LEU CA  C    sing N N 163 
LEU CA  CB   sing N N 164 
LEU CA  HA   sing N N 165 
LEU C   O    doub N N 166 
LEU C   OXT  sing N N 167 
LEU CB  CG   sing N N 168 
LEU CB  HB2  sing N N 169 
LEU CB  HB3  sing N N 170 
LEU CG  CD1  sing N N 171 
LEU CG  CD2  sing N N 172 
LEU CG  HG   sing N N 173 
LEU CD1 HD11 sing N N 174 
LEU CD1 HD12 sing N N 175 
LEU CD1 HD13 sing N N 176 
LEU CD2 HD21 sing N N 177 
LEU CD2 HD22 sing N N 178 
LEU CD2 HD23 sing N N 179 
LEU OXT HXT  sing N N 180 
LYS N   CA   sing N N 181 
LYS N   H    sing N N 182 
LYS N   H2   sing N N 183 
LYS CA  C    sing N N 184 
LYS CA  CB   sing N N 185 
LYS CA  HA   sing N N 186 
LYS C   O    doub N N 187 
LYS C   OXT  sing N N 188 
LYS CB  CG   sing N N 189 
LYS CB  HB2  sing N N 190 
LYS CB  HB3  sing N N 191 
LYS CG  CD   sing N N 192 
LYS CG  HG2  sing N N 193 
LYS CG  HG3  sing N N 194 
LYS CD  CE   sing N N 195 
LYS CD  HD2  sing N N 196 
LYS CD  HD3  sing N N 197 
LYS CE  NZ   sing N N 198 
LYS CE  HE2  sing N N 199 
LYS CE  HE3  sing N N 200 
LYS NZ  HZ1  sing N N 201 
LYS NZ  HZ2  sing N N 202 
LYS NZ  HZ3  sing N N 203 
LYS OXT HXT  sing N N 204 
MET N   CA   sing N N 205 
MET N   H    sing N N 206 
MET N   H2   sing N N 207 
MET CA  C    sing N N 208 
MET CA  CB   sing N N 209 
MET CA  HA   sing N N 210 
MET C   O    doub N N 211 
MET C   OXT  sing N N 212 
MET CB  CG   sing N N 213 
MET CB  HB2  sing N N 214 
MET CB  HB3  sing N N 215 
MET CG  SD   sing N N 216 
MET CG  HG2  sing N N 217 
MET CG  HG3  sing N N 218 
MET SD  CE   sing N N 219 
MET CE  HE1  sing N N 220 
MET CE  HE2  sing N N 221 
MET CE  HE3  sing N N 222 
MET OXT HXT  sing N N 223 
PHE N   CA   sing N N 224 
PHE N   H    sing N N 225 
PHE N   H2   sing N N 226 
PHE CA  C    sing N N 227 
PHE CA  CB   sing N N 228 
PHE CA  HA   sing N N 229 
PHE C   O    doub N N 230 
PHE C   OXT  sing N N 231 
PHE CB  CG   sing N N 232 
PHE CB  HB2  sing N N 233 
PHE CB  HB3  sing N N 234 
PHE CG  CD1  doub Y N 235 
PHE CG  CD2  sing Y N 236 
PHE CD1 CE1  sing Y N 237 
PHE CD1 HD1  sing N N 238 
PHE CD2 CE2  doub Y N 239 
PHE CD2 HD2  sing N N 240 
PHE CE1 CZ   doub Y N 241 
PHE CE1 HE1  sing N N 242 
PHE CE2 CZ   sing Y N 243 
PHE CE2 HE2  sing N N 244 
PHE CZ  HZ   sing N N 245 
PHE OXT HXT  sing N N 246 
PRO N   CA   sing N N 247 
PRO N   CD   sing N N 248 
PRO N   H    sing N N 249 
PRO CA  C    sing N N 250 
PRO CA  CB   sing N N 251 
PRO CA  HA   sing N N 252 
PRO C   O    doub N N 253 
PRO C   OXT  sing N N 254 
PRO CB  CG   sing N N 255 
PRO CB  HB2  sing N N 256 
PRO CB  HB3  sing N N 257 
PRO CG  CD   sing N N 258 
PRO CG  HG2  sing N N 259 
PRO CG  HG3  sing N N 260 
PRO CD  HD2  sing N N 261 
PRO CD  HD3  sing N N 262 
PRO OXT HXT  sing N N 263 
SER N   CA   sing N N 264 
SER N   H    sing N N 265 
SER N   H2   sing N N 266 
SER CA  C    sing N N 267 
SER CA  CB   sing N N 268 
SER CA  HA   sing N N 269 
SER C   O    doub N N 270 
SER C   OXT  sing N N 271 
SER CB  OG   sing N N 272 
SER CB  HB2  sing N N 273 
SER CB  HB3  sing N N 274 
SER OG  HG   sing N N 275 
SER OXT HXT  sing N N 276 
THR N   CA   sing N N 277 
THR N   H    sing N N 278 
THR N   H2   sing N N 279 
THR CA  C    sing N N 280 
THR CA  CB   sing N N 281 
THR CA  HA   sing N N 282 
THR C   O    doub N N 283 
THR C   OXT  sing N N 284 
THR CB  OG1  sing N N 285 
THR CB  CG2  sing N N 286 
THR CB  HB   sing N N 287 
THR OG1 HG1  sing N N 288 
THR CG2 HG21 sing N N 289 
THR CG2 HG22 sing N N 290 
THR CG2 HG23 sing N N 291 
THR OXT HXT  sing N N 292 
TRP N   CA   sing N N 293 
TRP N   H    sing N N 294 
TRP N   H2   sing N N 295 
TRP CA  C    sing N N 296 
TRP CA  CB   sing N N 297 
TRP CA  HA   sing N N 298 
TRP C   O    doub N N 299 
TRP C   OXT  sing N N 300 
TRP CB  CG   sing N N 301 
TRP CB  HB2  sing N N 302 
TRP CB  HB3  sing N N 303 
TRP CG  CD1  doub Y N 304 
TRP CG  CD2  sing Y N 305 
TRP CD1 NE1  sing Y N 306 
TRP CD1 HD1  sing N N 307 
TRP CD2 CE2  doub Y N 308 
TRP CD2 CE3  sing Y N 309 
TRP NE1 CE2  sing Y N 310 
TRP NE1 HE1  sing N N 311 
TRP CE2 CZ2  sing Y N 312 
TRP CE3 CZ3  doub Y N 313 
TRP CE3 HE3  sing N N 314 
TRP CZ2 CH2  doub Y N 315 
TRP CZ2 HZ2  sing N N 316 
TRP CZ3 CH2  sing Y N 317 
TRP CZ3 HZ3  sing N N 318 
TRP CH2 HH2  sing N N 319 
TRP OXT HXT  sing N N 320 
TYR N   CA   sing N N 321 
TYR N   H    sing N N 322 
TYR N   H2   sing N N 323 
TYR CA  C    sing N N 324 
TYR CA  CB   sing N N 325 
TYR CA  HA   sing N N 326 
TYR C   O    doub N N 327 
TYR C   OXT  sing N N 328 
TYR CB  CG   sing N N 329 
TYR CB  HB2  sing N N 330 
TYR CB  HB3  sing N N 331 
TYR CG  CD1  doub Y N 332 
TYR CG  CD2  sing Y N 333 
TYR CD1 CE1  sing Y N 334 
TYR CD1 HD1  sing N N 335 
TYR CD2 CE2  doub Y N 336 
TYR CD2 HD2  sing N N 337 
TYR CE1 CZ   doub Y N 338 
TYR CE1 HE1  sing N N 339 
TYR CE2 CZ   sing Y N 340 
TYR CE2 HE2  sing N N 341 
TYR CZ  OH   sing N N 342 
TYR OH  HH   sing N N 343 
TYR OXT HXT  sing N N 344 
VAL N   CA   sing N N 345 
VAL N   H    sing N N 346 
VAL N   H2   sing N N 347 
VAL CA  C    sing N N 348 
VAL CA  CB   sing N N 349 
VAL CA  HA   sing N N 350 
VAL C   O    doub N N 351 
VAL C   OXT  sing N N 352 
VAL CB  CG1  sing N N 353 
VAL CB  CG2  sing N N 354 
VAL CB  HB   sing N N 355 
VAL CG1 HG11 sing N N 356 
VAL CG1 HG12 sing N N 357 
VAL CG1 HG13 sing N N 358 
VAL CG2 HG21 sing N N 359 
VAL CG2 HG22 sing N N 360 
VAL CG2 HG23 sing N N 361 
VAL OXT HXT  sing N N 362 
# 
_pdbx_audit_support.funding_organization   RAC-VR 
_pdbx_audit_support.country                Sweden 
_pdbx_audit_support.grant_number           ? 
_pdbx_audit_support.ordinal                1 
# 
_atom_sites.entry_id                    6EWY 
_atom_sites.fract_transf_matrix[1][1]   0.01460855 
_atom_sites.fract_transf_matrix[1][2]   0.00787337 
_atom_sites.fract_transf_matrix[1][3]   0.01484204 
_atom_sites.fract_transf_matrix[2][1]   -0.00526104 
_atom_sites.fract_transf_matrix[2][2]   0.00924774 
_atom_sites.fract_transf_matrix[2][3]   0.00027256 
_atom_sites.fract_transf_matrix[3][1]   -0.00411163 
_atom_sites.fract_transf_matrix[3][2]   -0.00249743 
_atom_sites.fract_transf_matrix[3][3]   0.00537177 
_atom_sites.fract_transf_vector[1]      0.284657 
_atom_sites.fract_transf_vector[2]      -0.115927 
_atom_sites.fract_transf_vector[3]      0.129118 
# 
loop_
_atom_type.symbol 
C 
N 
O 
S 
# 
loop_
_atom_site.group_PDB 
_atom_site.id 
_atom_site.type_symbol 
_atom_site.label_atom_id 
_atom_site.label_alt_id 
_atom_site.label_comp_id 
_atom_site.label_asym_id 
_atom_site.label_entity_id 
_atom_site.label_seq_id 
_atom_site.pdbx_PDB_ins_code 
_atom_site.Cartn_x 
_atom_site.Cartn_y 
_atom_site.Cartn_z 
_atom_site.occupancy 
_atom_site.B_iso_or_equiv 
_atom_site.pdbx_formal_charge 
_atom_site.auth_seq_id 
_atom_site.auth_comp_id 
_atom_site.auth_asym_id 
_atom_site.auth_atom_id 
_atom_site.pdbx_PDB_model_num 
ATOM   1    N N   . ASP A 1 4   ? -35.113 -39.052 42.189  1.00 70.63 ? 40  ASP A N   1 
ATOM   2    C CA  . ASP A 1 4   ? -36.317 -38.301 41.854  1.00 70.69 ? 40  ASP A CA  1 
ATOM   3    C C   . ASP A 1 4   ? -36.208 -37.711 40.447  1.00 74.29 ? 40  ASP A C   1 
ATOM   4    O O   . ASP A 1 4   ? -35.134 -37.249 40.040  1.00 70.34 ? 40  ASP A O   1 
ATOM   5    C CB  . ASP A 1 4   ? -36.565 -37.191 42.881  1.00 66.42 ? 40  ASP A CB  1 
ATOM   6    N N   . PRO A 1 5   ? -37.323 -37.732 39.694  1.00 74.40 ? 41  PRO A N   1 
ATOM   7    C CA  . PRO A 1 5   ? -37.379 -37.199 38.321  1.00 71.11 ? 41  PRO A CA  1 
ATOM   8    C C   . PRO A 1 5   ? -37.113 -35.690 38.256  1.00 68.85 ? 41  PRO A C   1 
ATOM   9    O O   . PRO A 1 5   ? -36.660 -35.186 37.224  1.00 63.70 ? 41  PRO A O   1 
ATOM   10   C CB  . PRO A 1 5   ? -38.814 -37.519 37.880  1.00 65.94 ? 41  PRO A CB  1 
ATOM   11   C CG  . PRO A 1 5   ? -39.583 -37.642 39.163  1.00 66.78 ? 41  PRO A CG  1 
ATOM   12   C CD  . PRO A 1 5   ? -38.627 -38.258 40.136  1.00 65.36 ? 41  PRO A CD  1 
ATOM   13   N N   . GLN A 1 6   ? -37.405 -34.987 39.350  1.00 68.48 ? 42  GLN A N   1 
ATOM   14   C CA  . GLN A 1 6   ? -37.151 -33.553 39.456  1.00 65.05 ? 42  GLN A CA  1 
ATOM   15   C C   . GLN A 1 6   ? -35.656 -33.257 39.580  1.00 65.52 ? 42  GLN A C   1 
ATOM   16   O O   . GLN A 1 6   ? -35.065 -32.563 38.741  1.00 59.98 ? 42  GLN A O   1 
ATOM   17   C CB  . GLN A 1 6   ? -37.892 -32.960 40.664  1.00 65.96 ? 42  GLN A CB  1 
ATOM   18   C CG  . GLN A 1 6   ? -39.416 -33.003 40.568  1.00 68.89 ? 42  GLN A CG  1 
ATOM   19   C CD  . GLN A 1 6   ? -40.079 -31.751 41.133  1.00 71.68 ? 42  GLN A CD  1 
ATOM   20   O OE1 . GLN A 1 6   ? -39.464 -30.989 41.881  1.00 66.44 ? 42  GLN A OE1 1 
ATOM   21   N NE2 . GLN A 1 6   ? -41.338 -31.532 40.763  1.00 72.15 ? 42  GLN A NE2 1 
ATOM   22   N N   . THR A 1 7   ? -35.047 -33.800 40.628  1.00 65.52 ? 43  THR A N   1 
ATOM   23   C CA  . THR A 1 7   ? -33.661 -33.502 40.961  1.00 62.30 ? 43  THR A CA  1 
ATOM   24   C C   . THR A 1 7   ? -32.649 -33.852 39.853  1.00 58.99 ? 43  THR A C   1 
ATOM   25   O O   . THR A 1 7   ? -31.455 -33.588 39.999  1.00 55.97 ? 43  THR A O   1 
ATOM   26   C CB  . THR A 1 7   ? -33.251 -34.226 42.258  1.00 65.29 ? 43  THR A CB  1 
ATOM   27   O OG1 . THR A 1 7   ? -33.082 -35.627 41.998  1.00 65.67 ? 43  THR A OG1 1 
ATOM   28   C CG2 . THR A 1 7   ? -34.322 -34.033 43.331  1.00 64.42 ? 43  THR A CG2 1 
ATOM   29   N N   . ASP A 1 8   ? -33.117 -34.453 38.768  1.00 54.90 ? 44  ASP A N   1 
ATOM   30   C CA  . ASP A 1 8   ? -32.259 -34.834 37.660  1.00 52.76 ? 44  ASP A CA  1 
ATOM   31   C C   . ASP A 1 8   ? -32.452 -33.906 36.473  1.00 48.36 ? 44  ASP A C   1 
ATOM   32   O O   . ASP A 1 8   ? -31.691 -33.913 35.541  1.00 44.72 ? 44  ASP A O   1 
ATOM   33   C CB  . ASP A 1 8   ? -32.442 -36.291 37.261  1.00 59.75 ? 44  ASP A CB  1 
ATOM   34   C CG  . ASP A 1 8   ? -31.490 -37.243 38.012  1.00 72.32 ? 44  ASP A CG  1 
ATOM   35   O OD1 . ASP A 1 8   ? -30.699 -36.788 38.874  1.00 71.92 ? 44  ASP A OD1 1 
ATOM   36   O OD2 . ASP A 1 8   ? -31.540 -38.458 37.738  1.00 69.11 ? 44  ASP A OD2 1 
ATOM   37   N N   . THR A 1 9   ? -33.493 -33.107 36.529  1.00 48.98 ? 45  THR A N   1 
ATOM   38   C CA  . THR A 1 9   ? -33.692 -32.106 35.519  1.00 44.66 ? 45  THR A CA  1 
ATOM   39   C C   . THR A 1 9   ? -32.980 -30.856 36.022  1.00 37.66 ? 45  THR A C   1 
ATOM   40   O O   . THR A 1 9   ? -32.629 -30.006 35.262  1.00 33.14 ? 45  THR A O   1 
ATOM   41   C CB  . THR A 1 9   ? -35.141 -31.750 35.227  1.00 43.52 ? 45  THR A CB  1 
ATOM   42   O OG1 . THR A 1 9   ? -35.680 -31.059 36.333  1.00 46.75 ? 45  THR A OG1 1 
ATOM   43   C CG2 . THR A 1 9   ? -35.952 -32.932 34.928  1.00 44.65 ? 45  THR A CG2 1 
ATOM   44   N N   . ILE A 1 10  ? -32.787 -30.765 37.328  1.00 39.16 ? 46  ILE A N   1 
ATOM   45   C CA  . ILE A 1 10  ? -32.085 -29.674 37.908  1.00 38.41 ? 46  ILE A CA  1 
ATOM   46   C C   . ILE A 1 10  ? -30.614 -29.922 37.641  1.00 34.15 ? 46  ILE A C   1 
ATOM   47   O O   . ILE A 1 10  ? -29.896 -29.027 37.386  1.00 33.13 ? 46  ILE A O   1 
ATOM   48   C CB  . ILE A 1 10  ? -32.364 -29.499 39.390  1.00 33.32 ? 46  ILE A CB  1 
ATOM   49   C CG1 . ILE A 1 10  ? -33.696 -28.822 39.573  1.00 41.61 ? 46  ILE A CG1 1 
ATOM   50   C CG2 . ILE A 1 10  ? -31.379 -28.562 40.015  1.00 44.18 ? 46  ILE A CG2 1 
ATOM   51   C CD1 . ILE A 1 10  ? -34.638 -29.558 40.482  1.00 45.68 ? 46  ILE A CD1 1 
ATOM   52   N N   . ALA A 1 11  ? -30.211 -31.166 37.703  1.00 31.20 ? 47  ALA A N   1 
ATOM   53   C CA  . ALA A 1 11  ? -28.858 -31.516 37.478  1.00 31.13 ? 47  ALA A CA  1 
ATOM   54   C C   . ALA A 1 11  ? -28.492 -31.306 36.016  1.00 29.75 ? 47  ALA A C   1 
ATOM   55   O O   . ALA A 1 11  ? -27.393 -30.940 35.715  1.00 27.04 ? 47  ALA A O   1 
ATOM   56   C CB  . ALA A 1 11  ? -28.608 -32.931 37.902  1.00 31.60 ? 47  ALA A CB  1 
ATOM   57   N N   . ALA A 1 12  ? -29.437 -31.550 35.130  1.00 27.06 ? 48  ALA A N   1 
ATOM   58   C CA  . ALA A 1 12  ? -29.165 -31.378 33.715  1.00 28.78 ? 48  ALA A CA  1 
ATOM   59   C C   . ALA A 1 12  ? -28.991 -29.898 33.419  1.00 27.68 ? 48  ALA A C   1 
ATOM   60   O O   . ALA A 1 12  ? -28.219 -29.506 32.537  1.00 25.95 ? 48  ALA A O   1 
ATOM   61   C CB  . ALA A 1 12  ? -30.271 -31.971 32.876  1.00 26.65 ? 48  ALA A CB  1 
ATOM   62   N N   . LEU A 1 13  ? -29.693 -29.075 34.186  1.00 25.28 ? 49  LEU A N   1 
ATOM   63   C CA  . LEU A 1 13  ? -29.672 -27.637 33.965  1.00 27.39 ? 49  LEU A CA  1 
ATOM   64   C C   . LEU A 1 13  ? -28.416 -27.001 34.547  1.00 24.28 ? 49  LEU A C   1 
ATOM   65   O O   . LEU A 1 13  ? -27.868 -26.065 33.967  1.00 21.56 ? 49  LEU A O   1 
ATOM   66   C CB  . LEU A 1 13  ? -30.928 -26.994 34.557  1.00 29.82 ? 49  LEU A CB  1 
ATOM   67   C CG  . LEU A 1 13  ? -32.127 -27.059 33.614  1.00 26.85 ? 49  LEU A CG  1 
ATOM   68   C CD1 . LEU A 1 13  ? -33.415 -26.885 34.398  1.00 30.01 ? 49  LEU A CD1 1 
ATOM   69   C CD2 . LEU A 1 13  ? -31.992 -25.983 32.543  1.00 27.03 ? 49  LEU A CD2 1 
ATOM   70   N N   . ILE A 1 14  ? -27.969 -27.507 35.690  1.00 20.89 ? 50  ILE A N   1 
ATOM   71   C CA  . ILE A 1 14  ? -26.679 -27.113 36.234  1.00 20.62 ? 50  ILE A CA  1 
ATOM   72   C C   . ILE A 1 14  ? -25.589 -27.353 35.186  1.00 21.71 ? 50  ILE A C   1 
ATOM   73   O O   . ILE A 1 14  ? -24.732 -26.495 34.926  1.00 20.48 ? 50  ILE A O   1 
ATOM   74   C CB  . ILE A 1 14  ? -26.355 -27.903 37.513  1.00 21.35 ? 50  ILE A CB  1 
ATOM   75   C CG1 . ILE A 1 14  ? -27.201 -27.407 38.686  1.00 24.91 ? 50  ILE A CG1 1 
ATOM   76   C CG2 . ILE A 1 14  ? -24.879 -27.824 37.826  1.00 21.10 ? 50  ILE A CG2 1 
ATOM   77   C CD1 . ILE A 1 14  ? -27.412 -28.449 39.771  1.00 21.73 ? 50  ILE A CD1 1 
ATOM   78   N N   . ALA A 1 15  ? -25.648 -28.522 34.563  1.00 20.47 ? 51  ALA A N   1 
ATOM   79   C CA  . ALA A 1 15  ? -24.690 -28.892 33.538  1.00 20.82 ? 51  ALA A CA  1 
ATOM   80   C C   . ALA A 1 15  ? -24.846 -28.020 32.298  1.00 20.36 ? 51  ALA A C   1 
ATOM   81   O O   . ALA A 1 15  ? -23.865 -27.568 31.745  1.00 18.33 ? 51  ALA A O   1 
ATOM   82   C CB  . ALA A 1 15  ? -24.839 -30.367 33.186  1.00 16.50 ? 51  ALA A CB  1 
ATOM   83   N N   . ASP A 1 16  ? -26.073 -27.764 31.864  1.00 22.13 ? 52  ASP A N   1 
ATOM   84   C CA  . ASP A 1 16  ? -26.269 -26.954 30.655  1.00 21.21 ? 52  ASP A CA  1 
ATOM   85   C C   . ASP A 1 16  ? -25.786 -25.519 30.836  1.00 22.54 ? 52  ASP A C   1 
ATOM   86   O O   . ASP A 1 16  ? -25.251 -24.927 29.906  1.00 20.90 ? 52  ASP A O   1 
ATOM   87   C CB  . ASP A 1 16  ? -27.741 -26.925 30.243  1.00 26.20 ? 52  ASP A CB  1 
ATOM   88   C CG  . ASP A 1 16  ? -28.262 -28.285 29.799  1.00 34.57 ? 52  ASP A CG  1 
ATOM   89   O OD1 . ASP A 1 16  ? -27.536 -29.000 29.058  1.00 31.41 ? 52  ASP A OD1 1 
ATOM   90   O OD2 . ASP A 1 16  ? -29.405 -28.627 30.204  1.00 35.10 ? 52  ASP A OD2 1 
ATOM   91   N N   . VAL A 1 17  ? -26.005 -24.956 32.025  1.00 19.04 ? 53  VAL A N   1 
ATOM   92   C CA  . VAL A 1 17  ? -25.584 -23.593 32.324  1.00 18.63 ? 53  VAL A CA  1 
ATOM   93   C C   . VAL A 1 17  ? -24.051 -23.539 32.395  1.00 21.04 ? 53  VAL A C   1 
ATOM   94   O O   . VAL A 1 17  ? -23.420 -22.635 31.847  1.00 19.03 ? 53  VAL A O   1 
ATOM   95   C CB  . VAL A 1 17  ? -26.208 -23.094 33.655  1.00 21.70 ? 53  VAL A CB  1 
ATOM   96   C CG1 . VAL A 1 17  ? -25.442 -21.904 34.219  1.00 19.96 ? 53  VAL A CG1 1 
ATOM   97   C CG2 . VAL A 1 17  ? -27.660 -22.749 33.457  1.00 22.65 ? 53  VAL A CG2 1 
ATOM   98   N N   . ALA A 1 18  ? -23.457 -24.521 33.065  1.00 17.72 ? 54  ALA A N   1 
ATOM   99   C CA  . ALA A 1 18  ? -22.012 -24.668 33.091  1.00 18.72 ? 54  ALA A CA  1 
ATOM   100  C C   . ALA A 1 18  ? -21.416 -24.737 31.676  1.00 20.69 ? 54  ALA A C   1 
ATOM   101  O O   . ALA A 1 18  ? -20.445 -24.023 31.371  1.00 19.59 ? 54  ALA A O   1 
ATOM   102  C CB  . ALA A 1 18  ? -21.636 -25.902 33.892  1.00 18.98 ? 54  ALA A CB  1 
ATOM   103  N N   . LYS A 1 19  ? -21.997 -25.573 30.810  1.00 18.94 ? 55  LYS A N   1 
ATOM   104  C CA  . LYS A 1 19  ? -21.507 -25.726 29.431  1.00 21.07 ? 55  LYS A CA  1 
ATOM   105  C C   . LYS A 1 19  ? -21.602 -24.418 28.671  1.00 16.82 ? 55  LYS A C   1 
ATOM   106  O O   . LYS A 1 19  ? -20.687 -24.024 27.964  1.00 18.29 ? 55  LYS A O   1 
ATOM   107  C CB  . LYS A 1 19  ? -22.295 -26.795 28.661  1.00 18.47 ? 55  LYS A CB  1 
ATOM   108  C CG  . LYS A 1 19  ? -21.914 -28.233 28.962  1.00 23.94 ? 55  LYS A CG  1 
ATOM   109  C CD  . LYS A 1 19  ? -22.818 -29.193 28.184  1.00 28.48 ? 55  LYS A CD  1 
ATOM   110  C CE  . LYS A 1 19  ? -22.922 -30.563 28.862  1.00 34.64 ? 55  LYS A CE  1 
ATOM   111  N NZ  . LYS A 1 19  ? -21.645 -31.335 28.778  1.00 41.88 ? 55  LYS A NZ  1 
ATOM   112  N N   . ALA A 1 20  ? -22.731 -23.757 28.802  1.00 14.96 ? 56  ALA A N   1 
ATOM   113  C CA  . ALA A 1 20  ? -22.973 -22.561 28.029  1.00 16.88 ? 56  ALA A CA  1 
ATOM   114  C C   . ALA A 1 20  ? -21.984 -21.474 28.434  1.00 20.09 ? 56  ALA A C   1 
ATOM   115  O O   . ALA A 1 20  ? -21.431 -20.761 27.589  1.00 19.65 ? 56  ALA A O   1 
ATOM   116  C CB  . ALA A 1 20  ? -24.405 -22.102 28.220  1.00 17.63 ? 56  ALA A CB  1 
ATOM   117  N N   . ASN A 1 21  ? -21.743 -21.372 29.735  1.00 17.08 ? 57  ASN A N   1 
ATOM   118  C CA  . ASN A 1 21  ? -20.765 -20.423 30.258  1.00 19.81 ? 57  ASN A CA  1 
ATOM   119  C C   . ASN A 1 21  ? -19.351 -20.711 29.851  1.00 17.57 ? 57  ASN A C   1 
ATOM   120  O O   . ASN A 1 21  ? -18.593 -19.803 29.560  1.00 16.18 ? 57  ASN A O   1 
ATOM   121  C CB  . ASN A 1 21  ? -20.829 -20.379 31.774  1.00 20.76 ? 57  ASN A CB  1 
ATOM   122  C CG  . ASN A 1 21  ? -21.632 -19.235 32.259  1.00 21.42 ? 57  ASN A CG  1 
ATOM   123  O OD1 . ASN A 1 21  ? -22.548 -19.393 33.070  1.00 26.65 ? 57  ASN A OD1 1 
ATOM   124  N ND2 . ASN A 1 21  ? -21.316 -18.053 31.747  1.00 24.92 ? 57  ASN A ND2 1 
ATOM   125  N N   . GLN A 1 22  ? -18.983 -21.982 29.860  1.00 16.65 ? 58  GLN A N   1 
ATOM   126  C CA  . GLN A 1 22  ? -17.667 -22.362 29.413  1.00 16.80 ? 58  GLN A CA  1 
ATOM   127  C C   . GLN A 1 22  ? -17.530 -22.011 27.955  1.00 19.71 ? 58  GLN A C   1 
ATOM   128  O O   . GLN A 1 22  ? -16.460 -21.588 27.503  1.00 20.76 ? 58  GLN A O   1 
ATOM   129  C CB  . GLN A 1 22  ? -17.419 -23.851 29.615  1.00 20.00 ? 58  GLN A CB  1 
ATOM   130  C CG  . GLN A 1 22  ? -16.042 -24.280 29.136  1.00 18.45 ? 58  GLN A CG  1 
ATOM   131  C CD  . GLN A 1 22  ? -14.950 -23.499 29.827  1.00 18.89 ? 58  GLN A CD  1 
ATOM   132  O OE1 . GLN A 1 22  ? -14.977 -23.335 31.047  1.00 20.89 ? 58  GLN A OE1 1 
ATOM   133  N NE2 . GLN A 1 22  ? -13.994 -22.994 29.055  1.00 21.58 ? 58  GLN A NE2 1 
ATOM   134  N N   . ARG A 1 23  ? -18.604 -22.153 27.189  1.00 17.67 ? 59  ARG A N   1 
ATOM   135  C CA  . ARG A 1 23  ? -18.422 -21.861 25.780  1.00 21.65 ? 59  ARG A CA  1 
ATOM   136  C C   . ARG A 1 23  ? -18.351 -20.351 25.521  1.00 19.93 ? 59  ARG A C   1 
ATOM   137  O O   . ARG A 1 23  ? -17.658 -19.916 24.607  1.00 18.11 ? 59  ARG A O   1 
ATOM   138  C CB  . ARG A 1 23  ? -19.517 -22.483 24.931  1.00 21.27 ? 59  ARG A CB  1 
ATOM   139  C CG  . ARG A 1 23  ? -19.032 -22.655 23.507  1.00 26.76 ? 59  ARG A CG  1 
ATOM   140  C CD  . ARG A 1 23  ? -20.114 -22.471 22.502  1.00 29.61 ? 59  ARG A CD  1 
ATOM   141  N NE  . ARG A 1 23  ? -19.550 -22.497 21.165  1.00 30.26 ? 59  ARG A NE  1 
ATOM   142  C CZ  . ARG A 1 23  ? -20.161 -22.004 20.099  1.00 38.68 ? 59  ARG A CZ  1 
ATOM   143  N NH1 . ARG A 1 23  ? -21.368 -21.449 20.229  1.00 36.82 ? 59  ARG A NH1 1 
ATOM   144  N NH2 . ARG A 1 23  ? -19.561 -22.056 18.915  1.00 36.82 ? 59  ARG A NH2 1 
ATOM   145  N N   . LEU A 1 24  ? -19.070 -19.569 26.324  1.00 19.05 ? 60  LEU A N   1 
ATOM   146  C CA  . LEU A 1 24  ? -19.057 -18.106 26.207  1.00 18.93 ? 60  LEU A CA  1 
ATOM   147  C C   . LEU A 1 24  ? -17.649 -17.623 26.484  1.00 19.45 ? 60  LEU A C   1 
ATOM   148  O O   . LEU A 1 24  ? -17.107 -16.781 25.766  1.00 17.19 ? 60  LEU A O   1 
ATOM   149  C CB  . LEU A 1 24  ? -20.052 -17.463 27.187  1.00 16.92 ? 60  LEU A CB  1 
ATOM   150  C CG  . LEU A 1 24  ? -20.324 -15.962 27.066  1.00 19.81 ? 60  LEU A CG  1 
ATOM   151  C CD1 . LEU A 1 24  ? -20.946 -15.624 25.716  1.00 19.83 ? 60  LEU A CD1 1 
ATOM   152  C CD2 . LEU A 1 24  ? -21.218 -15.489 28.192  1.00 17.89 ? 60  LEU A CD2 1 
ATOM   153  N N   . GLN A 1 25  ? -17.049 -18.193 27.522  1.00 16.22 ? 61  GLN A N   1 
ATOM   154  C CA  . GLN A 1 25  ? -15.697 -17.850 27.902  1.00 18.18 ? 61  GLN A CA  1 
ATOM   155  C C   . GLN A 1 25  ? -14.723 -18.205 26.785  1.00 21.21 ? 61  GLN A C   1 
ATOM   156  O O   . GLN A 1 25  ? -13.859 -17.405 26.425  1.00 20.96 ? 61  GLN A O   1 
ATOM   157  C CB  . GLN A 1 25  ? -15.322 -18.563 29.202  1.00 19.69 ? 61  GLN A CB  1 
ATOM   158  C CG  . GLN A 1 25  ? -13.897 -18.324 29.653  1.00 23.44 ? 61  GLN A CG  1 
ATOM   159  C CD  . GLN A 1 25  ? -13.672 -16.891 30.096  1.00 27.01 ? 61  GLN A CD  1 
ATOM   160  O OE1 . GLN A 1 25  ? -14.486 -16.317 30.823  1.00 29.61 ? 61  GLN A OE1 1 
ATOM   161  N NE2 . GLN A 1 25  ? -12.563 -16.300 29.654  1.00 29.91 ? 61  GLN A NE2 1 
ATOM   162  N N   . ASP A 1 26  ? -14.866 -19.397 26.216  1.00 18.31 ? 62  ASP A N   1 
ATOM   163  C CA  . ASP A 1 26  ? -13.976 -19.805 25.135  1.00 19.56 ? 62  ASP A CA  1 
ATOM   164  C C   . ASP A 1 26  ? -14.163 -18.903 23.913  1.00 18.82 ? 62  ASP A C   1 
ATOM   165  O O   . ASP A 1 26  ? -13.213 -18.597 23.230  1.00 16.32 ? 62  ASP A O   1 
ATOM   166  C CB  . ASP A 1 26  ? -14.198 -21.277 24.759  1.00 18.25 ? 62  ASP A CB  1 
ATOM   167  C CG  . ASP A 1 26  ? -13.697 -22.255 25.837  1.00 22.55 ? 62  ASP A CG  1 
ATOM   168  O OD1 . ASP A 1 26  ? -12.788 -21.916 26.626  1.00 22.52 ? 62  ASP A OD1 1 
ATOM   169  O OD2 . ASP A 1 26  ? -14.222 -23.379 25.904  1.00 22.01 ? 62  ASP A OD2 1 
ATOM   170  N N   . LEU A 1 27  ? -15.388 -18.474 23.642  1.00 17.93 ? 63  LEU A N   1 
ATOM   171  C CA  . LEU A 1 27  ? -15.624 -17.546 22.543  1.00 21.70 ? 63  LEU A CA  1 
ATOM   172  C C   . LEU A 1 27  ? -15.005 -16.172 22.837  1.00 21.50 ? 63  LEU A C   1 
ATOM   173  O O   . LEU A 1 27  ? -14.481 -15.513 21.955  1.00 18.10 ? 63  LEU A O   1 
ATOM   174  C CB  . LEU A 1 27  ? -17.121 -17.408 22.283  1.00 21.46 ? 63  LEU A CB  1 
ATOM   175  C CG  . LEU A 1 27  ? -17.781 -18.502 21.451  1.00 21.87 ? 63  LEU A CG  1 
ATOM   176  C CD1 . LEU A 1 27  ? -19.287 -18.358 21.536  1.00 17.85 ? 63  LEU A CD1 1 
ATOM   177  C CD2 . LEU A 1 27  ? -17.294 -18.422 19.995  1.00 19.67 ? 63  LEU A CD2 1 
ATOM   178  N N   . SER A 1 28  ? -15.079 -15.765 24.101  1.00 22.85 ? 64  SER A N   1 
ATOM   179  C CA  . SER A 1 28  ? -14.447 -14.541 24.585  1.00 21.11 ? 64  SER A CA  1 
ATOM   180  C C   . SER A 1 28  ? -12.930 -14.552 24.334  1.00 26.26 ? 64  SER A C   1 
ATOM   181  O O   . SER A 1 28  ? -12.364 -13.593 23.805  1.00 25.83 ? 64  SER A O   1 
ATOM   182  C CB  . SER A 1 28  ? -14.750 -14.367 26.075  1.00 22.29 ? 64  SER A CB  1 
ATOM   183  O OG  . SER A 1 28  ? -14.149 -13.205 26.592  1.00 30.67 ? 64  SER A OG  1 
ATOM   184  N N   . ASP A 1 29  ? -12.272 -15.651 24.683  1.00 22.95 ? 65  ASP A N   1 
ATOM   185  C CA  . ASP A 1 29  ? -10.847 -15.752 24.434  1.00 24.02 ? 65  ASP A CA  1 
ATOM   186  C C   . ASP A 1 29  ? -10.577 -15.741 22.945  1.00 22.67 ? 65  ASP A C   1 
ATOM   187  O O   . ASP A 1 29  ? -9.570  -15.216 22.511  1.00 22.16 ? 65  ASP A O   1 
ATOM   188  C CB  . ASP A 1 29  ? -10.265 -17.008 25.071  1.00 23.63 ? 65  ASP A CB  1 
ATOM   189  C CG  . ASP A 1 29  ? -10.418 -17.013 26.588  1.00 32.21 ? 65  ASP A CG  1 
ATOM   190  O OD1 . ASP A 1 29  ? -10.600 -15.920 27.184  1.00 33.15 ? 65  ASP A OD1 1 
ATOM   191  O OD2 . ASP A 1 29  ? -10.366 -18.111 27.187  1.00 35.27 ? 65  ASP A OD2 1 
ATOM   192  N N   . GLU A 1 30  ? -11.480 -16.297 22.149  1.00 22.92 ? 66  GLU A N   1 
ATOM   193  C CA  . GLU A 1 30  ? -11.280 -16.250 20.710  1.00 23.44 ? 66  GLU A CA  1 
ATOM   194  C C   . GLU A 1 30  ? -11.409 -14.814 20.196  1.00 24.69 ? 66  GLU A C   1 
ATOM   195  O O   . GLU A 1 30  ? -10.659 -14.402 19.323  1.00 22.88 ? 66  GLU A O   1 
ATOM   196  C CB  . GLU A 1 30  ? -12.269 -17.151 19.970  1.00 23.11 ? 66  GLU A CB  1 
ATOM   197  C CG  . GLU A 1 30  ? -11.938 -17.239 18.486  1.00 27.84 ? 66  GLU A CG  1 
ATOM   198  C CD  . GLU A 1 30  ? -12.899 -18.106 17.683  1.00 46.44 ? 66  GLU A CD  1 
ATOM   199  O OE1 . GLU A 1 30  ? -13.960 -18.494 18.223  1.00 48.59 ? 66  GLU A OE1 1 
ATOM   200  O OE2 . GLU A 1 30  ? -12.591 -18.397 16.500  1.00 53.39 ? 66  GLU A OE2 1 
ATOM   201  N N   . VAL A 1 31  ? -12.367 -14.068 20.736  1.00 22.49 ? 67  VAL A N   1 
ATOM   202  C CA  . VAL A 1 31  ? -12.556 -12.674 20.371  1.00 23.36 ? 67  VAL A CA  1 
ATOM   203  C C   . VAL A 1 31  ? -11.276 -11.877 20.595  1.00 23.37 ? 67  VAL A C   1 
ATOM   204  O O   . VAL A 1 31  ? -10.834 -11.152 19.702  1.00 23.54 ? 67  VAL A O   1 
ATOM   205  C CB  . VAL A 1 31  ? -13.713 -12.040 21.163  1.00 22.12 ? 67  VAL A CB  1 
ATOM   206  C CG1 . VAL A 1 31  ? -13.696 -10.521 21.034  1.00 23.21 ? 67  VAL A CG1 1 
ATOM   207  C CG2 . VAL A 1 31  ? -15.046 -12.599 20.678  1.00 23.85 ? 67  VAL A CG2 1 
ATOM   208  N N   . GLN A 1 32  ? -10.661 -12.048 21.764  1.00 23.47 ? 68  GLN A N   1 
ATOM   209  C CA  . GLN A 1 32  ? -9.425  -11.339 22.080  1.00 24.59 ? 68  GLN A CA  1 
ATOM   210  C C   . GLN A 1 32  ? -8.335  -11.644 21.079  1.00 26.75 ? 68  GLN A C   1 
ATOM   211  O O   . GLN A 1 32  ? -7.583  -10.747 20.679  1.00 26.57 ? 68  GLN A O   1 
ATOM   212  C CB  . GLN A 1 32  ? -8.932  -11.684 23.475  1.00 23.66 ? 68  GLN A CB  1 
ATOM   213  C CG  . GLN A 1 32  ? -9.943  -11.368 24.563  1.00 32.42 ? 68  GLN A CG  1 
ATOM   214  C CD  . GLN A 1 32  ? -9.296  -11.329 25.938  1.00 45.41 ? 68  GLN A CD  1 
ATOM   215  O OE1 . GLN A 1 32  ? -8.063  -11.315 26.056  1.00 52.57 ? 68  GLN A OE1 1 
ATOM   216  N NE2 . GLN A 1 32  ? -10.118 -11.337 26.983  1.00 42.12 ? 68  GLN A NE2 1 
ATOM   217  N N   . ALA A 1 33  ? -8.239  -12.901 20.663  1.00 22.94 ? 69  ALA A N   1 
ATOM   218  C CA  . ALA A 1 33  ? -7.194  -13.246 19.713  1.00 22.54 ? 69  ALA A CA  1 
ATOM   219  C C   . ALA A 1 33  ? -7.500  -12.647 18.345  1.00 22.82 ? 69  ALA A C   1 
ATOM   220  O O   . ALA A 1 33  ? -6.589  -12.206 17.658  1.00 24.22 ? 69  ALA A O   1 
ATOM   221  C CB  . ALA A 1 33  ? -7.020  -14.734 19.617  1.00 17.10 ? 69  ALA A CB  1 
ATOM   222  N N   . GLU A 1 34  ? -8.768  -12.629 17.939  1.00 21.66 ? 70  GLU A N   1 
ATOM   223  C CA  . GLU A 1 34  ? -9.109  -11.995 16.666  1.00 22.76 ? 70  GLU A CA  1 
ATOM   224  C C   . GLU A 1 34  ? -8.803  -10.491 16.737  1.00 21.38 ? 70  GLU A C   1 
ATOM   225  O O   . GLU A 1 34  ? -8.272  -9.923  15.800  1.00 22.24 ? 70  GLU A O   1 
ATOM   226  C CB  . GLU A 1 34  ? -10.583 -12.169 16.296  1.00 23.70 ? 70  GLU A CB  1 
ATOM   227  C CG  . GLU A 1 34  ? -11.239 -13.479 16.640  1.00 32.15 ? 70  GLU A CG  1 
ATOM   228  C CD  . GLU A 1 34  ? -11.062 -14.515 15.586  1.00 28.88 ? 70  GLU A CD  1 
ATOM   229  O OE1 . GLU A 1 34  ? -10.222 -14.296 14.700  1.00 37.87 ? 70  GLU A OE1 1 
ATOM   230  O OE2 . GLU A 1 34  ? -11.768 -15.539 15.637  1.00 33.98 ? 70  GLU A OE2 1 
ATOM   231  N N   . GLN A 1 35  ? -9.184  -9.858  17.847  1.00 21.05 ? 71  GLN A N   1 
ATOM   232  C CA  . GLN A 1 35  ? -8.881  -8.447  18.099  1.00 25.15 ? 71  GLN A CA  1 
ATOM   233  C C   . GLN A 1 35  ? -7.396  -8.147  17.872  1.00 22.91 ? 71  GLN A C   1 
ATOM   234  O O   . GLN A 1 35  ? -7.069  -7.276  17.095  1.00 23.26 ? 71  GLN A O   1 
ATOM   235  C CB  . GLN A 1 35  ? -9.304  -8.067  19.523  1.00 24.76 ? 71  GLN A CB  1 
ATOM   236  C CG  . GLN A 1 35  ? -8.995  -6.628  19.957  1.00 25.14 ? 71  GLN A CG  1 
ATOM   237  C CD  . GLN A 1 35  ? -9.347  -6.390  21.433  1.00 30.07 ? 71  GLN A CD  1 
ATOM   238  O OE1 . GLN A 1 35  ? -9.436  -7.336  22.218  1.00 29.36 ? 71  GLN A OE1 1 
ATOM   239  N NE2 . GLN A 1 35  ? -9.580  -5.129  21.802  1.00 28.62 ? 71  GLN A NE2 1 
ATOM   240  N N   . GLU A 1 36  ? -6.504  -8.896  18.517  1.00 22.52 ? 72  GLU A N   1 
ATOM   241  C CA  . GLU A 1 36  ? -5.067  -8.751  18.311  1.00 24.15 ? 72  GLU A CA  1 
ATOM   242  C C   . GLU A 1 36  ? -4.669  -8.911  16.852  1.00 23.28 ? 72  GLU A C   1 
ATOM   243  O O   . GLU A 1 36  ? -3.792  -8.199  16.362  1.00 22.39 ? 72  GLU A O   1 
ATOM   244  C CB  . GLU A 1 36  ? -4.299  -9.762  19.167  1.00 24.23 ? 72  GLU A CB  1 
ATOM   245  C CG  . GLU A 1 36  ? -4.576  -9.590  20.654  1.00 37.09 ? 72  GLU A CG  1 
ATOM   246  C CD  . GLU A 1 36  ? -3.985  -10.696 21.541  1.00 48.79 ? 72  GLU A CD  1 
ATOM   247  O OE1 . GLU A 1 36  ? -3.129  -11.478 21.060  1.00 54.05 ? 72  GLU A OE1 1 
ATOM   248  O OE2 . GLU A 1 36  ? -4.413  -10.788 22.721  1.00 43.05 ? 72  GLU A OE2 1 
ATOM   249  N N   . SER A 1 37  ? -5.312  -9.832  16.143  1.00 23.35 ? 73  SER A N   1 
ATOM   250  C CA  . SER A 1 37  ? -4.958  -10.048 14.740  1.00 24.86 ? 73  SER A CA  1 
ATOM   251  C C   . SER A 1 37  ? -5.424  -8.914  13.831  1.00 25.53 ? 73  SER A C   1 
ATOM   252  O O   . SER A 1 37  ? -4.794  -8.627  12.805  1.00 19.72 ? 73  SER A O   1 
ATOM   253  C CB  . SER A 1 37  ? -5.537  -11.358 14.239  1.00 24.03 ? 73  SER A CB  1 
ATOM   254  O OG  . SER A 1 37  ? -4.712  -12.424 14.653  1.00 33.62 ? 73  SER A OG  1 
ATOM   255  N N   . VAL A 1 38  ? -6.546  -8.301  14.188  1.00 22.57 ? 74  VAL A N   1 
ATOM   256  C CA  . VAL A 1 38  ? -7.038  -7.137  13.462  1.00 23.46 ? 74  VAL A CA  1 
ATOM   257  C C   . VAL A 1 38  ? -6.134  -5.930  13.723  1.00 22.72 ? 74  VAL A C   1 
ATOM   258  O O   . VAL A 1 38  ? -5.811  -5.190  12.803  1.00 21.07 ? 74  VAL A O   1 
ATOM   259  C CB  . VAL A 1 38  ? -8.485  -6.796  13.845  1.00 22.29 ? 74  VAL A CB  1 
ATOM   260  C CG1 . VAL A 1 38  ? -8.871  -5.427  13.321  1.00 18.47 ? 74  VAL A CG1 1 
ATOM   261  C CG2 . VAL A 1 38  ? -9.428  -7.850  13.296  1.00 23.56 ? 74  VAL A CG2 1 
ATOM   262  N N   . ASN A 1 39  ? -5.717  -5.736  14.971  1.00 19.38 ? 75  ASN A N   1 
ATOM   263  C CA  . ASN A 1 39  ? -4.830  -4.625  15.283  1.00 18.30 ? 75  ASN A CA  1 
ATOM   264  C C   . ASN A 1 39  ? -3.508  -4.791  14.568  1.00 22.47 ? 75  ASN A C   1 
ATOM   265  O O   . ASN A 1 39  ? -2.981  -3.840  13.984  1.00 21.80 ? 75  ASN A O   1 
ATOM   266  C CB  . ASN A 1 39  ? -4.641  -4.502  16.793  1.00 20.48 ? 75  ASN A CB  1 
ATOM   267  C CG  . ASN A 1 39  ? -5.933  -4.087  17.501  1.00 24.58 ? 75  ASN A CG  1 
ATOM   268  O OD1 . ASN A 1 39  ? -6.783  -3.407  16.915  1.00 24.45 ? 75  ASN A OD1 1 
ATOM   269  N ND2 . ASN A 1 39  ? -6.102  -4.522  18.740  1.00 18.51 ? 75  ASN A ND2 1 
ATOM   270  N N   . LYS A 1 40  ? -2.991  -6.011  14.584  1.00 22.09 ? 76  LYS A N   1 
ATOM   271  C CA  . LYS A 1 40  ? -1.764  -6.344  13.872  1.00 20.58 ? 76  LYS A CA  1 
ATOM   272  C C   . LYS A 1 40  ? -1.940  -6.087  12.386  1.00 23.02 ? 76  LYS A C   1 
ATOM   273  O O   . LYS A 1 40  ? -1.091  -5.470  11.740  1.00 23.43 ? 76  LYS A O   1 
ATOM   274  C CB  . LYS A 1 40  ? -1.390  -7.807  14.121  1.00 23.31 ? 76  LYS A CB  1 
ATOM   275  C CG  . LYS A 1 40  ? -0.279  -8.364  13.229  1.00 30.07 ? 76  LYS A CG  1 
ATOM   276  C CD  . LYS A 1 40  ? 1.084   -7.871  13.688  1.00 37.55 ? 76  LYS A CD  1 
ATOM   277  C CE  . LYS A 1 40  ? 2.206   -8.353  12.768  1.00 43.72 ? 76  LYS A CE  1 
ATOM   278  N NZ  . LYS A 1 40  ? 3.524   -7.793  13.189  1.00 44.64 ? 76  LYS A NZ  1 
ATOM   279  N N   . ALA A 1 41  ? -3.053  -6.557  11.841  1.00 22.59 ? 77  ALA A N   1 
ATOM   280  C CA  . ALA A 1 41  ? -3.343  -6.368  10.429  1.00 20.79 ? 77  ALA A CA  1 
ATOM   281  C C   . ALA A 1 41  ? -3.436  -4.875  10.057  1.00 24.97 ? 77  ALA A C   1 
ATOM   282  O O   . ALA A 1 41  ? -3.142  -4.490  8.927   1.00 23.02 ? 77  ALA A O   1 
ATOM   283  C CB  . ALA A 1 41  ? -4.623  -7.071  10.066  1.00 21.19 ? 77  ALA A CB  1 
ATOM   284  N N   . MET A 1 42  ? -3.839  -4.033  11.002  1.00 19.49 ? 78  MET A N   1 
ATOM   285  C CA  . MET A 1 42  ? -3.971  -2.614  10.698  1.00 22.64 ? 78  MET A CA  1 
ATOM   286  C C   . MET A 1 42  ? -2.618  -1.921  10.690  1.00 20.94 ? 78  MET A C   1 
ATOM   287  O O   . MET A 1 42  ? -2.380  -1.018  9.898   1.00 24.55 ? 78  MET A O   1 
ATOM   288  C CB  . MET A 1 42  ? -4.925  -1.944  11.683  1.00 22.51 ? 78  MET A CB  1 
ATOM   289  C CG  . MET A 1 42  ? -6.372  -2.357  11.456  1.00 22.49 ? 78  MET A CG  1 
ATOM   290  S SD  . MET A 1 42  ? -7.537  -1.517  12.531  1.00 21.82 ? 78  MET A SD  1 
ATOM   291  C CE  . MET A 1 42  ? -7.210  0.186   12.103  1.00 28.10 ? 78  MET A CE  1 
ATOM   292  N N   . VAL A 1 43  ? -1.717  -2.355  11.557  1.00 18.75 ? 79  VAL A N   1 
ATOM   293  C CA  . VAL A 1 43  ? -0.350  -1.873  11.512  1.00 20.97 ? 79  VAL A CA  1 
ATOM   294  C C   . VAL A 1 43  ? 0.320   -2.240  10.166  1.00 25.84 ? 79  VAL A C   1 
ATOM   295  O O   . VAL A 1 43  ? 1.043   -1.423  9.583   1.00 23.59 ? 79  VAL A O   1 
ATOM   296  C CB  . VAL A 1 43  ? 0.465   -2.430  12.704  1.00 20.62 ? 79  VAL A CB  1 
ATOM   297  C CG1 . VAL A 1 43  ? 1.946   -2.177  12.519  1.00 19.84 ? 79  VAL A CG1 1 
ATOM   298  C CG2 . VAL A 1 43  ? -0.017  -1.813  13.997  1.00 21.40 ? 79  VAL A CG2 1 
ATOM   299  N N   . ASP A 1 44  ? 0.056   -3.444  9.651   1.00 22.85 ? 80  ASP A N   1 
ATOM   300  C CA  . ASP A 1 44  ? 0.638   -3.858  8.371   1.00 22.52 ? 80  ASP A CA  1 
ATOM   301  C C   . ASP A 1 44  ? 0.052   -3.093  7.183   1.00 22.23 ? 80  ASP A C   1 
ATOM   302  O O   . ASP A 1 44  ? 0.705   -2.928  6.151   1.00 17.11 ? 80  ASP A O   1 
ATOM   303  C CB  . ASP A 1 44  ? 0.443   -5.356  8.140   1.00 24.41 ? 80  ASP A CB  1 
ATOM   304  C CG  . ASP A 1 44  ? 1.138   -6.198  9.188   1.00 33.89 ? 80  ASP A CG  1 
ATOM   305  O OD1 . ASP A 1 44  ? 2.179   -5.733  9.712   1.00 32.62 ? 80  ASP A OD1 1 
ATOM   306  O OD2 . ASP A 1 44  ? 0.644   -7.312  9.492   1.00 38.20 ? 80  ASP A OD2 1 
ATOM   307  N N   . VAL A 1 45  ? -1.193  -2.660  7.301   1.00 20.44 ? 81  VAL A N   1 
ATOM   308  C CA  . VAL A 1 45  ? -1.754  -1.835  6.245   1.00 24.91 ? 81  VAL A CA  1 
ATOM   309  C C   . VAL A 1 45  ? -1.023  -0.487  6.244   1.00 23.95 ? 81  VAL A C   1 
ATOM   310  O O   . VAL A 1 45  ? -0.570  -0.009  5.208   1.00 16.52 ? 81  VAL A O   1 
ATOM   311  C CB  . VAL A 1 45  ? -3.261  -1.642  6.422   1.00 24.02 ? 81  VAL A CB  1 
ATOM   312  C CG1 . VAL A 1 45  ? -3.726  -0.454  5.636   1.00 18.57 ? 81  VAL A CG1 1 
ATOM   313  C CG2 . VAL A 1 45  ? -3.996  -2.917  5.982   1.00 23.38 ? 81  VAL A CG2 1 
ATOM   314  N N   . GLU A 1 46  ? -0.867  0.082   7.437   1.00 24.23 ? 82  GLU A N   1 
ATOM   315  C CA  . GLU A 1 46  ? -0.216  1.360   7.601   1.00 21.74 ? 82  GLU A CA  1 
ATOM   316  C C   . GLU A 1 46  ? 1.210   1.338   7.074   1.00 22.57 ? 82  GLU A C   1 
ATOM   317  O O   . GLU A 1 46  ? 1.591   2.207   6.305   1.00 21.54 ? 82  GLU A O   1 
ATOM   318  C CB  . GLU A 1 46  ? -0.222  1.775   9.066   1.00 22.50 ? 82  GLU A CB  1 
ATOM   319  C CG  . GLU A 1 46  ? -0.046  3.267   9.271   1.00 29.38 ? 82  GLU A CG  1 
ATOM   320  C CD  . GLU A 1 46  ? -1.131  4.086   8.566   1.00 37.94 ? 82  GLU A CD  1 
ATOM   321  O OE1 . GLU A 1 46  ? -2.302  3.623   8.494   1.00 39.79 ? 82  GLU A OE1 1 
ATOM   322  O OE2 . GLU A 1 46  ? -0.811  5.193   8.085   1.00 39.37 ? 82  GLU A OE2 1 
ATOM   323  N N   . THR A 1 47  ? 2.010   0.367   7.493   1.00 21.19 ? 83  THR A N   1 
ATOM   324  C CA  . THR A 1 47  ? 3.412   0.350   7.070   1.00 21.27 ? 83  THR A CA  1 
ATOM   325  C C   . THR A 1 47  ? 3.504   0.088   5.582   1.00 17.96 ? 83  THR A C   1 
ATOM   326  O O   . THR A 1 47  ? 4.331   0.662   4.901   1.00 19.74 ? 83  THR A O   1 
ATOM   327  C CB  . THR A 1 47  ? 4.233   -0.710  7.818   1.00 21.84 ? 83  THR A CB  1 
ATOM   328  O OG1 . THR A 1 47  ? 3.636   -1.993  7.612   1.00 24.50 ? 83  THR A OG1 1 
ATOM   329  C CG2 . THR A 1 47  ? 4.300   -0.410  9.295   1.00 15.60 ? 83  THR A CG2 1 
ATOM   330  N N   . ALA A 1 48  ? 2.626   -0.749  5.052   1.00 19.84 ? 84  ALA A N   1 
ATOM   331  C CA  . ALA A 1 48  ? 2.629   -0.981  3.607   1.00 21.58 ? 84  ALA A CA  1 
ATOM   332  C C   . ALA A 1 48  ? 2.166   0.255   2.833   1.00 19.78 ? 84  ALA A C   1 
ATOM   333  O O   . ALA A 1 48  ? 2.603   0.486   1.706   1.00 16.04 ? 84  ALA A O   1 
ATOM   334  C CB  . ALA A 1 48  ? 1.756   -2.174  3.255   1.00 20.77 ? 84  ALA A CB  1 
ATOM   335  N N   . ARG A 1 49  ? 1.264   1.035   3.426   1.00 17.79 ? 85  ARG A N   1 
ATOM   336  C CA  . ARG A 1 49  ? 0.769   2.237   2.764   1.00 20.30 ? 85  ARG A CA  1 
ATOM   337  C C   . ARG A 1 49  ? 1.886   3.265   2.729   1.00 19.17 ? 85  ARG A C   1 
ATOM   338  O O   . ARG A 1 49  ? 2.099   3.922   1.711   1.00 22.26 ? 85  ARG A O   1 
ATOM   339  C CB  . ARG A 1 49  ? -0.470  2.789   3.462   1.00 21.18 ? 85  ARG A CB  1 
ATOM   340  C CG  . ARG A 1 49  ? -1.743  2.035   3.121   1.00 23.54 ? 85  ARG A CG  1 
ATOM   341  C CD  . ARG A 1 49  ? -2.961  2.612   3.853   1.00 25.00 ? 85  ARG A CD  1 
ATOM   342  N NE  . ARG A 1 49  ? -3.243  3.971   3.401   1.00 33.56 ? 85  ARG A NE  1 
ATOM   343  C CZ  . ARG A 1 49  ? -4.105  4.280   2.439   1.00 33.36 ? 85  ARG A CZ  1 
ATOM   344  N NH1 . ARG A 1 49  ? -4.816  3.325   1.849   1.00 32.73 ? 85  ARG A NH1 1 
ATOM   345  N NH2 . ARG A 1 49  ? -4.266  5.548   2.086   1.00 32.73 ? 85  ARG A NH2 1 
ATOM   346  N N   . ASP A 1 50  ? 2.629   3.378   3.819   1.00 13.31 ? 86  ASP A N   1 
ATOM   347  C CA  . ASP A 1 50  ? 3.761   4.277   3.826   1.00 17.48 ? 86  ASP A CA  1 
ATOM   348  C C   . ASP A 1 50  ? 4.842   3.860   2.812   1.00 21.28 ? 86  ASP A C   1 
ATOM   349  O O   . ASP A 1 50  ? 5.419   4.720   2.160   1.00 20.20 ? 86  ASP A O   1 
ATOM   350  C CB  . ASP A 1 50  ? 4.355   4.382   5.238   1.00 18.78 ? 86  ASP A CB  1 
ATOM   351  C CG  . ASP A 1 50  ? 3.406   5.065   6.216   1.00 27.93 ? 86  ASP A CG  1 
ATOM   352  O OD1 . ASP A 1 50  ? 2.416   5.688   5.739   1.00 30.11 ? 86  ASP A OD1 1 
ATOM   353  O OD2 . ASP A 1 50  ? 3.642   4.973   7.454   1.00 24.04 ? 86  ASP A OD2 1 
ATOM   354  N N   . ASN A 1 51  ? 5.112   2.558   2.668   1.00 20.18 ? 87  ASN A N   1 
ATOM   355  C CA  . ASN A 1 51  ? 6.110   2.077   1.693   1.00 20.43 ? 87  ASN A CA  1 
ATOM   356  C C   . ASN A 1 51  ? 5.661   2.357   0.264   1.00 21.07 ? 87  ASN A C   1 
ATOM   357  O O   . ASN A 1 51  ? 6.469   2.701   -0.610  1.00 19.11 ? 87  ASN A O   1 
ATOM   358  C CB  . ASN A 1 51  ? 6.371   0.565   1.844   1.00 23.16 ? 87  ASN A CB  1 
ATOM   359  C CG  . ASN A 1 51  ? 7.030   0.191   3.175   1.00 22.87 ? 87  ASN A CG  1 
ATOM   360  O OD1 . ASN A 1 51  ? 7.644   1.025   3.844   1.00 22.25 ? 87  ASN A OD1 1 
ATOM   361  N ND2 . ASN A 1 51  ? 6.901   -1.079  3.560   1.00 21.82 ? 87  ASN A ND2 1 
ATOM   362  N N   . ALA A 1 52  ? 4.367   2.190   0.017   1.00 19.72 ? 88  ALA A N   1 
ATOM   363  C CA  . ALA A 1 52  ? 3.826   2.461   -1.310  1.00 21.33 ? 88  ALA A CA  1 
ATOM   364  C C   . ALA A 1 52  ? 3.886   3.966   -1.620  1.00 25.28 ? 88  ALA A C   1 
ATOM   365  O O   . ALA A 1 52  ? 4.066   4.368   -2.780  1.00 18.33 ? 88  ALA A O   1 
ATOM   366  C CB  . ALA A 1 52  ? 2.394   1.946   -1.421  1.00 20.52 ? 88  ALA A CB  1 
ATOM   367  N N   . ALA A 1 53  ? 3.732   4.790   -0.577  1.00 22.11 ? 89  ALA A N   1 
ATOM   368  C CA  . ALA A 1 53  ? 3.822   6.244   -0.725  1.00 19.24 ? 89  ALA A CA  1 
ATOM   369  C C   . ALA A 1 53  ? 5.245   6.655   -1.072  1.00 19.89 ? 89  ALA A C   1 
ATOM   370  O O   . ALA A 1 53  ? 5.467   7.518   -1.921  1.00 22.57 ? 89  ALA A O   1 
ATOM   371  C CB  . ALA A 1 53  ? 3.362   6.935   0.551   1.00 17.23 ? 89  ALA A CB  1 
ATOM   372  N N   . ALA A 1 54  ? 6.216   6.039   -0.409  1.00 16.89 ? 90  ALA A N   1 
ATOM   373  C CA  . ALA A 1 54  ? 7.602   6.344   -0.679  1.00 20.52 ? 90  ALA A CA  1 
ATOM   374  C C   . ALA A 1 54  ? 7.975   5.870   -2.077  1.00 22.17 ? 90  ALA A C   1 
ATOM   375  O O   . ALA A 1 54  ? 8.873   6.409   -2.699  1.00 20.64 ? 90  ALA A O   1 
ATOM   376  C CB  . ALA A 1 54  ? 8.497   5.708   0.367   1.00 21.09 ? 90  ALA A CB  1 
ATOM   377  N N   . ALA A 1 55  ? 7.271   4.863   -2.577  1.00 22.97 ? 91  ALA A N   1 
ATOM   378  C CA  . ALA A 1 55  ? 7.588   4.298   -3.884  1.00 21.41 ? 91  ALA A CA  1 
ATOM   379  C C   . ALA A 1 55  ? 7.015   5.160   -4.989  1.00 19.69 ? 91  ALA A C   1 
ATOM   380  O O   . ALA A 1 55  ? 7.574   5.272   -6.084  1.00 19.79 ? 91  ALA A O   1 
ATOM   381  C CB  . ALA A 1 55  ? 7.057   2.887   -3.990  1.00 22.70 ? 91  ALA A CB  1 
ATOM   382  N N   . GLU A 1 56  ? 5.873   5.755   -4.702  1.00 20.17 ? 92  GLU A N   1 
ATOM   383  C CA  . GLU A 1 56  ? 5.242   6.687   -5.619  1.00 23.46 ? 92  GLU A CA  1 
ATOM   384  C C   . GLU A 1 56  ? 6.109   7.926   -5.766  1.00 23.00 ? 92  GLU A C   1 
ATOM   385  O O   . GLU A 1 56  ? 6.304   8.410   -6.869  1.00 24.96 ? 92  GLU A O   1 
ATOM   386  C CB  . GLU A 1 56  ? 3.840   7.058   -5.125  1.00 24.01 ? 92  GLU A CB  1 
ATOM   387  C CG  . GLU A 1 56  ? 3.166   8.140   -5.946  1.00 27.52 ? 92  GLU A CG  1 
ATOM   388  C CD  . GLU A 1 56  ? 2.996   7.752   -7.407  1.00 34.76 ? 92  GLU A CD  1 
ATOM   389  O OE1 . GLU A 1 56  ? 2.967   6.537   -7.715  1.00 36.76 ? 92  GLU A OE1 1 
ATOM   390  O OE2 . GLU A 1 56  ? 2.887   8.667   -8.254  1.00 36.30 ? 92  GLU A OE2 1 
ATOM   391  N N   . ASP A 1 57  ? 6.649   8.412   -4.650  1.00 23.08 ? 93  ASP A N   1 
ATOM   392  C CA  . ASP A 1 57  ? 7.570   9.548   -4.651  1.00 24.76 ? 93  ASP A CA  1 
ATOM   393  C C   . ASP A 1 57  ? 8.836   9.276   -5.440  1.00 23.68 ? 93  ASP A C   1 
ATOM   394  O O   . ASP A 1 57  ? 9.268   10.114  -6.218  1.00 23.09 ? 93  ASP A O   1 
ATOM   395  C CB  . ASP A 1 57  ? 7.947   9.949   -3.216  1.00 27.60 ? 93  ASP A CB  1 
ATOM   396  C CG  . ASP A 1 57  ? 7.086   11.078  -2.687  1.00 44.88 ? 93  ASP A CG  1 
ATOM   397  O OD1 . ASP A 1 57  ? 7.141   12.188  -3.274  1.00 56.49 ? 93  ASP A OD1 1 
ATOM   398  O OD2 . ASP A 1 57  ? 6.358   10.868  -1.690  1.00 51.61 ? 93  ASP A OD2 1 
ATOM   399  N N   . ASP A 1 58  ? 9.443   8.113   -5.221  1.00 23.34 ? 94  ASP A N   1 
ATOM   400  C CA  . ASP A 1 58  ? 10.603  7.704   -6.002  1.00 22.75 ? 94  ASP A CA  1 
ATOM   401  C C   . ASP A 1 58  ? 10.267  7.747   -7.486  1.00 22.83 ? 94  ASP A C   1 
ATOM   402  O O   . ASP A 1 58  ? 11.053  8.217   -8.304  1.00 20.31 ? 94  ASP A O   1 
ATOM   403  C CB  . ASP A 1 58  ? 11.054  6.296   -5.613  1.00 23.48 ? 94  ASP A CB  1 
ATOM   404  C CG  . ASP A 1 58  ? 11.684  6.236   -4.227  1.00 32.38 ? 94  ASP A CG  1 
ATOM   405  O OD1 . ASP A 1 58  ? 11.638  7.257   -3.509  1.00 35.20 ? 94  ASP A OD1 1 
ATOM   406  O OD2 . ASP A 1 58  ? 12.197  5.155   -3.839  1.00 34.89 ? 94  ASP A OD2 1 
ATOM   407  N N   . LEU A 1 59  ? 9.087   7.255   -7.838  1.00 23.46 ? 95  LEU A N   1 
ATOM   408  C CA  . LEU A 1 59  ? 8.741   7.141   -9.247  1.00 25.21 ? 95  LEU A CA  1 
ATOM   409  C C   . LEU A 1 59  ? 8.581   8.524   -9.861  1.00 24.39 ? 95  LEU A C   1 
ATOM   410  O O   . LEU A 1 59  ? 9.064   8.786   -10.965 1.00 22.55 ? 95  LEU A O   1 
ATOM   411  C CB  . LEU A 1 59  ? 7.465   6.319   -9.433  1.00 22.75 ? 95  LEU A CB  1 
ATOM   412  C CG  . LEU A 1 59  ? 6.855   6.359   -10.830 1.00 28.44 ? 95  LEU A CG  1 
ATOM   413  C CD1 . LEU A 1 59  ? 7.840   5.866   -11.877 1.00 27.82 ? 95  LEU A CD1 1 
ATOM   414  C CD2 . LEU A 1 59  ? 5.608   5.517   -10.846 1.00 33.19 ? 95  LEU A CD2 1 
ATOM   415  N N   . GLU A 1 60  ? 7.906   9.402   -9.129  1.00 23.27 ? 96  GLU A N   1 
ATOM   416  C CA  . GLU A 1 60  ? 7.638   10.757  -9.589  1.00 22.16 ? 96  GLU A CA  1 
ATOM   417  C C   . GLU A 1 60  ? 8.948   11.532  -9.749  1.00 22.30 ? 96  GLU A C   1 
ATOM   418  O O   . GLU A 1 60  ? 9.142   12.257  -10.722 1.00 20.93 ? 96  GLU A O   1 
ATOM   419  C CB  . GLU A 1 60  ? 6.703   11.471  -8.611  1.00 23.27 ? 96  GLU A CB  1 
ATOM   420  C CG  . GLU A 1 60  ? 5.289   10.888  -8.577  1.00 28.38 ? 96  GLU A CG  1 
ATOM   421  C CD  . GLU A 1 60  ? 4.408   11.528  -7.516  1.00 36.48 ? 96  GLU A CD  1 
ATOM   422  O OE1 . GLU A 1 60  ? 4.954   12.288  -6.685  1.00 35.73 ? 96  GLU A OE1 1 
ATOM   423  O OE2 . GLU A 1 60  ? 3.175   11.266  -7.508  1.00 38.80 ? 96  GLU A OE2 1 
ATOM   424  N N   . VAL A 1 61  ? 9.847   11.359  -8.786  1.00 21.11 ? 97  VAL A N   1 
ATOM   425  C CA  . VAL A 1 61  ? 11.172  11.945  -8.857  1.00 21.35 ? 97  VAL A CA  1 
ATOM   426  C C   . VAL A 1 61  ? 11.915  11.426  -10.085 1.00 22.03 ? 97  VAL A C   1 
ATOM   427  O O   . VAL A 1 61  ? 12.608  12.184  -10.752 1.00 18.76 ? 97  VAL A O   1 
ATOM   428  C CB  . VAL A 1 61  ? 11.986  11.651  -7.578  1.00 19.14 ? 97  VAL A CB  1 
ATOM   429  C CG1 . VAL A 1 61  ? 13.471  11.828  -7.825  1.00 20.71 ? 97  VAL A CG1 1 
ATOM   430  C CG2 . VAL A 1 61  ? 11.525  12.555  -6.436  1.00 20.43 ? 97  VAL A CG2 1 
ATOM   431  N N   . SER A 1 62  ? 11.766  10.145  -10.403 1.00 17.35 ? 98  SER A N   1 
ATOM   432  C CA  . SER A 1 62  ? 12.543  9.590   -11.493 1.00 19.02 ? 98  SER A CA  1 
ATOM   433  C C   . SER A 1 62  ? 12.012  10.101  -12.828 1.00 20.91 ? 98  SER A C   1 
ATOM   434  O O   . SER A 1 62  ? 12.777  10.314  -13.767 1.00 18.53 ? 98  SER A O   1 
ATOM   435  C CB  . SER A 1 62  ? 12.543  8.063   -11.443 1.00 20.01 ? 98  SER A CB  1 
ATOM   436  O OG  . SER A 1 62  ? 11.283  7.533   -11.822 1.00 24.81 ? 98  SER A OG  1 
ATOM   437  N N   . GLN A 1 63  ? 10.709  10.322  -12.901 1.00 21.66 ? 99  GLN A N   1 
ATOM   438  C CA  . GLN A 1 63  ? 10.074  10.801  -14.126 1.00 24.42 ? 99  GLN A CA  1 
ATOM   439  C C   . GLN A 1 63  ? 10.449  12.252  -14.388 1.00 24.34 ? 99  GLN A C   1 
ATOM   440  O O   . GLN A 1 63  ? 10.557  12.694  -15.542 1.00 20.67 ? 99  GLN A O   1 
ATOM   441  C CB  . GLN A 1 63  ? 8.558   10.676  -14.033 1.00 23.02 ? 99  GLN A CB  1 
ATOM   442  C CG  . GLN A 1 63  ? 8.052   9.242   -14.037 1.00 29.48 ? 99  GLN A CG  1 
ATOM   443  C CD  . GLN A 1 63  ? 6.575   9.166   -13.735 1.00 30.85 ? 99  GLN A CD  1 
ATOM   444  O OE1 . GLN A 1 63  ? 6.083   9.900   -12.886 1.00 26.85 ? 99  GLN A OE1 1 
ATOM   445  N NE2 . GLN A 1 63  ? 5.858   8.285   -14.429 1.00 34.68 ? 99  GLN A NE2 1 
ATOM   446  N N   . ARG A 1 64  ? 10.626  12.988  -13.298 1.00 20.23 ? 100 ARG A N   1 
ATOM   447  C CA  . ARG A 1 64  ? 11.044  14.373  -13.361 1.00 22.75 ? 100 ARG A CA  1 
ATOM   448  C C   . ARG A 1 64  ? 12.494  14.475  -13.846 1.00 23.56 ? 100 ARG A C   1 
ATOM   449  O O   . ARG A 1 64  ? 12.836  15.365  -14.625 1.00 19.80 ? 100 ARG A O   1 
ATOM   450  C CB  . ARG A 1 64  ? 10.874  15.002  -11.995 1.00 24.16 ? 100 ARG A CB  1 
ATOM   451  C CG  . ARG A 1 64  ? 11.029  16.493  -11.922 1.00 30.44 ? 100 ARG A CG  1 
ATOM   452  C CD  . ARG A 1 64  ? 10.506  16.914  -10.558 1.00 36.42 ? 100 ARG A CD  1 
ATOM   453  N NE  . ARG A 1 64  ? 9.247   16.213  -10.281 1.00 44.13 ? 100 ARG A NE  1 
ATOM   454  C CZ  . ARG A 1 64  ? 8.899   15.690  -9.101  1.00 38.37 ? 100 ARG A CZ  1 
ATOM   455  N NH1 . ARG A 1 64  ? 9.704   15.784  -8.050  1.00 36.69 ? 100 ARG A NH1 1 
ATOM   456  N NH2 . ARG A 1 64  ? 7.730   15.078  -8.973  1.00 30.20 ? 100 ARG A NH2 1 
ATOM   457  N N   . ALA A 1 65  ? 13.341  13.548  -13.408 1.00 20.55 ? 101 ALA A N   1 
ATOM   458  C CA  . ALA A 1 65  ? 14.719  13.510  -13.899 1.00 21.79 ? 101 ALA A CA  1 
ATOM   459  C C   . ALA A 1 65  ? 14.764  13.228  -15.408 1.00 23.28 ? 101 ALA A C   1 
ATOM   460  O O   . ALA A 1 65  ? 15.624  13.748  -16.124 1.00 22.27 ? 101 ALA A O   1 
ATOM   461  C CB  . ALA A 1 65  ? 15.523  12.481  -13.143 1.00 18.94 ? 101 ALA A CB  1 
ATOM   462  N N   . VAL A 1 66  ? 13.834  12.413  -15.895 1.00 20.80 ? 102 VAL A N   1 
ATOM   463  C CA  . VAL A 1 66  ? 13.788  12.117  -17.317 1.00 23.76 ? 102 VAL A CA  1 
ATOM   464  C C   . VAL A 1 66  ? 13.360  13.363  -18.093 1.00 26.54 ? 102 VAL A C   1 
ATOM   465  O O   . VAL A 1 66  ? 13.954  13.711  -19.122 1.00 21.87 ? 102 VAL A O   1 
ATOM   466  C CB  . VAL A 1 66  ? 12.824  10.952  -17.625 1.00 29.07 ? 102 VAL A CB  1 
ATOM   467  C CG1 . VAL A 1 66  ? 12.496  10.911  -19.110 1.00 26.14 ? 102 VAL A CG1 1 
ATOM   468  C CG2 . VAL A 1 66  ? 13.433  9.632   -17.175 1.00 24.52 ? 102 VAL A CG2 1 
ATOM   469  N N   . LYS A 1 67  ? 12.332  14.038  -17.584 1.00 24.52 ? 103 LYS A N   1 
ATOM   470  C CA  . LYS A 1 67  ? 11.848  15.259  -18.211 1.00 25.04 ? 103 LYS A CA  1 
ATOM   471  C C   . LYS A 1 67  ? 12.987  16.259  -18.283 1.00 24.63 ? 103 LYS A C   1 
ATOM   472  O O   . LYS A 1 67  ? 13.167  16.934  -19.299 1.00 22.03 ? 103 LYS A O   1 
ATOM   473  C CB  . LYS A 1 67  ? 10.655  15.836  -17.440 1.00 27.87 ? 103 LYS A CB  1 
ATOM   474  C CG  . LYS A 1 67  ? 10.093  17.119  -18.034 1.00 29.22 ? 103 LYS A CG  1 
ATOM   475  C CD  . LYS A 1 67  ? 8.830   17.596  -17.297 1.00 38.87 ? 103 LYS A CD  1 
ATOM   476  C CE  . LYS A 1 67  ? 7.574   16.877  -17.804 1.00 49.00 ? 103 LYS A CE  1 
ATOM   477  N NZ  . LYS A 1 67  ? 6.305   17.312  -17.123 1.00 48.21 ? 103 LYS A NZ  1 
ATOM   478  N N   . ASP A 1 68  ? 13.778  16.334  -17.210 1.00 23.08 ? 104 ASP A N   1 
ATOM   479  C CA  . ASP A 1 68  ? 14.918  17.248  -17.175 1.00 20.94 ? 104 ASP A CA  1 
ATOM   480  C C   . ASP A 1 68  ? 15.942  16.854  -18.225 1.00 23.52 ? 104 ASP A C   1 
ATOM   481  O O   . ASP A 1 68  ? 16.323  17.683  -19.050 1.00 23.26 ? 104 ASP A O   1 
ATOM   482  C CB  . ASP A 1 68  ? 15.563  17.280  -15.793 1.00 20.57 ? 104 ASP A CB  1 
ATOM   483  C CG  . ASP A 1 68  ? 14.705  18.023  -14.752 1.00 35.16 ? 104 ASP A CG  1 
ATOM   484  O OD1 . ASP A 1 68  ? 13.519  18.311  -15.036 1.00 34.45 ? 104 ASP A OD1 1 
ATOM   485  O OD2 . ASP A 1 68  ? 15.208  18.296  -13.633 1.00 40.42 ? 104 ASP A OD2 1 
ATOM   486  N N   . ALA A 1 69  ? 16.380  15.595  -18.196 1.00 22.37 ? 105 ALA A N   1 
ATOM   487  C CA  . ALA A 1 69  ? 17.303  15.067  -19.202 1.00 22.96 ? 105 ALA A CA  1 
ATOM   488  C C   . ALA A 1 69  ? 16.849  15.403  -20.624 1.00 24.34 ? 105 ALA A C   1 
ATOM   489  O O   . ALA A 1 69  ? 17.664  15.787  -21.467 1.00 23.05 ? 105 ALA A O   1 
ATOM   490  C CB  . ALA A 1 69  ? 17.450  13.570  -19.048 1.00 21.61 ? 105 ALA A CB  1 
ATOM   491  N N   . ASN A 1 70  ? 15.549  15.274  -20.891 1.00 22.56 ? 106 ASN A N   1 
ATOM   492  C CA  . ASN A 1 70  ? 15.026  15.591  -22.217 1.00 24.03 ? 106 ASN A CA  1 
ATOM   493  C C   . ASN A 1 70  ? 15.161  17.070  -22.532 1.00 26.95 ? 106 ASN A C   1 
ATOM   494  O O   . ASN A 1 70  ? 15.483  17.449  -23.667 1.00 21.06 ? 106 ASN A O   1 
ATOM   495  C CB  . ASN A 1 70  ? 13.559  15.171  -22.347 1.00 26.55 ? 106 ASN A CB  1 
ATOM   496  C CG  . ASN A 1 70  ? 13.396  13.668  -22.567 1.00 28.43 ? 106 ASN A CG  1 
ATOM   497  O OD1 . ASN A 1 70  ? 14.294  13.000  -23.096 1.00 24.14 ? 106 ASN A OD1 1 
ATOM   498  N ND2 . ASN A 1 70  ? 12.247  13.131  -22.151 1.00 29.69 ? 106 ASN A ND2 1 
ATOM   499  N N   . ALA A 1 71  ? 14.909  17.899  -21.522 1.00 21.21 ? 107 ALA A N   1 
ATOM   500  C CA  . ALA A 1 71  ? 15.013  19.331  -21.687 1.00 20.78 ? 107 ALA A CA  1 
ATOM   501  C C   . ALA A 1 71  ? 16.467  19.725  -21.938 1.00 24.55 ? 107 ALA A C   1 
ATOM   502  O O   . ALA A 1 71  ? 16.737  20.631  -22.732 1.00 23.20 ? 107 ALA A O   1 
ATOM   503  C CB  . ALA A 1 71  ? 14.458  20.043  -20.478 1.00 18.30 ? 107 ALA A CB  1 
ATOM   504  N N   . ALA A 1 72  ? 17.401  19.023  -21.291 1.00 21.77 ? 108 ALA A N   1 
ATOM   505  C CA  . ALA A 1 72  ? 18.818  19.282  -21.486 1.00 18.85 ? 108 ALA A CA  1 
ATOM   506  C C   . ALA A 1 72  ? 19.217  18.979  -22.920 1.00 23.72 ? 108 ALA A C   1 
ATOM   507  O O   . ALA A 1 72  ? 20.025  19.677  -23.517 1.00 23.55 ? 108 ALA A O   1 
ATOM   508  C CB  . ALA A 1 72  ? 19.646  18.467  -20.536 1.00 19.88 ? 108 ALA A CB  1 
ATOM   509  N N   . ILE A 1 73  ? 18.655  17.926  -23.483 1.00 21.27 ? 109 ILE A N   1 
ATOM   510  C CA  . ILE A 1 73  ? 19.011  17.580  -24.843 1.00 24.33 ? 109 ILE A CA  1 
ATOM   511  C C   . ILE A 1 73  ? 18.465  18.645  -25.804 1.00 26.17 ? 109 ILE A C   1 
ATOM   512  O O   . ILE A 1 73  ? 19.169  19.096  -26.714 1.00 23.59 ? 109 ILE A O   1 
ATOM   513  C CB  . ILE A 1 73  ? 18.499  16.174  -25.189 1.00 24.88 ? 109 ILE A CB  1 
ATOM   514  C CG1 . ILE A 1 73  ? 19.352  15.138  -24.449 1.00 22.07 ? 109 ILE A CG1 1 
ATOM   515  C CG2 . ILE A 1 73  ? 18.551  15.919  -26.692 1.00 25.62 ? 109 ILE A CG2 1 
ATOM   516  C CD1 . ILE A 1 73  ? 18.666  13.830  -24.259 1.00 20.55 ? 109 ILE A CD1 1 
ATOM   517  N N   . ALA A 1 74  ? 17.228  19.073  -25.577 1.00 24.52 ? 110 ALA A N   1 
ATOM   518  C CA  . ALA A 1 74  ? 16.596  20.068  -26.439 1.00 25.82 ? 110 ALA A CA  1 
ATOM   519  C C   . ALA A 1 74  ? 17.321  21.410  -26.376 1.00 25.35 ? 110 ALA A C   1 
ATOM   520  O O   . ALA A 1 74  ? 17.422  22.120  -27.370 1.00 24.21 ? 110 ALA A O   1 
ATOM   521  C CB  . ALA A 1 74  ? 15.149  20.245  -26.050 1.00 24.11 ? 110 ALA A CB  1 
ATOM   522  N N   . ALA A 1 75  ? 17.800  21.757  -25.188 1.00 25.12 ? 111 ALA A N   1 
ATOM   523  C CA  . ALA A 1 75  ? 18.476  23.021  -24.979 1.00 24.38 ? 111 ALA A CA  1 
ATOM   524  C C   . ALA A 1 75  ? 19.831  22.987  -25.657 1.00 24.59 ? 111 ALA A C   1 
ATOM   525  O O   . ALA A 1 75  ? 20.181  23.905  -26.388 1.00 26.26 ? 111 ALA A O   1 
ATOM   526  C CB  . ALA A 1 75  ? 18.630  23.314  -23.509 1.00 20.61 ? 111 ALA A CB  1 
ATOM   527  N N   . ALA A 1 76  ? 20.590  21.926  -25.428 1.00 20.14 ? 112 ALA A N   1 
ATOM   528  C CA  . ALA A 1 76  ? 21.899  21.828  -26.054 1.00 25.14 ? 112 ALA A CA  1 
ATOM   529  C C   . ALA A 1 76  ? 21.785  21.846  -27.571 1.00 27.25 ? 112 ALA A C   1 
ATOM   530  O O   . ALA A 1 76  ? 22.582  22.493  -28.246 1.00 31.28 ? 112 ALA A O   1 
ATOM   531  C CB  . ALA A 1 76  ? 22.616  20.578  -25.600 1.00 24.99 ? 112 ALA A CB  1 
ATOM   532  N N   . GLN A 1 77  ? 20.813  21.127  -28.118 1.00 24.94 ? 113 GLN A N   1 
ATOM   533  C CA  . GLN A 1 77  ? 20.641  21.105  -29.562 1.00 26.26 ? 113 GLN A CA  1 
ATOM   534  C C   . GLN A 1 77  ? 20.399  22.523  -30.088 1.00 28.55 ? 113 GLN A C   1 
ATOM   535  O O   . GLN A 1 77  ? 20.950  22.923  -31.114 1.00 23.61 ? 113 GLN A O   1 
ATOM   536  C CB  . GLN A 1 77  ? 19.485  20.190  -29.961 1.00 23.94 ? 113 GLN A CB  1 
ATOM   537  C CG  . GLN A 1 77  ? 19.252  20.129  -31.472 1.00 28.14 ? 113 GLN A CG  1 
ATOM   538  C CD  . GLN A 1 77  ? 20.461  19.604  -32.234 1.00 36.16 ? 113 GLN A CD  1 
ATOM   539  O OE1 . GLN A 1 77  ? 21.304  20.380  -32.703 1.00 39.13 ? 113 GLN A OE1 1 
ATOM   540  N NE2 . GLN A 1 77  ? 20.548  18.278  -32.371 1.00 36.28 ? 113 GLN A NE2 1 
ATOM   541  N N   . HIS A 1 78  ? 19.584  23.283  -29.387 1.00 23.34 ? 114 HIS A N   1 
ATOM   542  C CA  . HIS A 1 78  ? 19.273  24.633  -29.762 1.00 26.92 ? 114 HIS A CA  1 
ATOM   543  C C   . HIS A 1 78  ? 20.441  25.622  -29.638 1.00 26.01 ? 114 HIS A C   1 
ATOM   544  O O   . HIS A 1 78  ? 20.567  26.510  -30.397 1.00 21.98 ? 114 HIS A O   1 
ATOM   545  C CB  . HIS A 1 78  ? 18.066  25.112  -28.989 1.00 26.39 ? 114 HIS A CB  1 
ATOM   546  C CG  . HIS A 1 78  ? 17.819  26.571  -29.097 1.00 30.58 ? 114 HIS A CG  1 
ATOM   547  N ND1 . HIS A 1 78  ? 17.071  27.122  -30.103 1.00 29.18 ? 114 HIS A ND1 1 
ATOM   548  C CD2 . HIS A 1 78  ? 18.252  27.597  -28.343 1.00 30.36 ? 114 HIS A CD2 1 
ATOM   549  C CE1 . HIS A 1 78  ? 17.021  28.415  -29.940 1.00 29.73 ? 114 HIS A CE1 1 
ATOM   550  N NE2 . HIS A 1 78  ? 17.751  28.733  -28.897 1.00 34.90 ? 114 HIS A NE2 1 
ATOM   551  N N   . ARG A 1 79  ? 21.270  25.422  -28.645 1.00 26.82 ? 115 ARG A N   1 
ATOM   552  C CA  . ARG A 1 79  ? 22.407  26.246  -28.419 1.00 25.80 ? 115 ARG A CA  1 
ATOM   553  C C   . ARG A 1 79  ? 23.355  26.044  -29.586 1.00 29.18 ? 115 ARG A C   1 
ATOM   554  O O   . ARG A 1 79  ? 23.838  26.973  -30.136 1.00 29.07 ? 115 ARG A O   1 
ATOM   555  C CB  . ARG A 1 79  ? 23.049  25.888  -27.114 1.00 26.82 ? 115 ARG A CB  1 
ATOM   556  C CG  . ARG A 1 79  ? 24.499  26.222  -26.989 1.00 36.74 ? 115 ARG A CG  1 
ATOM   557  C CD  . ARG A 1 79  ? 24.981  26.045  -25.566 1.00 42.20 ? 115 ARG A CD  1 
ATOM   558  N NE  . ARG A 1 79  ? 25.763  24.857  -25.374 1.00 40.61 ? 115 ARG A NE  1 
ATOM   559  C CZ  . ARG A 1 79  ? 25.398  23.868  -24.582 1.00 43.14 ? 115 ARG A CZ  1 
ATOM   560  N NH1 . ARG A 1 79  ? 24.262  23.929  -23.910 1.00 39.99 ? 115 ARG A NH1 1 
ATOM   561  N NH2 . ARG A 1 79  ? 26.161  22.817  -24.470 1.00 45.34 ? 115 ARG A NH2 1 
ATOM   562  N N   . PHE A 1 80  ? 23.583  24.810  -29.945 1.00 28.17 ? 116 PHE A N   1 
ATOM   563  C CA  . PHE A 1 80  ? 24.460  24.498  -31.023 1.00 29.39 ? 116 PHE A CA  1 
ATOM   564  C C   . PHE A 1 80  ? 23.901  25.001  -32.348 1.00 28.06 ? 116 PHE A C   1 
ATOM   565  O O   . PHE A 1 80  ? 24.613  25.522  -33.126 1.00 24.72 ? 116 PHE A O   1 
ATOM   566  C CB  . PHE A 1 80  ? 24.819  23.028  -31.023 1.00 31.23 ? 116 PHE A CB  1 
ATOM   567  C CG  . PHE A 1 80  ? 25.763  22.630  -29.921 1.00 33.98 ? 116 PHE A CG  1 
ATOM   568  C CD1 . PHE A 1 80  ? 26.948  23.288  -29.742 1.00 35.39 ? 116 PHE A CD1 1 
ATOM   569  C CD2 . PHE A 1 80  ? 25.464  21.594  -29.082 1.00 32.94 ? 116 PHE A CD2 1 
ATOM   570  C CE1 . PHE A 1 80  ? 27.803  22.938  -28.736 1.00 36.45 ? 116 PHE A CE1 1 
ATOM   571  C CE2 . PHE A 1 80  ? 26.309  21.232  -28.082 1.00 35.27 ? 116 PHE A CE2 1 
ATOM   572  C CZ  . PHE A 1 80  ? 27.492  21.890  -27.907 1.00 36.08 ? 116 PHE A CZ  1 
ATOM   573  N N   . ASP A 1 81  ? 22.608  24.849  -32.552 1.00 29.66 ? 117 ASP A N   1 
ATOM   574  C CA  . ASP A 1 81  ? 21.942  25.347  -33.760 1.00 26.29 ? 117 ASP A CA  1 
ATOM   575  C C   . ASP A 1 81  ? 22.055  26.872  -33.879 1.00 27.85 ? 117 ASP A C   1 
ATOM   576  O O   . ASP A 1 81  ? 22.223  27.399  -34.971 1.00 23.34 ? 117 ASP A O   1 
ATOM   577  C CB  . ASP A 1 81  ? 20.465  24.931  -33.770 1.00 29.69 ? 117 ASP A CB  1 
ATOM   578  C CG  . ASP A 1 81  ? 20.272  23.455  -34.108 1.00 33.63 ? 117 ASP A CG  1 
ATOM   579  O OD1 . ASP A 1 81  ? 21.278  22.789  -34.429 1.00 37.64 ? 117 ASP A OD1 1 
ATOM   580  O OD2 . ASP A 1 81  ? 19.120  22.959  -34.067 1.00 34.32 ? 117 ASP A OD2 1 
ATOM   581  N N   . THR A 1 82  ? 21.971  27.568  -32.744 1.00 27.48 ? 118 THR A N   1 
ATOM   582  C CA  . THR A 1 82  ? 22.087  29.025  -32.685 1.00 26.13 ? 118 THR A CA  1 
ATOM   583  C C   . THR A 1 82  ? 23.525  29.468  -32.936 1.00 26.22 ? 118 THR A C   1 
ATOM   584  O O   . THR A 1 82  ? 23.790  30.376  -33.726 1.00 29.14 ? 118 THR A O   1 
ATOM   585  C CB  . THR A 1 82  ? 21.600  29.554  -31.320 1.00 26.97 ? 118 THR A CB  1 
ATOM   586  O OG1 . THR A 1 82  ? 20.195  29.341  -31.220 1.00 31.95 ? 118 THR A OG1 1 
ATOM   587  C CG2 . THR A 1 82  ? 21.827  31.047  -31.184 1.00 33.14 ? 118 THR A CG2 1 
ATOM   588  N N   . PHE A 1 83  ? 24.455  28.830  -32.244 1.00 25.41 ? 119 PHE A N   1 
ATOM   589  C CA  . PHE A 1 83  ? 25.871  29.029  -32.527 1.00 27.32 ? 119 PHE A CA  1 
ATOM   590  C C   . PHE A 1 83  ? 26.172  28.990  -34.037 1.00 29.43 ? 119 PHE A C   1 
ATOM   591  O O   . PHE A 1 83  ? 26.802  29.892  -34.613 1.00 29.98 ? 119 PHE A O   1 
ATOM   592  C CB  . PHE A 1 83  ? 26.705  27.937  -31.856 1.00 32.04 ? 119 PHE A CB  1 
ATOM   593  C CG  . PHE A 1 83  ? 28.189  28.268  -31.726 1.00 45.74 ? 119 PHE A CG  1 
ATOM   594  C CD1 . PHE A 1 83  ? 28.891  27.945  -30.558 1.00 56.37 ? 119 PHE A CD1 1 
ATOM   595  C CD2 . PHE A 1 83  ? 28.878  28.905  -32.750 1.00 43.07 ? 119 PHE A CD2 1 
ATOM   596  C CE1 . PHE A 1 83  ? 30.242  28.214  -30.415 1.00 57.99 ? 119 PHE A CE1 1 
ATOM   597  C CE2 . PHE A 1 83  ? 30.242  29.219  -32.635 1.00 49.40 ? 119 PHE A CE2 1 
ATOM   598  C CZ  . PHE A 1 83  ? 30.922  28.881  -31.461 1.00 52.58 ? 119 PHE A CZ  1 
ATOM   599  N N   . ALA A 1 84  ? 25.728  27.919  -34.676 1.00 27.02 ? 120 ALA A N   1 
ATOM   600  C CA  . ALA A 1 84  ? 26.005  27.708  -36.091 1.00 23.07 ? 120 ALA A CA  1 
ATOM   601  C C   . ALA A 1 84  ? 25.299  28.758  -36.927 1.00 27.35 ? 120 ALA A C   1 
ATOM   602  O O   . ALA A 1 84  ? 25.878  29.280  -37.870 1.00 23.89 ? 120 ALA A O   1 
ATOM   603  C CB  . ALA A 1 84  ? 25.569  26.357  -36.503 1.00 20.25 ? 120 ALA A CB  1 
ATOM   604  N N   . ALA A 1 85  ? 24.049  29.071  -36.579 1.00 26.75 ? 121 ALA A N   1 
ATOM   605  C CA  . ALA A 1 85  ? 23.260  30.025  -37.359 1.00 26.42 ? 121 ALA A CA  1 
ATOM   606  C C   . ALA A 1 85  ? 23.819  31.443  -37.208 1.00 31.72 ? 121 ALA A C   1 
ATOM   607  O O   . ALA A 1 85  ? 23.901  32.176  -38.192 1.00 32.95 ? 121 ALA A O   1 
ATOM   608  C CB  . ALA A 1 85  ? 21.792  29.983  -36.956 1.00 22.13 ? 121 ALA A CB  1 
ATOM   609  N N   . ALA A 1 86  ? 24.222  31.820  -35.991 1.00 27.23 ? 122 ALA A N   1 
ATOM   610  C CA  . ALA A 1 86  ? 24.819  33.138  -35.776 1.00 26.14 ? 122 ALA A CA  1 
ATOM   611  C C   . ALA A 1 86  ? 26.138  33.265  -36.532 1.00 31.05 ? 122 ALA A C   1 
ATOM   612  O O   . ALA A 1 86  ? 26.419  34.293  -37.158 1.00 30.47 ? 122 ALA A O   1 
ATOM   613  C CB  . ALA A 1 86  ? 25.036  33.399  -34.307 1.00 24.75 ? 122 ALA A CB  1 
ATOM   614  N N   . THR A 1 87  ? 26.951  32.220  -36.478 1.00 29.88 ? 123 THR A N   1 
ATOM   615  C CA  . THR A 1 87  ? 28.230  32.227  -37.187 1.00 28.56 ? 123 THR A CA  1 
ATOM   616  C C   . THR A 1 87  ? 28.037  32.387  -38.695 1.00 31.67 ? 123 THR A C   1 
ATOM   617  O O   . THR A 1 87  ? 28.741  33.155  -39.359 1.00 29.83 ? 123 THR A O   1 
ATOM   618  C CB  . THR A 1 87  ? 29.001  30.949  -36.906 1.00 29.04 ? 123 THR A CB  1 
ATOM   619  O OG1 . THR A 1 87  ? 29.195  30.832  -35.491 1.00 32.70 ? 123 THR A OG1 1 
ATOM   620  C CG2 . THR A 1 87  ? 30.354  30.970  -37.636 1.00 27.62 ? 123 THR A CG2 1 
ATOM   621  N N   . TYR A 1 88  ? 27.060  31.661  -39.223 1.00 30.16 ? 124 TYR A N   1 
ATOM   622  C CA  . TYR A 1 88  ? 26.749  31.710  -40.643 1.00 34.26 ? 124 TYR A CA  1 
ATOM   623  C C   . TYR A 1 88  ? 26.200  33.076  -41.088 1.00 33.71 ? 124 TYR A C   1 
ATOM   624  O O   . TYR A 1 88  ? 26.642  33.635  -42.101 1.00 34.37 ? 124 TYR A O   1 
ATOM   625  C CB  . TYR A 1 88  ? 25.751  30.606  -40.968 1.00 29.88 ? 124 TYR A CB  1 
ATOM   626  C CG  . TYR A 1 88  ? 25.261  30.588  -42.400 1.00 36.11 ? 124 TYR A CG  1 
ATOM   627  C CD1 . TYR A 1 88  ? 26.070  30.106  -43.429 1.00 39.71 ? 124 TYR A CD1 1 
ATOM   628  C CD2 . TYR A 1 88  ? 23.976  31.027  -42.720 1.00 33.66 ? 124 TYR A CD2 1 
ATOM   629  C CE1 . TYR A 1 88  ? 25.614  30.069  -44.736 1.00 40.19 ? 124 TYR A CE1 1 
ATOM   630  C CE2 . TYR A 1 88  ? 23.516  30.997  -44.020 1.00 36.42 ? 124 TYR A CE2 1 
ATOM   631  C CZ  . TYR A 1 88  ? 24.336  30.512  -45.024 1.00 38.09 ? 124 TYR A CZ  1 
ATOM   632  O OH  . TYR A 1 88  ? 23.881  30.479  -46.324 1.00 45.52 ? 124 TYR A OH  1 
ATOM   633  N N   . MET A 1 89  ? 25.240  33.606  -40.332 1.00 29.66 ? 125 MET A N   1 
ATOM   634  C CA  . MET A 1 89  ? 24.590  34.865  -40.689 1.00 30.78 ? 125 MET A CA  1 
ATOM   635  C C   . MET A 1 89  ? 25.582  36.011  -40.725 1.00 32.04 ? 125 MET A C   1 
ATOM   636  O O   . MET A 1 89  ? 25.513  36.861  -41.605 1.00 35.32 ? 125 MET A O   1 
ATOM   637  C CB  . MET A 1 89  ? 23.452  35.200  -39.717 1.00 28.30 ? 125 MET A CB  1 
ATOM   638  C CG  . MET A 1 89  ? 22.271  34.238  -39.807 1.00 30.78 ? 125 MET A CG  1 
ATOM   639  S SD  . MET A 1 89  ? 21.647  34.088  -41.495 1.00 42.89 ? 125 MET A SD  1 
ATOM   640  C CE  . MET A 1 89  ? 20.565  35.512  -41.513 1.00 37.95 ? 125 MET A CE  1 
ATOM   641  N N   . ASN A 1 90  ? 26.501  36.037  -39.766 1.00 31.84 ? 126 ASN A N   1 
ATOM   642  C CA  . ASN A 1 90  ? 27.530  37.071  -39.730 1.00 31.33 ? 126 ASN A CA  1 
ATOM   643  C C   . ASN A 1 90  ? 28.751  36.701  -40.566 1.00 32.58 ? 126 ASN A C   1 
ATOM   644  O O   . ASN A 1 90  ? 29.728  37.448  -40.593 1.00 36.76 ? 126 ASN A O   1 
ATOM   645  C CB  . ASN A 1 90  ? 27.956  37.355  -38.286 1.00 27.36 ? 126 ASN A CB  1 
ATOM   646  C CG  . ASN A 1 90  ? 26.818  37.870  -37.432 1.00 25.55 ? 126 ASN A CG  1 
ATOM   647  O OD1 . ASN A 1 90  ? 26.451  39.043  -37.508 1.00 27.28 ? 126 ASN A OD1 1 
ATOM   648  N ND2 . ASN A 1 90  ? 26.251  37.001  -36.612 1.00 27.34 ? 126 ASN A ND2 1 
ATOM   649  N N   . GLY A 1 91  ? 28.680  35.557  -41.257 1.00 30.66 ? 127 GLY A N   1 
ATOM   650  C CA  . GLY A 1 91  ? 29.801  35.027  -42.027 1.00 36.02 ? 127 GLY A CA  1 
ATOM   651  C C   . GLY A 1 91  ? 29.903  35.501  -43.476 1.00 39.55 ? 127 GLY A C   1 
ATOM   652  O O   . GLY A 1 91  ? 29.151  36.381  -43.892 1.00 37.83 ? 127 GLY A O   1 
ATOM   653  N N   . PRO A 1 92  ? 30.836  34.913  -44.257 1.00 42.75 ? 128 PRO A N   1 
ATOM   654  C CA  . PRO A 1 92  ? 31.098  35.325  -45.646 1.00 43.50 ? 128 PRO A CA  1 
ATOM   655  C C   . PRO A 1 92  ? 29.974  34.956  -46.634 1.00 43.29 ? 128 PRO A C   1 
ATOM   656  O O   . PRO A 1 92  ? 29.887  35.572  -47.696 1.00 45.47 ? 128 PRO A O   1 
ATOM   657  C CB  . PRO A 1 92  ? 32.398  34.577  -45.999 1.00 40.17 ? 128 PRO A CB  1 
ATOM   658  C CG  . PRO A 1 92  ? 32.942  34.075  -44.687 1.00 36.01 ? 128 PRO A CG  1 
ATOM   659  C CD  . PRO A 1 92  ? 31.744  33.827  -43.844 1.00 35.36 ? 128 PRO A CD  1 
ATOM   660  N N   . SER A 1 93  ? 29.133  33.981  -46.295 1.00 39.33 ? 129 SER A N   1 
ATOM   661  C CA  . SER A 1 93  ? 27.979  33.647  -47.134 1.00 42.15 ? 129 SER A CA  1 
ATOM   662  C C   . SER A 1 93  ? 26.817  34.665  -47.011 1.00 43.97 ? 129 SER A C   1 
ATOM   663  O O   . SER A 1 93  ? 25.919  34.687  -47.862 1.00 39.21 ? 129 SER A O   1 
ATOM   664  C CB  . SER A 1 93  ? 27.457  32.242  -46.795 1.00 44.07 ? 129 SER A CB  1 
ATOM   665  O OG  . SER A 1 93  ? 28.490  31.270  -46.820 1.00 48.78 ? 129 SER A OG  1 
ATOM   666  N N   . VAL A 1 94  ? 26.819  35.489  -45.955 1.00 39.88 ? 130 VAL A N   1 
ATOM   667  C CA  . VAL A 1 94  ? 25.726  36.448  -45.731 1.00 36.80 ? 130 VAL A CA  1 
ATOM   668  C C   . VAL A 1 94  ? 26.213  37.897  -45.478 1.00 37.82 ? 130 VAL A C   1 
ATOM   669  O O   . VAL A 1 94  ? 26.330  38.695  -46.418 1.00 35.77 ? 130 VAL A O   1 
ATOM   670  C CB  . VAL A 1 94  ? 24.820  36.006  -44.551 1.00 32.97 ? 130 VAL A CB  1 
ATOM   671  C CG1 . VAL A 1 94  ? 23.633  36.926  -44.424 1.00 31.28 ? 130 VAL A CG1 1 
ATOM   672  C CG2 . VAL A 1 94  ? 24.334  34.568  -44.741 1.00 35.51 ? 130 VAL A CG2 1 
ATOM   673  N N   . SER A 1 95  ? 26.493  38.234  -44.221 1.00 34.93 ? 131 SER A N   1 
ATOM   674  C CA  . SER A 1 95  ? 26.855  39.609  -43.852 1.00 33.64 ? 131 SER A CA  1 
ATOM   675  C C   . SER A 1 95  ? 28.297  40.013  -44.201 1.00 35.63 ? 131 SER A C   1 
ATOM   676  O O   . SER A 1 95  ? 28.577  41.198  -44.362 1.00 32.94 ? 131 SER A O   1 
ATOM   677  C CB  . SER A 1 95  ? 26.636  39.834  -42.356 1.00 27.91 ? 131 SER A CB  1 
ATOM   678  O OG  . SER A 1 95  ? 25.262  39.809  -42.029 1.00 26.82 ? 131 SER A OG  1 
ATOM   679  N N   . TYR A 1 96  ? 29.220  39.054  -44.285 1.00 34.86 ? 132 TYR A N   1 
ATOM   680  C CA  . TYR A 1 96  ? 30.599  39.419  -44.606 1.00 38.45 ? 132 TYR A CA  1 
ATOM   681  C C   . TYR A 1 96  ? 30.798  39.453  -46.121 1.00 37.61 ? 132 TYR A C   1 
ATOM   682  O O   . TYR A 1 96  ? 30.769  38.422  -46.796 1.00 41.35 ? 132 TYR A O   1 
ATOM   683  C CB  . TYR A 1 96  ? 31.612  38.479  -43.950 1.00 36.82 ? 132 TYR A CB  1 
ATOM   684  C CG  . TYR A 1 96  ? 33.025  38.969  -44.151 1.00 37.51 ? 132 TYR A CG  1 
ATOM   685  C CD1 . TYR A 1 96  ? 33.515  40.044  -43.415 1.00 37.27 ? 132 TYR A CD1 1 
ATOM   686  C CD2 . TYR A 1 96  ? 33.862  38.379  -45.093 1.00 36.78 ? 132 TYR A CD2 1 
ATOM   687  C CE1 . TYR A 1 96  ? 34.805  40.511  -43.599 1.00 39.15 ? 132 TYR A CE1 1 
ATOM   688  C CE2 . TYR A 1 96  ? 35.159  38.836  -45.282 1.00 40.57 ? 132 TYR A CE2 1 
ATOM   689  C CZ  . TYR A 1 96  ? 35.621  39.901  -44.534 1.00 38.99 ? 132 TYR A CZ  1 
ATOM   690  O OH  . TYR A 1 96  ? 36.896  40.362  -44.718 1.00 44.33 ? 132 TYR A OH  1 
ATOM   691  N N   . LEU A 1 97  ? 31.011  40.659  -46.633 1.00 37.60 ? 133 LEU A N   1 
ATOM   692  C CA  . LEU A 1 97  ? 30.876  40.932  -48.057 1.00 39.81 ? 133 LEU A CA  1 
ATOM   693  C C   . LEU A 1 97  ? 32.216  40.921  -48.797 1.00 40.59 ? 133 LEU A C   1 
ATOM   694  O O   . LEU A 1 97  ? 32.258  40.734  -50.015 1.00 40.41 ? 133 LEU A O   1 
ATOM   695  C CB  . LEU A 1 97  ? 30.173  42.275  -48.247 1.00 33.11 ? 133 LEU A CB  1 
ATOM   696  C CG  . LEU A 1 97  ? 28.840  42.400  -47.501 1.00 33.03 ? 133 LEU A CG  1 
ATOM   697  C CD1 . LEU A 1 97  ? 28.248  43.795  -47.660 1.00 26.04 ? 133 LEU A CD1 1 
ATOM   698  C CD2 . LEU A 1 97  ? 27.857  41.332  -47.973 1.00 32.52 ? 133 LEU A CD2 1 
ATOM   699  N N   . SER A 1 98  ? 33.301  41.107  -48.050 1.00 42.72 ? 134 SER A N   1 
ATOM   700  C CA  . SER A 1 98  ? 34.643  41.184  -48.620 1.00 43.12 ? 134 SER A CA  1 
ATOM   701  C C   . SER A 1 98  ? 35.131  39.822  -49.131 1.00 49.77 ? 134 SER A C   1 
ATOM   702  O O   . SER A 1 98  ? 34.588  38.762  -48.772 1.00 46.55 ? 134 SER A O   1 
ATOM   703  C CB  . SER A 1 98  ? 35.624  41.739  -47.580 1.00 48.27 ? 134 SER A CB  1 
ATOM   704  O OG  . SER A 1 98  ? 35.229  43.025  -47.120 1.00 49.43 ? 134 SER A OG  1 
ATOM   705  N N   . ALA A 1 99  ? 36.164  39.860  -49.970 1.00 53.11 ? 135 ALA A N   1 
ATOM   706  C CA  . ALA A 1 99  ? 36.702  38.651  -50.588 1.00 56.09 ? 135 ALA A CA  1 
ATOM   707  C C   . ALA A 1 99  ? 37.249  37.667  -49.545 1.00 54.72 ? 135 ALA A C   1 
ATOM   708  O O   . ALA A 1 99  ? 37.842  38.079  -48.540 1.00 54.07 ? 135 ALA A O   1 
ATOM   709  C CB  . ALA A 1 99  ? 37.797  39.022  -51.605 1.00 50.99 ? 135 ALA A CB  1 
ATOM   710  N N   . SER A 1 100 ? 37.027  36.373  -49.781 1.00 53.99 ? 136 SER A N   1 
ATOM   711  C CA  . SER A 1 100 ? 37.679  35.321  -48.996 1.00 52.44 ? 136 SER A CA  1 
ATOM   712  C C   . SER A 1 100 ? 38.752  34.618  -49.834 1.00 55.02 ? 136 SER A C   1 
ATOM   713  O O   . SER A 1 100 ? 38.472  34.144  -50.941 1.00 57.52 ? 136 SER A O   1 
ATOM   714  C CB  . SER A 1 100 ? 36.658  34.292  -48.475 1.00 53.42 ? 136 SER A CB  1 
ATOM   715  O OG  . SER A 1 100 ? 35.877  34.809  -47.402 1.00 52.68 ? 136 SER A OG  1 
ATOM   716  N N   . SER A 1 101 ? 39.978  34.557  -49.307 1.00 47.81 ? 137 SER A N   1 
ATOM   717  C CA  . SER A 1 101 ? 41.066  33.818  -49.951 1.00 48.57 ? 137 SER A CA  1 
ATOM   718  C C   . SER A 1 101 ? 40.776  32.309  -49.891 1.00 49.97 ? 137 SER A C   1 
ATOM   719  O O   . SER A 1 101 ? 39.801  31.894  -49.257 1.00 49.98 ? 137 SER A O   1 
ATOM   720  C CB  . SER A 1 101 ? 42.413  34.154  -49.286 1.00 49.75 ? 137 SER A CB  1 
ATOM   721  O OG  . SER A 1 101 ? 42.484  33.690  -47.946 1.00 50.13 ? 137 SER A OG  1 
ATOM   722  N N   . PRO A 1 102 ? 41.597  31.479  -50.562 1.00 48.20 ? 138 PRO A N   1 
ATOM   723  C CA  . PRO A 1 102 ? 41.378  30.037  -50.377 1.00 47.50 ? 138 PRO A CA  1 
ATOM   724  C C   . PRO A 1 102 ? 41.549  29.586  -48.920 1.00 44.69 ? 138 PRO A C   1 
ATOM   725  O O   . PRO A 1 102 ? 40.823  28.695  -48.483 1.00 43.29 ? 138 PRO A O   1 
ATOM   726  C CB  . PRO A 1 102 ? 42.445  29.392  -51.280 1.00 49.56 ? 138 PRO A CB  1 
ATOM   727  C CG  . PRO A 1 102 ? 43.413  30.503  -51.626 1.00 45.44 ? 138 PRO A CG  1 
ATOM   728  C CD  . PRO A 1 102 ? 42.598  31.754  -51.611 1.00 47.61 ? 138 PRO A CD  1 
ATOM   729  N N   . ASP A 1 103 ? 42.466  30.208  -48.182 1.00 43.19 ? 139 ASP A N   1 
ATOM   730  C CA  . ASP A 1 103 ? 42.719  29.826  -46.793 1.00 40.07 ? 139 ASP A CA  1 
ATOM   731  C C   . ASP A 1 103 ? 41.563  30.183  -45.860 1.00 39.84 ? 139 ASP A C   1 
ATOM   732  O O   . ASP A 1 103 ? 41.258  29.427  -44.941 1.00 40.59 ? 139 ASP A O   1 
ATOM   733  C CB  . ASP A 1 103 ? 44.010  30.471  -46.278 1.00 45.20 ? 139 ASP A CB  1 
ATOM   734  C CG  . ASP A 1 103 ? 45.263  29.883  -46.927 1.00 55.99 ? 139 ASP A CG  1 
ATOM   735  O OD1 . ASP A 1 103 ? 45.185  28.759  -47.490 1.00 50.25 ? 139 ASP A OD1 1 
ATOM   736  O OD2 . ASP A 1 103 ? 46.326  30.550  -46.868 1.00 55.49 ? 139 ASP A OD2 1 
ATOM   737  N N   . GLU A 1 104 ? 40.928  31.331  -46.080 1.00 39.36 ? 140 GLU A N   1 
ATOM   738  C CA  . GLU A 1 104 ? 39.764  31.711  -45.281 1.00 39.38 ? 140 GLU A CA  1 
ATOM   739  C C   . GLU A 1 104 ? 38.642  30.684  -45.402 1.00 35.72 ? 140 GLU A C   1 
ATOM   740  O O   . GLU A 1 104 ? 38.099  30.237  -44.396 1.00 33.51 ? 140 GLU A O   1 
ATOM   741  C CB  . GLU A 1 104 ? 39.251  33.090  -45.691 1.00 44.28 ? 140 GLU A CB  1 
ATOM   742  C CG  . GLU A 1 104 ? 40.021  34.243  -45.075 1.00 48.41 ? 140 GLU A CG  1 
ATOM   743  C CD  . GLU A 1 104 ? 39.923  35.503  -45.912 1.00 56.40 ? 140 GLU A CD  1 
ATOM   744  O OE1 . GLU A 1 104 ? 39.104  36.392  -45.574 1.00 63.49 ? 140 GLU A OE1 1 
ATOM   745  O OE2 . GLU A 1 104 ? 40.660  35.599  -46.920 1.00 54.68 ? 140 GLU A OE2 1 
ATOM   746  N N   . ILE A 1 105 ? 38.308  30.319  -46.637 1.00 35.00 ? 141 ILE A N   1 
ATOM   747  C CA  . ILE A 1 105 ? 37.280  29.318  -46.910 1.00 36.07 ? 141 ILE A CA  1 
ATOM   748  C C   . ILE A 1 105 ? 37.557  28.013  -46.165 1.00 35.20 ? 141 ILE A C   1 
ATOM   749  O O   . ILE A 1 105 ? 36.661  27.428  -45.555 1.00 34.01 ? 141 ILE A O   1 
ATOM   750  C CB  . ILE A 1 105 ? 37.181  29.016  -48.422 1.00 38.90 ? 141 ILE A CB  1 
ATOM   751  C CG1 . ILE A 1 105 ? 36.608  30.214  -49.184 1.00 44.74 ? 141 ILE A CG1 1 
ATOM   752  C CG2 . ILE A 1 105 ? 36.338  27.783  -48.677 1.00 37.93 ? 141 ILE A CG2 1 
ATOM   753  C CD1 . ILE A 1 105 ? 36.834  30.121  -50.690 1.00 49.25 ? 141 ILE A CD1 1 
ATOM   754  N N   . ILE A 1 106 ? 38.809  27.572  -46.205 1.00 33.95 ? 142 ILE A N   1 
ATOM   755  C CA  . ILE A 1 106 ? 39.197  26.324  -45.565 1.00 33.22 ? 142 ILE A CA  1 
ATOM   756  C C   . ILE A 1 106 ? 39.083  26.444  -44.058 1.00 30.26 ? 142 ILE A C   1 
ATOM   757  O O   . ILE A 1 106 ? 38.663  25.507  -43.396 1.00 30.55 ? 142 ILE A O   1 
ATOM   758  C CB  . ILE A 1 106 ? 40.638  25.910  -45.938 1.00 31.70 ? 142 ILE A CB  1 
ATOM   759  C CG1 . ILE A 1 106 ? 40.768  25.752  -47.452 1.00 33.36 ? 142 ILE A CG1 1 
ATOM   760  C CG2 . ILE A 1 106 ? 41.029  24.616  -45.234 1.00 28.27 ? 142 ILE A CG2 1 
ATOM   761  C CD1 . ILE A 1 106 ? 42.212  25.537  -47.930 1.00 30.32 ? 142 ILE A CD1 1 
ATOM   762  N N   . ALA A 1 107 ? 39.458  27.594  -43.508 1.00 29.47 ? 143 ALA A N   1 
ATOM   763  C CA  . ALA A 1 107 ? 39.318  27.788  -42.075 1.00 33.21 ? 143 ALA A CA  1 
ATOM   764  C C   . ALA A 1 107 ? 37.843  27.674  -41.690 1.00 33.03 ? 143 ALA A C   1 
ATOM   765  O O   . ALA A 1 107 ? 37.510  27.028  -40.695 1.00 30.08 ? 143 ALA A O   1 
ATOM   766  C CB  . ALA A 1 107 ? 39.886  29.135  -41.639 1.00 30.18 ? 143 ALA A CB  1 
ATOM   767  N N   . THR A 1 108 ? 36.976  28.297  -42.476 1.00 30.60 ? 144 THR A N   1 
ATOM   768  C CA  . THR A 1 108 ? 35.549  28.311  -42.241 1.00 28.97 ? 144 THR A CA  1 
ATOM   769  C C   . THR A 1 108 ? 34.858  26.955  -42.238 1.00 32.12 ? 144 THR A C   1 
ATOM   770  O O   . THR A 1 108 ? 34.076  26.703  -41.372 1.00 32.26 ? 144 THR A O   1 
ATOM   771  C CB  . THR A 1 108 ? 34.780  29.232  -43.188 1.00 30.84 ? 144 THR A CB  1 
ATOM   772  O OG1 . THR A 1 108 ? 35.509  30.420  -43.424 1.00 34.02 ? 144 THR A OG1 1 
ATOM   773  C CG2 . THR A 1 108 ? 33.493  29.596  -42.585 1.00 31.54 ? 144 THR A CG2 1 
ATOM   774  N N   . VAL A 1 109 ? 35.150  26.097  -43.196 1.00 28.81 ? 145 VAL A N   1 
ATOM   775  C CA  . VAL A 1 109 ? 34.526  24.805  -43.209 1.00 31.07 ? 145 VAL A CA  1 
ATOM   776  C C   . VAL A 1 109 ? 35.101  23.952  -42.097 1.00 32.11 ? 145 VAL A C   1 
ATOM   777  O O   . VAL A 1 109 ? 34.430  23.126  -41.584 1.00 32.29 ? 145 VAL A O   1 
ATOM   778  C CB  . VAL A 1 109 ? 34.584  24.073  -44.567 1.00 30.93 ? 145 VAL A CB  1 
ATOM   779  C CG1 . VAL A 1 109 ? 34.368  25.026  -45.697 1.00 31.69 ? 145 VAL A CG1 1 
ATOM   780  C CG2 . VAL A 1 109 ? 35.864  23.295  -44.748 1.00 34.62 ? 145 VAL A CG2 1 
ATOM   781  N N   . THR A 1 110 ? 36.358  24.154  -41.764 1.00 28.90 ? 146 THR A N   1 
ATOM   782  C CA  . THR A 1 110 ? 36.983  23.335  -40.725 1.00 28.61 ? 146 THR A CA  1 
ATOM   783  C C   . THR A 1 110 ? 36.382  23.722  -39.371 1.00 25.89 ? 146 THR A C   1 
ATOM   784  O O   . THR A 1 110 ? 36.149  22.865  -38.521 1.00 24.62 ? 146 THR A O   1 
ATOM   785  C CB  . THR A 1 110 ? 38.513  23.483  -40.684 1.00 28.33 ? 146 THR A CB  1 
ATOM   786  O OG1 . THR A 1 110 ? 39.072  23.053  -41.923 1.00 32.82 ? 146 THR A OG1 1 
ATOM   787  C CG2 . THR A 1 110 ? 39.102  22.613  -39.597 1.00 27.56 ? 146 THR A CG2 1 
ATOM   788  N N   . ALA A 1 111 ? 36.110  25.012  -39.194 1.00 24.94 ? 147 ALA A N   1 
ATOM   789  C CA  . ALA A 1 111 ? 35.425  25.489  -38.000 1.00 26.22 ? 147 ALA A CA  1 
ATOM   790  C C   . ALA A 1 111 ? 34.059  24.832  -37.917 1.00 28.77 ? 147 ALA A C   1 
ATOM   791  O O   . ALA A 1 111 ? 33.696  24.254  -36.890 1.00 28.55 ? 147 ALA A O   1 
ATOM   792  C CB  . ALA A 1 111 ? 35.292  27.003  -38.016 1.00 21.56 ? 147 ALA A CB  1 
ATOM   793  N N   . ALA A 1 112 ? 33.314  24.890  -39.017 1.00 29.30 ? 148 ALA A N   1 
ATOM   794  C CA  . ALA A 1 112 ? 31.993  24.268  -39.066 1.00 28.68 ? 148 ALA A CA  1 
ATOM   795  C C   . ALA A 1 112 ? 32.068  22.762  -38.816 1.00 27.85 ? 148 ALA A C   1 
ATOM   796  O O   . ALA A 1 112 ? 31.225  22.216  -38.115 1.00 30.43 ? 148 ALA A O   1 
ATOM   797  C CB  . ALA A 1 112 ? 31.318  24.555  -40.400 1.00 28.22 ? 148 ALA A CB  1 
ATOM   798  N N   . LYS A 1 113 ? 33.060  22.083  -39.388 1.00 24.25 ? 149 LYS A N   1 
ATOM   799  C CA  . LYS A 1 113 ? 33.217  20.652  -39.140 1.00 22.58 ? 149 LYS A CA  1 
ATOM   800  C C   . LYS A 1 113 ? 33.558  20.385  -37.676 1.00 25.54 ? 149 LYS A C   1 
ATOM   801  O O   . LYS A 1 113 ? 33.115  19.401  -37.087 1.00 23.46 ? 149 LYS A O   1 
ATOM   802  C CB  . LYS A 1 113 ? 34.305  20.052  -40.031 1.00 28.22 ? 149 LYS A CB  1 
ATOM   803  C CG  . LYS A 1 113 ? 33.905  19.853  -41.489 1.00 33.07 ? 149 LYS A CG  1 
ATOM   804  C CD  . LYS A 1 113 ? 35.034  19.218  -42.280 1.00 38.50 ? 149 LYS A CD  1 
ATOM   805  C CE  . LYS A 1 113 ? 34.644  19.019  -43.731 1.00 44.23 ? 149 LYS A CE  1 
ATOM   806  N NZ  . LYS A 1 113 ? 33.404  18.213  -43.849 1.00 50.02 ? 149 LYS A NZ  1 
ATOM   807  N N   . THR A 1 114 ? 34.367  21.264  -37.102 1.00 26.33 ? 150 THR A N   1 
ATOM   808  C CA  . THR A 1 114 ? 34.751  21.151  -35.711 1.00 25.70 ? 150 THR A CA  1 
ATOM   809  C C   . THR A 1 114 ? 33.534  21.312  -34.811 1.00 26.17 ? 150 THR A C   1 
ATOM   810  O O   . THR A 1 114 ? 33.326  20.523  -33.885 1.00 26.20 ? 150 THR A O   1 
ATOM   811  C CB  . THR A 1 114 ? 35.804  22.199  -35.338 1.00 25.71 ? 150 THR A CB  1 
ATOM   812  O OG1 . THR A 1 114 ? 36.960  22.002  -36.148 1.00 24.95 ? 150 THR A OG1 1 
ATOM   813  C CG2 . THR A 1 114 ? 36.195  22.079  -33.856 1.00 26.45 ? 150 THR A CG2 1 
ATOM   814  N N   . LEU A 1 115 ? 32.728  22.333  -35.088 1.00 28.27 ? 151 LEU A N   1 
ATOM   815  C CA  . LEU A 1 115 ? 31.513  22.579  -34.319 1.00 23.27 ? 151 LEU A CA  1 
ATOM   816  C C   . LEU A 1 115 ? 30.559  21.383  -34.333 1.00 24.57 ? 151 LEU A C   1 
ATOM   817  O O   . LEU A 1 115 ? 29.999  21.023  -33.298 1.00 25.39 ? 151 LEU A O   1 
ATOM   818  C CB  . LEU A 1 115 ? 30.792  23.820  -34.841 1.00 27.78 ? 151 LEU A CB  1 
ATOM   819  C CG  . LEU A 1 115 ? 29.524  24.127  -34.031 1.00 33.05 ? 151 LEU A CG  1 
ATOM   820  C CD1 . LEU A 1 115 ? 29.844  24.198  -32.528 1.00 24.30 ? 151 LEU A CD1 1 
ATOM   821  C CD2 . LEU A 1 115 ? 28.849  25.413  -34.511 1.00 30.47 ? 151 LEU A CD2 1 
ATOM   822  N N   . SER A 1 116 ? 30.375  20.761  -35.494 1.00 25.80 ? 152 SER A N   1 
ATOM   823  C CA  . SER A 1 116 ? 29.528  19.571  -35.573 1.00 27.21 ? 152 SER A CA  1 
ATOM   824  C C   . SER A 1 116 ? 30.078  18.456  -34.707 1.00 28.30 ? 152 SER A C   1 
ATOM   825  O O   . SER A 1 116 ? 29.351  17.865  -33.914 1.00 25.98 ? 152 SER A O   1 
ATOM   826  C CB  . SER A 1 116 ? 29.400  19.078  -37.009 1.00 30.16 ? 152 SER A CB  1 
ATOM   827  O OG  . SER A 1 116 ? 28.275  19.672  -37.635 1.00 44.56 ? 152 SER A OG  1 
ATOM   828  N N   . ALA A 1 117 ? 31.371  18.181  -34.856 1.00 24.02 ? 153 ALA A N   1 
ATOM   829  C CA  . ALA A 1 117 ? 31.985  17.089  -34.127 1.00 23.90 ? 153 ALA A CA  1 
ATOM   830  C C   . ALA A 1 117 ? 31.855  17.320  -32.629 1.00 23.75 ? 153 ALA A C   1 
ATOM   831  O O   . ALA A 1 117 ? 31.617  16.388  -31.881 1.00 23.21 ? 153 ALA A O   1 
ATOM   832  C CB  . ALA A 1 117 ? 33.421  16.937  -34.517 1.00 20.41 ? 153 ALA A CB  1 
ATOM   833  N N   . SER A 1 118 ? 32.004  18.567  -32.198 1.00 23.22 ? 154 SER A N   1 
ATOM   834  C CA  . SER A 1 118 ? 31.884  18.890  -30.787 1.00 23.83 ? 154 SER A CA  1 
ATOM   835  C C   . SER A 1 118 ? 30.448  18.727  -30.320 1.00 26.14 ? 154 SER A C   1 
ATOM   836  O O   . SER A 1 118 ? 30.188  18.118  -29.282 1.00 22.86 ? 154 SER A O   1 
ATOM   837  C CB  . SER A 1 118 ? 32.371  20.305  -30.523 1.00 23.79 ? 154 SER A CB  1 
ATOM   838  O OG  . SER A 1 118 ? 33.765  20.386  -30.758 1.00 31.28 ? 154 SER A OG  1 
ATOM   839  N N   . SER A 1 119 ? 29.523  19.268  -31.110 1.00 26.97 ? 155 SER A N   1 
ATOM   840  C CA  . SER A 1 119 ? 28.101  19.125  -30.859 1.00 24.97 ? 155 SER A CA  1 
ATOM   841  C C   . SER A 1 119 ? 27.678  17.661  -30.723 1.00 26.76 ? 155 SER A C   1 
ATOM   842  O O   . SER A 1 119 ? 26.909  17.324  -29.832 1.00 28.58 ? 155 SER A O   1 
ATOM   843  C CB  . SER A 1 119 ? 27.296  19.793  -31.977 1.00 31.13 ? 155 SER A CB  1 
ATOM   844  O OG  . SER A 1 119 ? 25.931  19.383  -31.930 1.00 41.30 ? 155 SER A OG  1 
ATOM   845  N N   . GLN A 1 120 ? 28.173  16.796  -31.602 1.00 23.94 ? 156 GLN A N   1 
ATOM   846  C CA  . GLN A 1 120 ? 27.836  15.378  -31.544 1.00 25.80 ? 156 GLN A CA  1 
ATOM   847  C C   . GLN A 1 120 ? 28.350  14.716  -30.266 1.00 24.82 ? 156 GLN A C   1 
ATOM   848  O O   . GLN A 1 120 ? 27.639  13.921  -29.639 1.00 22.97 ? 156 GLN A O   1 
ATOM   849  C CB  . GLN A 1 120 ? 28.392  14.644  -32.763 1.00 25.99 ? 156 GLN A CB  1 
ATOM   850  C CG  . GLN A 1 120 ? 27.365  14.404  -33.860 1.00 35.67 ? 156 GLN A CG  1 
ATOM   851  C CD  . GLN A 1 120 ? 27.946  13.635  -35.048 1.00 48.49 ? 156 GLN A CD  1 
ATOM   852  O OE1 . GLN A 1 120 ? 29.049  13.078  -34.965 1.00 49.54 ? 156 GLN A OE1 1 
ATOM   853  N NE2 . GLN A 1 120 ? 27.198  13.592  -36.155 1.00 45.67 ? 156 GLN A NE2 1 
ATOM   854  N N   . ALA A 1 121 ? 29.584  15.040  -29.885 1.00 23.36 ? 157 ALA A N   1 
ATOM   855  C CA  . ALA A 1 121 ? 30.179  14.479  -28.669 1.00 24.57 ? 157 ALA A CA  1 
ATOM   856  C C   . ALA A 1 121 ? 29.403  14.883  -27.411 1.00 24.92 ? 157 ALA A C   1 
ATOM   857  O O   . ALA A 1 121 ? 29.195  14.051  -26.524 1.00 24.98 ? 157 ALA A O   1 
ATOM   858  C CB  . ALA A 1 121 ? 31.634  14.904  -28.544 1.00 20.12 ? 157 ALA A CB  1 
ATOM   859  N N   . VAL A 1 122 ? 28.995  16.154  -27.329 1.00 20.16 ? 158 VAL A N   1 
ATOM   860  C CA  . VAL A 1 122 ? 28.225  16.647  -26.184 1.00 21.33 ? 158 VAL A CA  1 
ATOM   861  C C   . VAL A 1 122 ? 26.845  16.003  -26.140 1.00 22.19 ? 158 VAL A C   1 
ATOM   862  O O   . VAL A 1 122 ? 26.412  15.545  -25.088 1.00 24.05 ? 158 VAL A O   1 
ATOM   863  C CB  . VAL A 1 122 ? 28.067  18.190  -26.211 1.00 23.80 ? 158 VAL A CB  1 
ATOM   864  C CG1 . VAL A 1 122 ? 27.158  18.672  -25.068 1.00 24.11 ? 158 VAL A CG1 1 
ATOM   865  C CG2 . VAL A 1 122 ? 29.423  18.865  -26.128 1.00 22.50 ? 158 VAL A CG2 1 
ATOM   866  N N   . MET A 1 123 ? 26.160  15.949  -27.278 1.00 22.76 ? 159 MET A N   1 
ATOM   867  C CA  . MET A 1 123 ? 24.842  15.303  -27.347 1.00 25.49 ? 159 MET A CA  1 
ATOM   868  C C   . MET A 1 123 ? 24.892  13.803  -27.024 1.00 25.46 ? 159 MET A C   1 
ATOM   869  O O   . MET A 1 123 ? 23.965  13.267  -26.410 1.00 21.72 ? 159 MET A O   1 
ATOM   870  C CB  . MET A 1 123 ? 24.208  15.504  -28.731 1.00 21.82 ? 159 MET A CB  1 
ATOM   871  C CG  . MET A 1 123 ? 24.021  16.964  -29.126 1.00 31.45 ? 159 MET A CG  1 
ATOM   872  S SD  . MET A 1 123 ? 22.885  17.930  -28.088 1.00 48.26 ? 159 MET A SD  1 
ATOM   873  C CE  . MET A 1 123 ? 21.309  17.238  -28.600 1.00 33.92 ? 159 MET A CE  1 
ATOM   874  N N   . ALA A 1 124 ? 25.956  13.114  -27.437 1.00 24.70 ? 160 ALA A N   1 
ATOM   875  C CA  . ALA A 1 124 ? 26.036  11.679  -27.154 1.00 23.53 ? 160 ALA A CA  1 
ATOM   876  C C   . ALA A 1 124 ? 26.076  11.485  -25.653 1.00 22.44 ? 160 ALA A C   1 
ATOM   877  O O   . ALA A 1 124 ? 25.361  10.642  -25.114 1.00 23.30 ? 160 ALA A O   1 
ATOM   878  C CB  . ALA A 1 124 ? 27.253  11.042  -27.820 1.00 21.03 ? 160 ALA A CB  1 
ATOM   879  N N   . ASN A 1 125 ? 26.887  12.297  -24.981 1.00 20.62 ? 161 ASN A N   1 
ATOM   880  C CA  . ASN A 1 125 ? 26.972  12.259  -23.532 1.00 23.17 ? 161 ASN A CA  1 
ATOM   881  C C   . ASN A 1 125 ? 25.614  12.546  -22.883 1.00 24.70 ? 161 ASN A C   1 
ATOM   882  O O   . ASN A 1 125 ? 25.218  11.872  -21.924 1.00 22.17 ? 161 ASN A O   1 
ATOM   883  C CB  . ASN A 1 125 ? 28.021  13.257  -23.038 1.00 22.89 ? 161 ASN A CB  1 
ATOM   884  C CG  . ASN A 1 125 ? 28.205  13.211  -21.536 1.00 25.87 ? 161 ASN A CG  1 
ATOM   885  O OD1 . ASN A 1 125 ? 28.550  12.164  -20.983 1.00 27.67 ? 161 ASN A OD1 1 
ATOM   886  N ND2 . ASN A 1 125 ? 27.968  14.342  -20.863 1.00 19.72 ? 161 ASN A ND2 1 
ATOM   887  N N   . LEU A 1 126 ? 24.897  13.533  -23.416 1.00 20.99 ? 162 LEU A N   1 
ATOM   888  C CA  . LEU A 1 126 ? 23.573  13.857  -22.893 1.00 23.76 ? 162 LEU A CA  1 
ATOM   889  C C   . LEU A 1 126 ? 22.576  12.716  -23.139 1.00 22.68 ? 162 LEU A C   1 
ATOM   890  O O   . LEU A 1 126 ? 21.711  12.453  -22.309 1.00 21.04 ? 162 LEU A O   1 
ATOM   891  C CB  . LEU A 1 126 ? 23.059  15.163  -23.504 1.00 20.08 ? 162 LEU A CB  1 
ATOM   892  C CG  . LEU A 1 126 ? 23.735  16.449  -22.990 1.00 22.47 ? 162 LEU A CG  1 
ATOM   893  C CD1 . LEU A 1 126 ? 23.320  17.617  -23.824 1.00 21.48 ? 162 LEU A CD1 1 
ATOM   894  C CD2 . LEU A 1 126 ? 23.412  16.725  -21.530 1.00 19.88 ? 162 LEU A CD2 1 
ATOM   895  N N   . GLN A 1 127 ? 22.706  12.043  -24.280 1.00 23.75 ? 163 GLN A N   1 
ATOM   896  C CA  . GLN A 1 127 ? 21.859  10.898  -24.615 1.00 25.60 ? 163 GLN A CA  1 
ATOM   897  C C   . GLN A 1 127 ? 22.155  9.705   -23.705 1.00 25.89 ? 163 GLN A C   1 
ATOM   898  O O   . GLN A 1 127 ? 21.240  9.007   -23.262 1.00 25.97 ? 163 GLN A O   1 
ATOM   899  C CB  . GLN A 1 127 ? 22.049  10.507  -26.082 1.00 26.11 ? 163 GLN A CB  1 
ATOM   900  C CG  . GLN A 1 127 ? 21.401  11.484  -27.081 1.00 27.11 ? 163 GLN A CG  1 
ATOM   901  C CD  . GLN A 1 127 ? 19.879  11.452  -27.035 1.00 27.55 ? 163 GLN A CD  1 
ATOM   902  O OE1 . GLN A 1 127 ? 19.286  10.533  -26.468 1.00 26.96 ? 163 GLN A OE1 1 
ATOM   903  N NE2 . GLN A 1 127 ? 19.240  12.468  -27.622 1.00 25.04 ? 163 GLN A NE2 1 
ATOM   904  N N   . ARG A 1 128 ? 23.431  9.477   -23.417 1.00 21.29 ? 164 ARG A N   1 
ATOM   905  C CA  . ARG A 1 128 ? 23.786  8.442   -22.463 1.00 24.68 ? 164 ARG A CA  1 
ATOM   906  C C   . ARG A 1 128 ? 23.157  8.731   -21.097 1.00 27.24 ? 164 ARG A C   1 
ATOM   907  O O   . ARG A 1 128 ? 22.550  7.849   -20.500 1.00 27.39 ? 164 ARG A O   1 
ATOM   908  C CB  . ARG A 1 128 ? 25.301  8.307   -22.312 1.00 25.57 ? 164 ARG A CB  1 
ATOM   909  C CG  . ARG A 1 128 ? 25.673  7.447   -21.113 1.00 28.11 ? 164 ARG A CG  1 
ATOM   910  C CD  . ARG A 1 128 ? 27.079  7.746   -20.593 1.00 37.46 ? 164 ARG A CD  1 
ATOM   911  N NE  . ARG A 1 128 ? 27.271  9.136   -20.165 1.00 35.10 ? 164 ARG A NE  1 
ATOM   912  C CZ  . ARG A 1 128 ? 27.033  9.581   -18.931 1.00 39.03 ? 164 ARG A CZ  1 
ATOM   913  N NH1 . ARG A 1 128 ? 26.569  8.753   -17.998 1.00 43.03 ? 164 ARG A NH1 1 
ATOM   914  N NH2 . ARG A 1 128 ? 27.242  10.859  -18.630 1.00 34.86 ? 164 ARG A NH2 1 
ATOM   915  N N   . ALA A 1 129 ? 23.308  9.963   -20.610 1.00 26.51 ? 165 ALA A N   1 
ATOM   916  C CA  . ALA A 1 129 ? 22.735  10.369  -19.325 1.00 26.94 ? 165 ALA A CA  1 
ATOM   917  C C   . ALA A 1 129 ? 21.227  10.172  -19.315 1.00 26.49 ? 165 ALA A C   1 
ATOM   918  O O   . ALA A 1 129 ? 20.664  9.648   -18.348 1.00 22.68 ? 165 ALA A O   1 
ATOM   919  C CB  . ALA A 1 129 ? 23.076  11.812  -19.024 1.00 23.41 ? 165 ALA A CB  1 
ATOM   920  N N   . ARG A 1 130 ? 20.575  10.582  -20.399 1.00 23.91 ? 166 ARG A N   1 
ATOM   921  C CA  . ARG A 1 130 ? 19.135  10.378  -20.532 1.00 24.85 ? 166 ARG A CA  1 
ATOM   922  C C   . ARG A 1 130 ? 18.745  8.902   -20.402 1.00 27.10 ? 166 ARG A C   1 
ATOM   923  O O   . ARG A 1 130 ? 17.756  8.563   -19.743 1.00 25.28 ? 166 ARG A O   1 
ATOM   924  C CB  . ARG A 1 130 ? 18.629  10.915  -21.865 1.00 23.95 ? 166 ARG A CB  1 
ATOM   925  C CG  . ARG A 1 130 ? 17.163  10.605  -22.109 1.00 24.03 ? 166 ARG A CG  1 
ATOM   926  C CD  . ARG A 1 130 ? 16.711  10.921  -23.534 1.00 26.73 ? 166 ARG A CD  1 
ATOM   927  N NE  . ARG A 1 130 ? 15.338  10.481  -23.703 1.00 27.99 ? 166 ARG A NE  1 
ATOM   928  C CZ  . ARG A 1 130 ? 14.999  9.220   -23.957 1.00 32.66 ? 166 ARG A CZ  1 
ATOM   929  N NH1 . ARG A 1 130 ? 15.955  8.307   -24.109 1.00 30.23 ? 166 ARG A NH1 1 
ATOM   930  N NH2 . ARG A 1 130 ? 13.715  8.876   -24.065 1.00 29.81 ? 166 ARG A NH2 1 
ATOM   931  N N   . THR A 1 131 ? 19.520  8.041   -21.019 1.00 25.31 ? 167 THR A N   1 
ATOM   932  C CA  . THR A 1 131 ? 19.309  6.625   -20.984 1.00 26.14 ? 167 THR A CA  1 
ATOM   933  C C   . THR A 1 131 ? 19.414  6.070   -19.573 1.00 24.22 ? 167 THR A C   1 
ATOM   934  O O   . THR A 1 131 ? 18.708  5.188   -19.195 1.00 23.24 ? 167 THR A O   1 
ATOM   935  C CB  . THR A 1 131 ? 20.253  5.880   -21.951 1.00 31.02 ? 167 THR A CB  1 
ATOM   936  O OG1 . THR A 1 131 ? 19.981  6.288   -23.277 1.00 26.75 ? 167 THR A OG1 1 
ATOM   937  C CG2 . THR A 1 131 ? 20.067  4.379   -21.820 1.00 25.57 ? 167 THR A CG2 1 
ATOM   938  N N   . GLU A 1 132 ? 20.327  6.621   -18.806 1.00 23.54 ? 168 GLU A N   1 
ATOM   939  C CA  . GLU A 1 132 ? 20.483  6.215   -17.454 1.00 27.76 ? 168 GLU A CA  1 
ATOM   940  C C   . GLU A 1 132 ? 19.207  6.616   -16.649 1.00 29.43 ? 168 GLU A C   1 
ATOM   941  O O   . GLU A 1 132 ? 18.798  5.924   -15.764 1.00 26.95 ? 168 GLU A O   1 
ATOM   942  C CB  . GLU A 1 132 ? 21.732  6.794   -16.838 1.00 30.77 ? 168 GLU A CB  1 
ATOM   943  C CG  . GLU A 1 132 ? 22.872  5.819   -16.586 1.00 46.09 ? 168 GLU A CG  1 
ATOM   944  C CD  . GLU A 1 132 ? 24.208  6.511   -16.345 1.00 64.34 ? 168 GLU A CD  1 
ATOM   945  O OE1 . GLU A 1 132 ? 24.318  7.205   -15.339 1.00 56.55 ? 168 GLU A OE1 1 
ATOM   946  O OE2 . GLU A 1 132 ? 25.152  6.390   -17.150 1.00 71.42 ? 168 GLU A OE2 1 
ATOM   947  N N   . ARG A 1 133 ? 18.598  7.724   -17.015 1.00 25.44 ? 169 ARG A N   1 
ATOM   948  C CA  . ARG A 1 133 ? 17.386  8.212   -16.352 1.00 24.37 ? 169 ARG A CA  1 
ATOM   949  C C   . ARG A 1 133 ? 16.166  7.378   -16.724 1.00 24.18 ? 169 ARG A C   1 
ATOM   950  O O   . ARG A 1 133 ? 15.280  7.157   -15.894 1.00 26.74 ? 169 ARG A O   1 
ATOM   951  C CB  . ARG A 1 133 ? 17.106  9.685   -16.706 1.00 22.03 ? 169 ARG A CB  1 
ATOM   952  C CG  . ARG A 1 133 ? 18.194  10.677  -16.325 1.00 25.82 ? 169 ARG A CG  1 
ATOM   953  C CD  . ARG A 1 133 ? 18.341  10.792  -14.823 1.00 27.44 ? 169 ARG A CD  1 
ATOM   954  N NE  . ARG A 1 133 ? 19.427  11.697  -14.468 1.00 29.12 ? 169 ARG A NE  1 
ATOM   955  C CZ  . ARG A 1 133 ? 19.845  11.909  -13.224 1.00 35.82 ? 169 ARG A CZ  1 
ATOM   956  N NH1 . ARG A 1 133 ? 19.258  11.283  -12.207 1.00 41.08 ? 169 ARG A NH1 1 
ATOM   957  N NH2 . ARG A 1 133 ? 20.847  12.753  -12.996 1.00 41.08 ? 169 ARG A NH2 1 
ATOM   958  N N   . VAL A 1 134 ? 16.093  6.958   -17.982 1.00 22.69 ? 170 VAL A N   1 
ATOM   959  C CA  . VAL A 1 134 ? 15.000  6.105   -18.425 1.00 26.36 ? 170 VAL A CA  1 
ATOM   960  C C   . VAL A 1 134 ? 15.061  4.765   -17.676 1.00 31.18 ? 170 VAL A C   1 
ATOM   961  O O   . VAL A 1 134 ? 14.026  4.237   -17.251 1.00 30.57 ? 170 VAL A O   1 
ATOM   962  C CB  . VAL A 1 134 ? 15.032  5.868   -19.955 1.00 29.68 ? 170 VAL A CB  1 
ATOM   963  C CG1 . VAL A 1 134 ? 14.128  4.710   -20.334 1.00 27.54 ? 170 VAL A CG1 1 
ATOM   964  C CG2 . VAL A 1 134 ? 14.607  7.129   -20.701 1.00 28.11 ? 170 VAL A CG2 1 
ATOM   965  N N   . ASN A 1 135 ? 16.275  4.242   -17.487 1.00 27.31 ? 171 ASN A N   1 
ATOM   966  C CA  . ASN A 1 135 ? 16.451  2.990   -16.756 1.00 30.42 ? 171 ASN A CA  1 
ATOM   967  C C   . ASN A 1 135 ? 15.954  3.111   -15.304 1.00 30.44 ? 171 ASN A C   1 
ATOM   968  O O   . ASN A 1 135 ? 15.160  2.289   -14.845 1.00 29.46 ? 171 ASN A O   1 
ATOM   969  C CB  . ASN A 1 135 ? 17.917  2.542   -16.778 1.00 24.53 ? 171 ASN A CB  1 
ATOM   970  C CG  . ASN A 1 135 ? 18.414  2.163   -18.187 1.00 30.22 ? 171 ASN A CG  1 
ATOM   971  O OD1 . ASN A 1 135 ? 17.624  1.923   -19.113 1.00 24.52 ? 171 ASN A OD1 1 
ATOM   972  N ND2 . ASN A 1 135 ? 19.743  2.097   -18.340 1.00 21.39 ? 171 ASN A ND2 1 
ATOM   973  N N   . THR A 1 136 ? 16.405  4.147   -14.595 1.00 29.43 ? 172 THR A N   1 
ATOM   974  C CA  . THR A 1 136 ? 16.022  4.360   -13.197 1.00 27.58 ? 172 THR A CA  1 
ATOM   975  C C   . THR A 1 136 ? 14.512  4.499   -13.062 1.00 28.34 ? 172 THR A C   1 
ATOM   976  O O   . THR A 1 136 ? 13.908  3.994   -12.110 1.00 28.85 ? 172 THR A O   1 
ATOM   977  C CB  . THR A 1 136 ? 16.724  5.601   -12.617 1.00 25.86 ? 172 THR A CB  1 
ATOM   978  O OG1 . THR A 1 136 ? 18.142  5.454   -12.768 1.00 23.25 ? 172 THR A OG1 1 
ATOM   979  C CG2 . THR A 1 136 ? 16.418  5.761   -11.152 1.00 22.11 ? 172 THR A CG2 1 
ATOM   980  N N   . GLU A 1 137 ? 13.893  5.155   -14.037 1.00 29.05 ? 173 GLU A N   1 
ATOM   981  C CA  . GLU A 1 137 ? 12.438  5.280   -14.054 1.00 30.14 ? 173 GLU A CA  1 
ATOM   982  C C   . GLU A 1 137 ? 11.772  3.901   -14.152 1.00 31.63 ? 173 GLU A C   1 
ATOM   983  O O   . GLU A 1 137 ? 10.816  3.621   -13.435 1.00 31.06 ? 173 GLU A O   1 
ATOM   984  C CB  . GLU A 1 137 ? 12.008  6.185   -15.209 1.00 28.50 ? 173 GLU A CB  1 
ATOM   985  C CG  . GLU A 1 137 ? 10.507  6.373   -15.399 1.00 31.78 ? 173 GLU A CG  1 
ATOM   986  C CD  . GLU A 1 137 ? 10.196  7.182   -16.664 1.00 44.18 ? 173 GLU A CD  1 
ATOM   987  O OE1 . GLU A 1 137 ? 10.833  6.926   -17.719 1.00 46.93 ? 173 GLU A OE1 1 
ATOM   988  O OE2 . GLU A 1 137 ? 9.323   8.075   -16.616 1.00 51.10 ? 173 GLU A OE2 1 
ATOM   989  N N   . SER A 1 138 ? 12.288  3.033   -15.023 1.00 32.65 ? 174 SER A N   1 
ATOM   990  C CA  . SER A 1 138 ? 11.791  1.653   -15.109 1.00 33.13 ? 174 SER A CA  1 
ATOM   991  C C   . SER A 1 138 ? 11.952  0.895   -13.795 1.00 32.20 ? 174 SER A C   1 
ATOM   992  O O   . SER A 1 138 ? 11.040  0.193   -13.359 1.00 31.43 ? 174 SER A O   1 
ATOM   993  C CB  . SER A 1 138 ? 12.514  0.887   -16.212 1.00 33.01 ? 174 SER A CB  1 
ATOM   994  O OG  . SER A 1 138 ? 12.107  1.347   -17.482 1.00 41.88 ? 174 SER A OG  1 
ATOM   995  N N   . ALA A 1 139 ? 13.126  1.025   -13.184 1.00 28.78 ? 175 ALA A N   1 
ATOM   996  C CA  . ALA A 1 139 ? 13.374  0.441   -11.875 1.00 28.76 ? 175 ALA A CA  1 
ATOM   997  C C   . ALA A 1 139 ? 12.361  0.950   -10.853 1.00 35.48 ? 175 ALA A C   1 
ATOM   998  O O   . ALA A 1 139 ? 11.787  0.164   -10.091 1.00 37.28 ? 175 ALA A O   1 
ATOM   999  C CB  . ALA A 1 139 ? 14.785  0.747   -11.412 1.00 25.31 ? 175 ALA A CB  1 
ATOM   1000 N N   . ALA A 1 140 ? 12.123  2.259   -10.850 1.00 29.45 ? 176 ALA A N   1 
ATOM   1001 C CA  . ALA A 1 140 ? 11.239  2.847   -9.856  1.00 30.82 ? 176 ALA A CA  1 
ATOM   1002 C C   . ALA A 1 140 ? 9.783   2.463   -10.119 1.00 33.93 ? 176 ALA A C   1 
ATOM   1003 O O   . ALA A 1 140 ? 8.997   2.317   -9.184  1.00 29.15 ? 176 ALA A O   1 
ATOM   1004 C CB  . ALA A 1 140 ? 11.397  4.359   -9.826  1.00 26.75 ? 176 ALA A CB  1 
ATOM   1005 N N   . ARG A 1 141 ? 9.432   2.308   -11.394 1.00 31.85 ? 177 ARG A N   1 
ATOM   1006 C CA  . ARG A 1 141 ? 8.070   1.958   -11.776 1.00 31.53 ? 177 ARG A CA  1 
ATOM   1007 C C   . ARG A 1 141 ? 7.741   0.557   -11.286 1.00 38.91 ? 177 ARG A C   1 
ATOM   1008 O O   . ARG A 1 141 ? 6.620   0.272   -10.867 1.00 37.19 ? 177 ARG A O   1 
ATOM   1009 C CB  . ARG A 1 141 ? 7.907   2.035   -13.287 1.00 36.75 ? 177 ARG A CB  1 
ATOM   1010 C CG  . ARG A 1 141 ? 6.508   1.789   -13.787 1.00 40.41 ? 177 ARG A CG  1 
ATOM   1011 C CD  . ARG A 1 141 ? 6.460   1.956   -15.298 1.00 46.16 ? 177 ARG A CD  1 
ATOM   1012 N NE  . ARG A 1 141 ? 6.954   3.266   -15.729 1.00 62.02 ? 177 ARG A NE  1 
ATOM   1013 C CZ  . ARG A 1 141 ? 6.257   4.398   -15.643 1.00 62.13 ? 177 ARG A CZ  1 
ATOM   1014 N NH1 . ARG A 1 141 ? 5.034   4.390   -15.123 1.00 63.31 ? 177 ARG A NH1 1 
ATOM   1015 N NH2 . ARG A 1 141 ? 6.785   5.543   -16.064 1.00 62.59 ? 177 ARG A NH2 1 
ATOM   1016 N N   . LEU A 1 142 ? 8.732   -0.325  -11.330 1.00 39.78 ? 178 LEU A N   1 
ATOM   1017 C CA  . LEU A 1 142 ? 8.515   -1.686  -10.873 1.00 38.21 ? 178 LEU A CA  1 
ATOM   1018 C C   . LEU A 1 142 ? 8.470   -1.749  -9.359  1.00 34.23 ? 178 LEU A C   1 
ATOM   1019 O O   . LEU A 1 142 ? 7.624   -2.436  -8.803  1.00 35.81 ? 178 LEU A O   1 
ATOM   1020 C CB  . LEU A 1 142 ? 9.597   -2.620  -11.407 1.00 39.37 ? 178 LEU A CB  1 
ATOM   1021 C CG  . LEU A 1 142 ? 9.113   -3.545  -12.524 1.00 42.70 ? 178 LEU A CG  1 
ATOM   1022 C CD1 . LEU A 1 142 ? 10.287  -4.255  -13.162 1.00 40.55 ? 178 LEU A CD1 1 
ATOM   1023 C CD2 . LEU A 1 142 ? 8.107   -4.553  -11.982 1.00 42.31 ? 178 LEU A CD2 1 
ATOM   1024 N N   . ALA A 1 143 ? 9.382   -1.041  -8.694  1.00 35.21 ? 179 ALA A N   1 
ATOM   1025 C CA  . ALA A 1 143 ? 9.412   -1.007  -7.231  1.00 30.67 ? 179 ALA A CA  1 
ATOM   1026 C C   . ALA A 1 143 ? 8.101   -0.439  -6.693  1.00 34.39 ? 179 ALA A C   1 
ATOM   1027 O O   . ALA A 1 143 ? 7.670   -0.757  -5.578  1.00 31.06 ? 179 ALA A O   1 
ATOM   1028 C CB  . ALA A 1 143 ? 10.587  -0.197  -6.739  1.00 29.57 ? 179 ALA A CB  1 
ATOM   1029 N N   . LYS A 1 144 ? 7.456   0.388   -7.511  1.00 33.46 ? 180 LYS A N   1 
ATOM   1030 C CA  . LYS A 1 144 ? 6.142   0.901   -7.180  1.00 30.73 ? 180 LYS A CA  1 
ATOM   1031 C C   . LYS A 1 144 ? 5.101   -0.200  -7.236  1.00 32.93 ? 180 LYS A C   1 
ATOM   1032 O O   . LYS A 1 144 ? 4.299   -0.373  -6.309  1.00 33.36 ? 180 LYS A O   1 
ATOM   1033 C CB  . LYS A 1 144 ? 5.726   2.024   -8.132  1.00 29.85 ? 180 LYS A CB  1 
ATOM   1034 C CG  . LYS A 1 144 ? 4.293   2.471   -7.855  1.00 31.29 ? 180 LYS A CG  1 
ATOM   1035 C CD  . LYS A 1 144 ? 3.658   3.153   -9.024  1.00 33.77 ? 180 LYS A CD  1 
ATOM   1036 C CE  . LYS A 1 144 ? 2.170   3.323   -8.805  1.00 36.71 ? 180 LYS A CE  1 
ATOM   1037 N NZ  . LYS A 1 144 ? 1.886   3.981   -7.495  1.00 36.42 ? 180 LYS A NZ  1 
ATOM   1038 N N   . GLN A 1 145 ? 5.094   -0.924  -8.350  1.00 36.90 ? 181 GLN A N   1 
ATOM   1039 C CA  . GLN A 1 145 ? 4.086   -1.955  -8.593  1.00 37.37 ? 181 GLN A CA  1 
ATOM   1040 C C   . GLN A 1 145 ? 4.123   -3.004  -7.489  1.00 33.83 ? 181 GLN A C   1 
ATOM   1041 O O   . GLN A 1 145 ? 3.069   -3.429  -7.005  1.00 35.98 ? 181 GLN A O   1 
ATOM   1042 C CB  . GLN A 1 145 ? 4.298   -2.594  -9.968  1.00 36.03 ? 181 GLN A CB  1 
ATOM   1043 C CG  . GLN A 1 145 ? 3.706   -1.761  -11.105 1.00 39.07 ? 181 GLN A CG  1 
ATOM   1044 C CD  . GLN A 1 145 ? 4.227   -2.168  -12.482 1.00 48.65 ? 181 GLN A CD  1 
ATOM   1045 O OE1 . GLN A 1 145 ? 5.102   -3.037  -12.604 1.00 46.87 ? 181 GLN A OE1 1 
ATOM   1046 N NE2 . GLN A 1 145 ? 3.690   -1.533  -13.529 1.00 41.87 ? 181 GLN A NE2 1 
ATOM   1047 N N   . LYS A 1 146 ? 5.336   -3.394  -7.090  1.00 27.88 ? 182 LYS A N   1 
ATOM   1048 C CA  . LYS A 1 146 ? 5.541   -4.290  -5.962  1.00 28.84 ? 182 LYS A CA  1 
ATOM   1049 C C   . LYS A 1 146 ? 4.943   -3.746  -4.673  1.00 34.37 ? 182 LYS A C   1 
ATOM   1050 O O   . LYS A 1 146 ? 4.384   -4.491  -3.872  1.00 35.24 ? 182 LYS A O   1 
ATOM   1051 C CB  . LYS A 1 146 ? 7.027   -4.543  -5.732  1.00 30.39 ? 182 LYS A CB  1 
ATOM   1052 C CG  . LYS A 1 146 ? 7.739   -5.197  -6.895  1.00 38.70 ? 182 LYS A CG  1 
ATOM   1053 C CD  . LYS A 1 146 ? 9.055   -5.828  -6.449  1.00 37.83 ? 182 LYS A CD  1 
ATOM   1054 C CE  . LYS A 1 146 ? 9.799   -6.450  -7.634  1.00 42.99 ? 182 LYS A CE  1 
ATOM   1055 N NZ  . LYS A 1 146 ? 10.907  -7.320  -7.167  1.00 48.60 ? 182 LYS A NZ  1 
ATOM   1056 N N   . ALA A 1 147 ? 5.081   -2.438  -4.478  1.00 32.97 ? 183 ALA A N   1 
ATOM   1057 C CA  . ALA A 1 147 ? 4.730   -1.785  -3.225  1.00 29.06 ? 183 ALA A CA  1 
ATOM   1058 C C   . ALA A 1 147 ? 3.217   -1.639  -3.093  1.00 28.53 ? 183 ALA A C   1 
ATOM   1059 O O   . ALA A 1 147 ? 2.663   -1.708  -1.987  1.00 27.58 ? 183 ALA A O   1 
ATOM   1060 C CB  . ALA A 1 147 ? 5.426   -0.424  -3.133  1.00 26.81 ? 183 ALA A CB  1 
ATOM   1061 N N   . ASP A 1 148 ? 2.558   -1.442  -4.228  1.00 27.63 ? 184 ASP A N   1 
ATOM   1062 C CA  . ASP A 1 148 ? 1.112   -1.329  -4.256  1.00 28.86 ? 184 ASP A CA  1 
ATOM   1063 C C   . ASP A 1 148 ? 0.499   -2.702  -4.070  1.00 34.32 ? 184 ASP A C   1 
ATOM   1064 O O   . ASP A 1 148 ? -0.486  -2.867  -3.336  1.00 30.62 ? 184 ASP A O   1 
ATOM   1065 C CB  . ASP A 1 148 ? 0.639   -0.698  -5.560  1.00 28.89 ? 184 ASP A CB  1 
ATOM   1066 C CG  . ASP A 1 148 ? 0.890   0.802   -5.600  1.00 35.92 ? 184 ASP A CG  1 
ATOM   1067 O OD1 . ASP A 1 148 ? 1.282   1.352   -4.548  1.00 31.36 ? 184 ASP A OD1 1 
ATOM   1068 O OD2 . ASP A 1 148 ? 0.676   1.432   -6.662  1.00 35.92 ? 184 ASP A OD2 1 
ATOM   1069 N N   . LYS A 1 149 ? 1.096   -3.681  -4.743  1.00 35.25 ? 185 LYS A N   1 
ATOM   1070 C CA  . LYS A 1 149 ? 0.714   -5.063  -4.566  1.00 35.06 ? 185 LYS A CA  1 
ATOM   1071 C C   . LYS A 1 149 ? 0.792   -5.400  -3.091  1.00 31.85 ? 185 LYS A C   1 
ATOM   1072 O O   . LYS A 1 149 ? -0.186  -5.869  -2.500  1.00 35.70 ? 185 LYS A O   1 
ATOM   1073 C CB  . LYS A 1 149 ? 1.617   -5.988  -5.377  1.00 38.67 ? 185 LYS A CB  1 
ATOM   1074 C CG  . LYS A 1 149 ? 1.416   -7.473  -5.083  1.00 39.47 ? 185 LYS A CG  1 
ATOM   1075 C CD  . LYS A 1 149 ? 2.780   -8.146  -4.935  1.00 48.28 ? 185 LYS A CD  1 
ATOM   1076 C CE  . LYS A 1 149 ? 3.601   -7.489  -3.818  1.00 39.37 ? 185 LYS A CE  1 
ATOM   1077 N NZ  . LYS A 1 149 ? 5.076   -7.683  -3.965  1.00 40.98 ? 185 LYS A NZ  1 
ATOM   1078 N N   . ALA A 1 150 ? 1.942   -5.117  -2.488  1.00 28.25 ? 186 ALA A N   1 
ATOM   1079 C CA  . ALA A 1 150 ? 2.140   -5.418  -1.072  1.00 29.14 ? 186 ALA A CA  1 
ATOM   1080 C C   . ALA A 1 150 ? 1.115   -4.706  -0.182  1.00 30.22 ? 186 ALA A C   1 
ATOM   1081 O O   . ALA A 1 150 ? 0.654   -5.255  0.827   1.00 29.73 ? 186 ALA A O   1 
ATOM   1082 C CB  . ALA A 1 150 ? 3.550   -5.063  -0.654  1.00 24.20 ? 186 ALA A CB  1 
ATOM   1083 N N   . ALA A 1 151 ? 0.742   -3.489  -0.559  1.00 29.04 ? 187 ALA A N   1 
ATOM   1084 C CA  . ALA A 1 151 ? -0.230  -2.744  0.219   1.00 28.61 ? 187 ALA A CA  1 
ATOM   1085 C C   . ALA A 1 151 ? -1.601  -3.378  0.034   1.00 29.72 ? 187 ALA A C   1 
ATOM   1086 O O   . ALA A 1 151 ? -2.405  -3.427  0.964   1.00 27.03 ? 187 ALA A O   1 
ATOM   1087 C CB  . ALA A 1 151 ? -0.250  -1.273  -0.189  1.00 26.82 ? 187 ALA A CB  1 
ATOM   1088 N N   . ALA A 1 152 ? -1.857  -3.871  -1.173  1.00 31.41 ? 188 ALA A N   1 
ATOM   1089 C CA  . ALA A 1 152 ? -3.156  -4.446  -1.496  1.00 30.55 ? 188 ALA A CA  1 
ATOM   1090 C C   . ALA A 1 152 ? -3.340  -5.753  -0.738  1.00 31.55 ? 188 ALA A C   1 
ATOM   1091 O O   . ALA A 1 152 ? -4.428  -6.044  -0.241  1.00 29.96 ? 188 ALA A O   1 
ATOM   1092 C CB  . ALA A 1 152 ? -3.289  -4.663  -2.983  1.00 27.75 ? 188 ALA A CB  1 
ATOM   1093 N N   . ASP A 1 153 ? -2.260  -6.520  -0.633  1.00 27.63 ? 189 ASP A N   1 
ATOM   1094 C CA  . ASP A 1 153 ? -2.278  -7.772  0.100   1.00 28.26 ? 189 ASP A CA  1 
ATOM   1095 C C   . ASP A 1 153 ? -2.484  -7.550  1.590   1.00 31.95 ? 189 ASP A C   1 
ATOM   1096 O O   . ASP A 1 153 ? -3.062  -8.391  2.278   1.00 32.86 ? 189 ASP A O   1 
ATOM   1097 C CB  . ASP A 1 153 ? -0.981  -8.546  -0.123  1.00 31.41 ? 189 ASP A CB  1 
ATOM   1098 C CG  . ASP A 1 153 ? -0.824  -9.022  -1.557  1.00 37.22 ? 189 ASP A CG  1 
ATOM   1099 O OD1 . ASP A 1 153 ? -1.811  -8.960  -2.335  1.00 39.15 ? 189 ASP A OD1 1 
ATOM   1100 O OD2 . ASP A 1 153 ? 0.292   -9.469  -1.899  1.00 38.50 ? 189 ASP A OD2 1 
ATOM   1101 N N   . ALA A 1 154 ? -1.996  -6.429  2.103   1.00 30.55 ? 190 ALA A N   1 
ATOM   1102 C CA  . ALA A 1 154 ? -2.157  -6.155  3.517   1.00 24.85 ? 190 ALA A CA  1 
ATOM   1103 C C   . ALA A 1 154 ? -3.612  -5.814  3.780   1.00 29.38 ? 190 ALA A C   1 
ATOM   1104 O O   . ALA A 1 154 ? -4.169  -6.214  4.801   1.00 29.11 ? 190 ALA A O   1 
ATOM   1105 C CB  . ALA A 1 154 ? -1.260  -5.046  3.952   1.00 24.24 ? 190 ALA A CB  1 
ATOM   1106 N N   . LYS A 1 155 ? -4.232  -5.093  2.846   1.00 29.19 ? 191 LYS A N   1 
ATOM   1107 C CA  . LYS A 1 155 ? -5.638  -4.717  2.981   1.00 30.42 ? 191 LYS A CA  1 
ATOM   1108 C C   . LYS A 1 155 ? -6.535  -5.960  2.992   1.00 32.88 ? 191 LYS A C   1 
ATOM   1109 O O   . LYS A 1 155 ? -7.485  -6.057  3.776   1.00 32.07 ? 191 LYS A O   1 
ATOM   1110 C CB  . LYS A 1 155 ? -6.045  -3.772  1.855   1.00 27.93 ? 191 LYS A CB  1 
ATOM   1111 C CG  . LYS A 1 155 ? -7.489  -3.284  1.929   1.00 30.04 ? 191 LYS A CG  1 
ATOM   1112 C CD  . LYS A 1 155 ? -7.804  -2.654  3.276   1.00 36.00 ? 191 LYS A CD  1 
ATOM   1113 C CE  . LYS A 1 155 ? -9.087  -1.828  3.235   1.00 34.42 ? 191 LYS A CE  1 
ATOM   1114 N NZ  . LYS A 1 155 ? -10.276 -2.619  2.835   1.00 35.70 ? 191 LYS A NZ  1 
ATOM   1115 N N   . ALA A 1 156 ? -6.218  -6.914  2.126   1.00 32.37 ? 192 ALA A N   1 
ATOM   1116 C CA  . ALA A 1 156 ? -6.947  -8.167  2.091   1.00 30.01 ? 192 ALA A CA  1 
ATOM   1117 C C   . ALA A 1 156 ? -6.813  -8.890  3.429   1.00 27.56 ? 192 ALA A C   1 
ATOM   1118 O O   . ALA A 1 156 ? -7.816  -9.296  4.009   1.00 33.42 ? 192 ALA A O   1 
ATOM   1119 C CB  . ALA A 1 156 ? -6.451  -9.048  0.938   1.00 25.79 ? 192 ALA A CB  1 
ATOM   1120 N N   . SER A 1 157 ? -5.589  -9.047  3.929   1.00 26.50 ? 193 SER A N   1 
ATOM   1121 C CA  . SER A 1 157 ? -5.383  -9.701  5.228   1.00 25.39 ? 193 SER A CA  1 
ATOM   1122 C C   . SER A 1 157 ? -6.185  -9.035  6.339   1.00 30.44 ? 193 SER A C   1 
ATOM   1123 O O   . SER A 1 157 ? -6.809  -9.707  7.167   1.00 31.84 ? 193 SER A O   1 
ATOM   1124 C CB  . SER A 1 157 ? -3.908  -9.704  5.615   1.00 25.16 ? 193 SER A CB  1 
ATOM   1125 O OG  . SER A 1 157 ? -3.124  -10.260 4.582   1.00 37.63 ? 193 SER A OG  1 
ATOM   1126 N N   . GLN A 1 158 ? -6.169  -7.708  6.355   1.00 28.22 ? 194 GLN A N   1 
ATOM   1127 C CA  . GLN A 1 158 ? -6.981  -6.956  7.295   1.00 26.64 ? 194 GLN A CA  1 
ATOM   1128 C C   . GLN A 1 158 ? -8.467  -7.280  7.150   1.00 29.44 ? 194 GLN A C   1 
ATOM   1129 O O   . GLN A 1 158 ? -9.173  -7.450  8.147   1.00 24.26 ? 194 GLN A O   1 
ATOM   1130 C CB  . GLN A 1 158 ? -6.766  -5.461  7.099   1.00 26.96 ? 194 GLN A CB  1 
ATOM   1131 C CG  . GLN A 1 158 ? -7.637  -4.605  7.997   1.00 26.59 ? 194 GLN A CG  1 
ATOM   1132 C CD  . GLN A 1 158 ? -7.470  -3.136  7.709   1.00 26.98 ? 194 GLN A CD  1 
ATOM   1133 O OE1 . GLN A 1 158 ? -6.477  -2.524  8.102   1.00 25.84 ? 194 GLN A OE1 1 
ATOM   1134 N NE2 . GLN A 1 158 ? -8.435  -2.561  7.008   1.00 28.69 ? 194 GLN A NE2 1 
ATOM   1135 N N   . ASP A 1 159 ? -8.942  -7.351  5.908   1.00 26.67 ? 195 ASP A N   1 
ATOM   1136 C CA  . ASP A 1 159 ? -10.362 -7.545  5.650   1.00 27.27 ? 195 ASP A CA  1 
ATOM   1137 C C   . ASP A 1 159 ? -10.825 -8.914  6.136   1.00 29.03 ? 195 ASP A C   1 
ATOM   1138 O O   . ASP A 1 159 ? -11.949 -9.069  6.600   1.00 25.99 ? 195 ASP A O   1 
ATOM   1139 C CB  . ASP A 1 159 ? -10.671 -7.395  4.165   1.00 31.51 ? 195 ASP A CB  1 
ATOM   1140 C CG  . ASP A 1 159 ? -10.607 -5.960  3.696   1.00 39.75 ? 195 ASP A CG  1 
ATOM   1141 O OD1 . ASP A 1 159 ? -10.841 -5.045  4.524   1.00 41.55 ? 195 ASP A OD1 1 
ATOM   1142 O OD2 . ASP A 1 159 ? -10.341 -5.753  2.488   1.00 49.28 ? 195 ASP A OD2 1 
ATOM   1143 N N   . ALA A 1 160 ? -9.944  -9.899  6.009   1.00 27.54 ? 196 ALA A N   1 
ATOM   1144 C CA  . ALA A 1 160 ? -10.224 -11.232 6.479   1.00 25.06 ? 196 ALA A CA  1 
ATOM   1145 C C   . ALA A 1 160 ? -10.306 -11.216 7.994   1.00 29.68 ? 196 ALA A C   1 
ATOM   1146 O O   . ALA A 1 160 ? -11.261 -11.726 8.579   1.00 31.31 ? 196 ALA A O   1 
ATOM   1147 C CB  . ALA A 1 160 ? -9.156  -12.190 6.010   1.00 23.27 ? 196 ALA A CB  1 
ATOM   1148 N N   . ALA A 1 161 ? -9.302  -10.614 8.628   1.00 30.18 ? 197 ALA A N   1 
ATOM   1149 C CA  . ALA A 1 161 ? -9.225  -10.587 10.087  1.00 26.23 ? 197 ALA A CA  1 
ATOM   1150 C C   . ALA A 1 161 ? -10.414 -9.849  10.690  1.00 25.79 ? 197 ALA A C   1 
ATOM   1151 O O   . ALA A 1 161 ? -10.919 -10.238 11.744  1.00 25.55 ? 197 ALA A O   1 
ATOM   1152 C CB  . ALA A 1 161 ? -7.918  -9.958  10.536  1.00 25.03 ? 197 ALA A CB  1 
ATOM   1153 N N   . VAL A 1 162 ? -10.872 -8.803  10.007  1.00 22.93 ? 198 VAL A N   1 
ATOM   1154 C CA  . VAL A 1 162 ? -12.060 -8.059  10.426  1.00 23.30 ? 198 VAL A CA  1 
ATOM   1155 C C   . VAL A 1 162 ? -13.303 -8.947  10.305  1.00 25.81 ? 198 VAL A C   1 
ATOM   1156 O O   . VAL A 1 162 ? -14.177 -8.925  11.168  1.00 23.65 ? 198 VAL A O   1 
ATOM   1157 C CB  . VAL A 1 162 ? -12.250 -6.757  9.593   1.00 27.29 ? 198 VAL A CB  1 
ATOM   1158 C CG1 . VAL A 1 162 ? -13.619 -6.159  9.819   1.00 22.47 ? 198 VAL A CG1 1 
ATOM   1159 C CG2 . VAL A 1 162 ? -11.170 -5.721  9.928   1.00 26.63 ? 198 VAL A CG2 1 
ATOM   1160 N N   . ALA A 1 163 ? -13.372 -9.753  9.249   1.00 27.66 ? 199 ALA A N   1 
ATOM   1161 C CA  . ALA A 1 163 ? -14.531 -10.633 9.056   1.00 26.22 ? 199 ALA A CA  1 
ATOM   1162 C C   . ALA A 1 163 ? -14.560 -11.729 10.098  1.00 26.31 ? 199 ALA A C   1 
ATOM   1163 O O   . ALA A 1 163 ? -15.628 -12.083 10.598  1.00 29.18 ? 199 ALA A O   1 
ATOM   1164 C CB  . ALA A 1 163 ? -14.529 -11.241 7.676   1.00 28.23 ? 199 ALA A CB  1 
ATOM   1165 N N   . ALA A 1 164 ? -13.390 -12.274 10.426  1.00 26.50 ? 200 ALA A N   1 
ATOM   1166 C CA  . ALA A 1 164 ? -13.329 -13.352 11.405  1.00 24.68 ? 200 ALA A CA  1 
ATOM   1167 C C   . ALA A 1 164 ? -13.749 -12.817 12.759  1.00 27.50 ? 200 ALA A C   1 
ATOM   1168 O O   . ALA A 1 164 ? -14.507 -13.456 13.489  1.00 28.59 ? 200 ALA A O   1 
ATOM   1169 C CB  . ALA A 1 164 ? -11.941 -13.964 11.462  1.00 18.86 ? 200 ALA A CB  1 
ATOM   1170 N N   . LEU A 1 165 ? -13.289 -11.616 13.079  1.00 25.78 ? 201 LEU A N   1 
ATOM   1171 C CA  . LEU A 1 165 ? -13.587 -11.031 14.370  1.00 21.36 ? 201 LEU A CA  1 
ATOM   1172 C C   . LEU A 1 165 ? -15.063 -10.700 14.476  1.00 23.58 ? 201 LEU A C   1 
ATOM   1173 O O   . LEU A 1 165 ? -15.682 -10.904 15.525  1.00 23.15 ? 201 LEU A O   1 
ATOM   1174 C CB  . LEU A 1 165 ? -12.738 -9.782  14.595  1.00 28.07 ? 201 LEU A CB  1 
ATOM   1175 C CG  . LEU A 1 165 ? -13.113 -8.889  15.778  1.00 25.18 ? 201 LEU A CG  1 
ATOM   1176 C CD1 . LEU A 1 165 ? -12.959 -9.614  17.130  1.00 21.79 ? 201 LEU A CD1 1 
ATOM   1177 C CD2 . LEU A 1 165 ? -12.269 -7.665  15.731  1.00 19.65 ? 201 LEU A CD2 1 
ATOM   1178 N N   . THR A 1 166 ? -15.643 -10.195 13.395  1.00 22.55 ? 202 THR A N   1 
ATOM   1179 C CA  . THR A 1 166 ? -17.064 -9.829  13.425  1.00 27.62 ? 202 THR A CA  1 
ATOM   1180 C C   . THR A 1 166 ? -17.947 -11.078 13.599  1.00 26.17 ? 202 THR A C   1 
ATOM   1181 O O   . THR A 1 166 ? -18.981 -11.040 14.261  1.00 25.04 ? 202 THR A O   1 
ATOM   1182 C CB  . THR A 1 166 ? -17.488 -9.071  12.148  1.00 26.45 ? 202 THR A CB  1 
ATOM   1183 O OG1 . THR A 1 166 ? -16.563 -8.012  11.889  1.00 27.04 ? 202 THR A OG1 1 
ATOM   1184 C CG2 . THR A 1 166 ? -18.842 -8.466  12.328  1.00 29.35 ? 202 THR A CG2 1 
ATOM   1185 N N   . GLU A 1 167 ? -17.522 -12.186 13.010  1.00 23.24 ? 203 GLU A N   1 
ATOM   1186 C CA  . GLU A 1 167 ? -18.283 -13.409 13.103  1.00 24.69 ? 203 GLU A CA  1 
ATOM   1187 C C   . GLU A 1 167 ? -18.202 -13.977 14.511  1.00 29.29 ? 203 GLU A C   1 
ATOM   1188 O O   . GLU A 1 167 ? -19.206 -14.443 15.067  1.00 28.67 ? 203 GLU A O   1 
ATOM   1189 C CB  . GLU A 1 167 ? -17.782 -14.431 12.083  1.00 28.19 ? 203 GLU A CB  1 
ATOM   1190 C CG  . GLU A 1 167 ? -18.268 -15.856 12.320  1.00 31.38 ? 203 GLU A CG  1 
ATOM   1191 C CD  . GLU A 1 167 ? -19.754 -16.046 12.019  1.00 40.54 ? 203 GLU A CD  1 
ATOM   1192 O OE1 . GLU A 1 167 ? -20.397 -15.113 11.473  1.00 38.18 ? 203 GLU A OE1 1 
ATOM   1193 O OE2 . GLU A 1 167 ? -20.282 -17.136 12.345  1.00 43.68 ? 203 GLU A OE2 1 
ATOM   1194 N N   . THR A 1 168 ? -17.007 -13.934 15.095  1.00 26.05 ? 204 THR A N   1 
ATOM   1195 C CA  . THR A 1 168 ? -16.821 -14.468 16.433  1.00 26.26 ? 204 THR A CA  1 
ATOM   1196 C C   . THR A 1 168 ? -17.610 -13.656 17.458  1.00 24.93 ? 204 THR A C   1 
ATOM   1197 O O   . THR A 1 168 ? -18.092 -14.205 18.448  1.00 23.20 ? 204 THR A O   1 
ATOM   1198 C CB  . THR A 1 168 ? -15.338 -14.514 16.819  1.00 25.58 ? 204 THR A CB  1 
ATOM   1199 O OG1 . THR A 1 168 ? -14.620 -15.259 15.834  1.00 28.72 ? 204 THR A OG1 1 
ATOM   1200 C CG2 . THR A 1 168 ? -15.149 -15.195 18.165  1.00 26.32 ? 204 THR A CG2 1 
ATOM   1201 N N   . ARG A 1 169 ? -17.760 -12.359 17.214  1.00 21.43 ? 205 ARG A N   1 
ATOM   1202 C CA  . ARG A 1 169 ? -18.574 -11.531 18.092  1.00 25.77 ? 205 ARG A CA  1 
ATOM   1203 C C   . ARG A 1 169 ? -20.063 -11.842 17.886  1.00 30.91 ? 205 ARG A C   1 
ATOM   1204 O O   . ARG A 1 169 ? -20.868 -11.749 18.827  1.00 27.52 ? 205 ARG A O   1 
ATOM   1205 C CB  . ARG A 1 169 ? -18.304 -10.044 17.865  1.00 27.01 ? 205 ARG A CB  1 
ATOM   1206 C CG  . ARG A 1 169 ? -19.301 -9.118  18.592  1.00 34.10 ? 205 ARG A CG  1 
ATOM   1207 C CD  . ARG A 1 169 ? -19.234 -9.272  20.119  1.00 33.73 ? 205 ARG A CD  1 
ATOM   1208 N NE  . ARG A 1 169 ? -20.271 -8.516  20.828  1.00 39.84 ? 205 ARG A NE  1 
ATOM   1209 C CZ  . ARG A 1 169 ? -20.060 -7.384  21.499  1.00 42.20 ? 205 ARG A CZ  1 
ATOM   1210 N NH1 . ARG A 1 169 ? -18.842 -6.863  21.557  1.00 48.91 ? 205 ARG A NH1 1 
ATOM   1211 N NH2 . ARG A 1 169 ? -21.065 -6.771  22.112  1.00 48.91 ? 205 ARG A NH2 1 
ATOM   1212 N N   . ARG A 1 170 ? -20.422 -12.212 16.655  1.00 27.66 ? 206 ARG A N   1 
ATOM   1213 C CA  . ARG A 1 170 ? -21.775 -12.658 16.356  1.00 28.73 ? 206 ARG A CA  1 
ATOM   1214 C C   . ARG A 1 170 ? -22.099 -13.908 17.182  1.00 28.20 ? 206 ARG A C   1 
ATOM   1215 O O   . ARG A 1 170 ? -23.161 -14.011 17.796  1.00 26.02 ? 206 ARG A O   1 
ATOM   1216 C CB  . ARG A 1 170 ? -21.930 -12.944 14.865  1.00 31.95 ? 206 ARG A CB  1 
ATOM   1217 C CG  . ARG A 1 170 ? -23.372 -13.191 14.405  1.00 37.16 ? 206 ARG A CG  1 
ATOM   1218 C CD  . ARG A 1 170 ? -23.411 -13.869 13.023  1.00 35.25 ? 206 ARG A CD  1 
ATOM   1219 N NE  . ARG A 1 170 ? -22.895 -15.241 13.069  1.00 40.48 ? 206 ARG A NE  1 
ATOM   1220 C CZ  . ARG A 1 170 ? -23.576 -16.276 13.559  1.00 43.75 ? 206 ARG A CZ  1 
ATOM   1221 N NH1 . ARG A 1 170 ? -24.797 -16.085 14.038  1.00 48.91 ? 206 ARG A NH1 1 
ATOM   1222 N NH2 . ARG A 1 170 ? -23.047 -17.496 13.573  1.00 48.91 ? 206 ARG A NH2 1 
ATOM   1223 N N   . LYS A 1 171 ? -21.167 -14.851 17.201  1.00 26.63 ? 207 LYS A N   1 
ATOM   1224 C CA  . LYS A 1 171 ? -21.329 -16.066 17.986  1.00 26.54 ? 207 LYS A CA  1 
ATOM   1225 C C   . LYS A 1 171 ? -21.370 -15.790 19.487  1.00 25.08 ? 207 LYS A C   1 
ATOM   1226 O O   . LYS A 1 171 ? -22.158 -16.391 20.218  1.00 29.20 ? 207 LYS A O   1 
ATOM   1227 C CB  . LYS A 1 171 ? -20.212 -17.048 17.659  1.00 19.90 ? 207 LYS A CB  1 
ATOM   1228 C CG  . LYS A 1 171 ? -20.606 -18.028 16.594  1.00 27.09 ? 207 LYS A CG  1 
ATOM   1229 C CD  . LYS A 1 171 ? -19.505 -18.272 15.599  1.00 31.36 ? 207 LYS A CD  1 
ATOM   1230 C CE  . LYS A 1 171 ? -18.500 -19.264 16.110  1.00 28.00 ? 207 LYS A CE  1 
ATOM   1231 N NZ  . LYS A 1 171 ? -17.368 -19.316 15.142  1.00 41.18 ? 207 LYS A NZ  1 
ATOM   1232 N N   . PHE A 1 172 ? -20.526 -14.876 19.948  1.00 24.44 ? 208 PHE A N   1 
ATOM   1233 C CA  . PHE A 1 172 ? -20.488 -14.531 21.361  1.00 24.10 ? 208 PHE A CA  1 
ATOM   1234 C C   . PHE A 1 172 ? -21.845 -14.000 21.839  1.00 27.77 ? 208 PHE A C   1 
ATOM   1235 O O   . PHE A 1 172 ? -22.356 -14.427 22.891  1.00 25.54 ? 208 PHE A O   1 
ATOM   1236 C CB  . PHE A 1 172 ? -19.372 -13.503 21.634  1.00 24.94 ? 208 PHE A CB  1 
ATOM   1237 C CG  . PHE A 1 172 ? -19.313 -13.027 23.066  1.00 28.63 ? 208 PHE A CG  1 
ATOM   1238 C CD1 . PHE A 1 172 ? -18.558 -13.717 24.013  1.00 25.45 ? 208 PHE A CD1 1 
ATOM   1239 C CD2 . PHE A 1 172 ? -20.019 -11.897 23.470  1.00 28.75 ? 208 PHE A CD2 1 
ATOM   1240 C CE1 . PHE A 1 172 ? -18.505 -13.284 25.335  1.00 22.83 ? 208 PHE A CE1 1 
ATOM   1241 C CE2 . PHE A 1 172 ? -19.979 -11.462 24.791  1.00 27.32 ? 208 PHE A CE2 1 
ATOM   1242 C CZ  . PHE A 1 172 ? -19.220 -12.151 25.720  1.00 29.32 ? 208 PHE A CZ  1 
ATOM   1243 N N   . ASP A 1 173 ? -22.398 -13.082 21.078  1.00 25.00 ? 209 ASP A N   1 
ATOM   1244 C CA  . ASP A 1 173 ? -23.656 -12.464 21.359  1.00 27.56 ? 209 ASP A CA  1 
ATOM   1245 C C   . ASP A 1 173 ? -24.789 -13.463 21.487  1.00 30.43 ? 209 ASP A C   1 
ATOM   1246 O O   . ASP A 1 173 ? -25.539 -13.392 22.411  1.00 31.61 ? 209 ASP A O   1 
ATOM   1247 C CB  . ASP A 1 173 ? -23.954 -11.366 20.369  1.00 31.30 ? 209 ASP A CB  1 
ATOM   1248 C CG  . ASP A 1 173 ? -23.197 -10.106 20.672  1.00 37.20 ? 209 ASP A CG  1 
ATOM   1249 O OD1 . ASP A 1 173 ? -22.800 -9.937  21.803  1.00 42.63 ? 209 ASP A OD1 1 
ATOM   1250 O OD2 . ASP A 1 173 ? -22.995 -9.281  19.809  1.00 37.42 ? 209 ASP A OD2 1 
ATOM   1251 N N   . GLU A 1 174 ? -24.866 -14.406 20.569  1.00 27.97 ? 210 GLU A N   1 
ATOM   1252 C CA  . GLU A 1 174 ? -25.864 -15.416 20.632  1.00 27.72 ? 210 GLU A CA  1 
ATOM   1253 C C   . GLU A 1 174 ? -25.648 -16.375 21.800  1.00 27.10 ? 210 GLU A C   1 
ATOM   1254 O O   . GLU A 1 174 ? -26.591 -16.803 22.377  1.00 26.90 ? 210 GLU A O   1 
ATOM   1255 C CB  . GLU A 1 174 ? -26.073 -16.094 19.285  1.00 27.67 ? 210 GLU A CB  1 
ATOM   1256 C CG  . GLU A 1 174 ? -25.150 -17.194 18.872  1.00 42.56 ? 210 GLU A CG  1 
ATOM   1257 C CD  . GLU A 1 174 ? -25.540 -17.807 17.520  1.00 51.27 ? 210 GLU A CD  1 
ATOM   1258 O OE1 . GLU A 1 174 ? -25.832 -17.073 16.580  1.00 43.07 ? 210 GLU A OE1 1 
ATOM   1259 O OE2 . GLU A 1 174 ? -25.595 -19.022 17.388  1.00 54.62 ? 210 GLU A OE2 1 
ATOM   1260 N N   . GLN A 1 175 ? -24.406 -16.670 22.129  1.00 23.63 ? 211 GLN A N   1 
ATOM   1261 C CA  . GLN A 1 175 ? -24.110 -17.533 23.229  1.00 25.30 ? 211 GLN A CA  1 
ATOM   1262 C C   . GLN A 1 175 ? -24.465 -16.848 24.556  1.00 24.93 ? 211 GLN A C   1 
ATOM   1263 O O   . GLN A 1 175 ? -24.845 -17.505 25.471  1.00 24.99 ? 211 GLN A O   1 
ATOM   1264 C CB  . GLN A 1 175 ? -22.690 -18.053 23.183  1.00 20.95 ? 211 GLN A CB  1 
ATOM   1265 C CG  . GLN A 1 175 ? -22.327 -19.006 24.278  1.00 20.78 ? 211 GLN A CG  1 
ATOM   1266 C CD  . GLN A 1 175 ? -23.083 -20.302 24.217  1.00 24.37 ? 211 GLN A CD  1 
ATOM   1267 O OE1 . GLN A 1 175 ? -23.120 -20.954 23.220  1.00 37.68 ? 211 GLN A OE1 1 
ATOM   1268 N NE2 . GLN A 1 175 ? -23.656 -20.663 25.269  1.00 21.02 ? 211 GLN A NE2 1 
ATOM   1269 N N   . ARG A 1 176 ? -24.335 -15.530 24.604  1.00 23.08 ? 212 ARG A N   1 
ATOM   1270 C CA  . ARG A 1 176 ? -24.687 -14.749 25.772  1.00 25.28 ? 212 ARG A CA  1 
ATOM   1271 C C   . ARG A 1 176 ? -26.189 -14.816 26.028  1.00 28.44 ? 212 ARG A C   1 
ATOM   1272 O O   . ARG A 1 176 ? -26.621 -14.916 27.173  1.00 26.24 ? 212 ARG A O   1 
ATOM   1273 C CB  . ARG A 1 176 ? -24.247 -13.300 25.598  1.00 26.55 ? 212 ARG A CB  1 
ATOM   1274 C CG  . ARG A 1 176 ? -24.336 -12.469 26.875  1.00 28.38 ? 212 ARG A CG  1 
ATOM   1275 C CD  . ARG A 1 176 ? -23.773 -11.061 26.653  1.00 39.12 ? 212 ARG A CD  1 
ATOM   1276 N NE  . ARG A 1 176 ? -24.401 -10.414 25.499  1.00 48.82 ? 212 ARG A NE  1 
ATOM   1277 C CZ  . ARG A 1 176 ? -23.813 -9.501  24.731  1.00 46.47 ? 212 ARG A CZ  1 
ATOM   1278 N NH1 . ARG A 1 176 ? -22.564 -9.112  24.981  1.00 42.51 ? 212 ARG A NH1 1 
ATOM   1279 N NH2 . ARG A 1 176 ? -24.475 -8.986  23.696  1.00 43.89 ? 212 ARG A NH2 1 
ATOM   1280 N N   . GLU A 1 177 ? -26.983 -14.768 24.962  1.00 28.46 ? 213 GLU A N   1 
ATOM   1281 C CA  . GLU A 1 177 ? -28.431 -14.933 25.090  1.00 28.95 ? 213 GLU A CA  1 
ATOM   1282 C C   . GLU A 1 177 ? -28.764 -16.327 25.586  1.00 26.27 ? 213 GLU A C   1 
ATOM   1283 O O   . GLU A 1 177 ? -29.576 -16.490 26.484  1.00 27.32 ? 213 GLU A O   1 
ATOM   1284 C CB  . GLU A 1 177 ? -29.141 -14.653 23.763  1.00 32.08 ? 213 GLU A CB  1 
ATOM   1285 C CG  . GLU A 1 177 ? -29.339 -13.159 23.484  1.00 43.26 ? 213 GLU A CG  1 
ATOM   1286 C CD  . GLU A 1 177 ? -29.413 -12.802 21.986  1.00 56.13 ? 213 GLU A CD  1 
ATOM   1287 O OE1 . GLU A 1 177 ? -29.903 -13.625 21.170  1.00 53.58 ? 213 GLU A OE1 1 
ATOM   1288 O OE2 . GLU A 1 177 ? -28.973 -11.681 21.629  1.00 62.51 ? 213 GLU A OE2 1 
ATOM   1289 N N   . GLU A 1 178 ? -28.120 -17.339 25.019  1.00 25.64 ? 214 GLU A N   1 
ATOM   1290 C CA  . GLU A 1 178 ? -28.355 -18.695 25.483  1.00 26.08 ? 214 GLU A CA  1 
ATOM   1291 C C   . GLU A 1 178 ? -28.046 -18.856 26.969  1.00 27.04 ? 214 GLU A C   1 
ATOM   1292 O O   . GLU A 1 178 ? -28.784 -19.523 27.701  1.00 26.26 ? 214 GLU A O   1 
ATOM   1293 C CB  . GLU A 1 178 ? -27.532 -19.680 24.675  1.00 22.68 ? 214 GLU A CB  1 
ATOM   1294 C CG  . GLU A 1 178 ? -27.874 -21.122 24.947  1.00 27.79 ? 214 GLU A CG  1 
ATOM   1295 C CD  . GLU A 1 178 ? -29.292 -21.503 24.508  1.00 40.69 ? 214 GLU A CD  1 
ATOM   1296 O OE1 . GLU A 1 178 ? -29.978 -20.682 23.844  1.00 42.90 ? 214 GLU A OE1 1 
ATOM   1297 O OE2 . GLU A 1 178 ? -29.721 -22.639 24.823  1.00 41.88 ? 214 GLU A OE2 1 
ATOM   1298 N N   . VAL A 1 179 ? -26.959 -18.239 27.418  1.00 24.14 ? 215 VAL A N   1 
ATOM   1299 C CA  . VAL A 1 179 ? -26.539 -18.361 28.813  1.00 25.94 ? 215 VAL A CA  1 
ATOM   1300 C C   . VAL A 1 179 ? -27.607 -17.764 29.750  1.00 26.70 ? 215 VAL A C   1 
ATOM   1301 O O   . VAL A 1 179 ? -28.028 -18.387 30.728  1.00 24.76 ? 215 VAL A O   1 
ATOM   1302 C CB  . VAL A 1 179 ? -25.170 -17.675 29.039  1.00 21.68 ? 215 VAL A CB  1 
ATOM   1303 C CG1 . VAL A 1 179 ? -25.034 -17.160 30.457  1.00 20.51 ? 215 VAL A CG1 1 
ATOM   1304 C CG2 . VAL A 1 179 ? -24.043 -18.627 28.690  1.00 18.77 ? 215 VAL A CG2 1 
ATOM   1305 N N   . GLN A 1 180 ? -28.059 -16.564 29.425  1.00 22.48 ? 216 GLN A N   1 
ATOM   1306 C CA  . GLN A 1 180 ? -29.056 -15.905 30.228  1.00 26.86 ? 216 GLN A CA  1 
ATOM   1307 C C   . GLN A 1 180 ? -30.319 -16.742 30.266  1.00 28.89 ? 216 GLN A C   1 
ATOM   1308 O O   . GLN A 1 180 ? -30.953 -16.879 31.309  1.00 29.41 ? 216 GLN A O   1 
ATOM   1309 C CB  . GLN A 1 180 ? -29.328 -14.511 29.669  1.00 30.17 ? 216 GLN A CB  1 
ATOM   1310 C CG  . GLN A 1 180 ? -28.137 -13.595 29.803  1.00 34.97 ? 216 GLN A CG  1 
ATOM   1311 C CD  . GLN A 1 180 ? -28.261 -12.358 28.956  1.00 42.94 ? 216 GLN A CD  1 
ATOM   1312 O OE1 . GLN A 1 180 ? -28.489 -12.447 27.750  1.00 44.53 ? 216 GLN A OE1 1 
ATOM   1313 N NE2 . GLN A 1 180 ? -28.096 -11.190 29.575  1.00 45.79 ? 216 GLN A NE2 1 
ATOM   1314 N N   . ARG A 1 181 ? -30.667 -17.333 29.130  1.00 27.09 ? 217 ARG A N   1 
ATOM   1315 C CA  . ARG A 1 181 ? -31.867 -18.147 29.054  1.00 25.72 ? 217 ARG A CA  1 
ATOM   1316 C C   . ARG A 1 181 ? -31.773 -19.370 29.941  1.00 23.73 ? 217 ARG A C   1 
ATOM   1317 O O   . ARG A 1 181 ? -32.678 -19.656 30.707  1.00 25.46 ? 217 ARG A O   1 
ATOM   1318 C CB  . ARG A 1 181 ? -32.130 -18.572 27.623  1.00 26.12 ? 217 ARG A CB  1 
ATOM   1319 C CG  . ARG A 1 181 ? -33.584 -18.827 27.356  1.00 26.87 ? 217 ARG A CG  1 
ATOM   1320 C CD  . ARG A 1 181 ? -33.769 -19.563 26.065  1.00 29.01 ? 217 ARG A CD  1 
ATOM   1321 N NE  . ARG A 1 181 ? -32.722 -19.259 25.091  1.00 35.61 ? 217 ARG A NE  1 
ATOM   1322 C CZ  . ARG A 1 181 ? -32.634 -18.120 24.393  1.00 39.64 ? 217 ARG A CZ  1 
ATOM   1323 N NH1 . ARG A 1 181 ? -33.539 -17.155 24.570  1.00 41.57 ? 217 ARG A NH1 1 
ATOM   1324 N NH2 . ARG A 1 181 ? -31.631 -17.942 23.525  1.00 27.68 ? 217 ARG A NH2 1 
ATOM   1325 N N   . LEU A 1 182 ? -30.674 -20.099 29.834  1.00 25.12 ? 218 LEU A N   1 
ATOM   1326 C CA  . LEU A 1 182 ? -30.474 -21.276 30.664  1.00 25.58 ? 218 LEU A CA  1 
ATOM   1327 C C   . LEU A 1 182 ? -30.337 -20.923 32.142  1.00 27.68 ? 218 LEU A C   1 
ATOM   1328 O O   . LEU A 1 182 ? -30.775 -21.678 33.001  1.00 27.73 ? 218 LEU A O   1 
ATOM   1329 C CB  . LEU A 1 182 ? -29.244 -22.040 30.211  1.00 24.58 ? 218 LEU A CB  1 
ATOM   1330 C CG  . LEU A 1 182 ? -29.355 -22.824 28.907  1.00 28.40 ? 218 LEU A CG  1 
ATOM   1331 C CD1 . LEU A 1 182 ? -27.965 -23.043 28.317  1.00 26.93 ? 218 LEU A CD1 1 
ATOM   1332 C CD2 . LEU A 1 182 ? -30.053 -24.155 29.167  1.00 24.27 ? 218 LEU A CD2 1 
ATOM   1333 N N   . ALA A 1 183 ? -29.731 -19.780 32.442  1.00 26.24 ? 219 ALA A N   1 
ATOM   1334 C CA  . ALA A 1 183 ? -29.578 -19.369 33.831  1.00 29.24 ? 219 ALA A CA  1 
ATOM   1335 C C   . ALA A 1 183 ? -30.945 -19.174 34.483  1.00 31.84 ? 219 ALA A C   1 
ATOM   1336 O O   . ALA A 1 183 ? -31.263 -19.830 35.495  1.00 29.35 ? 219 ALA A O   1 
ATOM   1337 C CB  . ALA A 1 183 ? -28.749 -18.088 33.928  1.00 27.03 ? 219 ALA A CB  1 
ATOM   1338 N N   . ALA A 1 184 ? -31.740 -18.272 33.901  1.00 29.00 ? 220 ALA A N   1 
ATOM   1339 C CA  . ALA A 1 184 ? -33.105 -18.000 34.364  1.00 32.60 ? 220 ALA A CA  1 
ATOM   1340 C C   . ALA A 1 184 ? -33.907 -19.284 34.510  1.00 31.95 ? 220 ALA A C   1 
ATOM   1341 O O   . ALA A 1 184 ? -34.612 -19.482 35.499  1.00 37.66 ? 220 ALA A O   1 
ATOM   1342 C CB  . ALA A 1 184 ? -33.813 -17.048 33.411  1.00 25.52 ? 220 ALA A CB  1 
ATOM   1343 N N   . GLU A 1 185 ? -33.766 -20.181 33.546  1.00 30.95 ? 221 GLU A N   1 
ATOM   1344 C CA  . GLU A 1 185 ? -34.500 -21.429 33.606  1.00 29.97 ? 221 GLU A CA  1 
ATOM   1345 C C   . GLU A 1 185 ? -34.024 -22.338 34.738  1.00 30.83 ? 221 GLU A C   1 
ATOM   1346 O O   . GLU A 1 185 ? -34.815 -23.075 35.328  1.00 32.27 ? 221 GLU A O   1 
ATOM   1347 C CB  . GLU A 1 185 ? -34.409 -22.166 32.275  1.00 27.03 ? 221 GLU A CB  1 
ATOM   1348 C CG  . GLU A 1 185 ? -35.264 -23.401 32.279  1.00 34.93 ? 221 GLU A CG  1 
ATOM   1349 C CD  . GLU A 1 185 ? -35.190 -24.202 31.000  1.00 46.43 ? 221 GLU A CD  1 
ATOM   1350 O OE1 . GLU A 1 185 ? -34.578 -23.722 30.014  1.00 42.90 ? 221 GLU A OE1 1 
ATOM   1351 O OE2 . GLU A 1 185 ? -35.744 -25.329 31.002  1.00 45.38 ? 221 GLU A OE2 1 
ATOM   1352 N N   . ARG A 1 186 ? -32.730 -22.306 35.036  1.00 33.41 ? 222 ARG A N   1 
ATOM   1353 C CA  . ARG A 1 186 ? -32.194 -23.127 36.123  1.00 32.66 ? 222 ARG A CA  1 
ATOM   1354 C C   . ARG A 1 186 ? -32.660 -22.556 37.459  1.00 31.02 ? 222 ARG A C   1 
ATOM   1355 O O   . ARG A 1 186 ? -33.076 -23.301 38.335  1.00 34.41 ? 222 ARG A O   1 
ATOM   1356 C CB  . ARG A 1 186 ? -30.667 -23.195 36.063  1.00 31.93 ? 222 ARG A CB  1 
ATOM   1357 C CG  . ARG A 1 186 ? -29.995 -24.099 37.112  1.00 32.51 ? 222 ARG A CG  1 
ATOM   1358 C CD  . ARG A 1 186 ? -28.613 -23.532 37.480  1.00 31.38 ? 222 ARG A CD  1 
ATOM   1359 N NE  . ARG A 1 186 ? -28.716 -22.092 37.742  1.00 35.31 ? 222 ARG A NE  1 
ATOM   1360 C CZ  . ARG A 1 186 ? -27.725 -21.214 37.591  1.00 34.24 ? 222 ARG A CZ  1 
ATOM   1361 N NH1 . ARG A 1 186 ? -26.525 -21.622 37.201  1.00 28.64 ? 222 ARG A NH1 1 
ATOM   1362 N NH2 . ARG A 1 186 ? -27.940 -19.922 37.836  1.00 31.66 ? 222 ARG A NH2 1 
ATOM   1363 N N   . ASP A 1 187 ? -32.587 -21.232 37.591  1.00 32.10 ? 223 ASP A N   1 
ATOM   1364 C CA  . ASP A 1 187 ? -33.151 -20.506 38.726  1.00 33.08 ? 223 ASP A CA  1 
ATOM   1365 C C   . ASP A 1 187 ? -34.572 -20.970 39.046  1.00 34.68 ? 223 ASP A C   1 
ATOM   1366 O O   . ASP A 1 187 ? -34.851 -21.490 40.144  1.00 31.40 ? 223 ASP A O   1 
ATOM   1367 C CB  . ASP A 1 187 ? -33.185 -18.994 38.439  1.00 34.85 ? 223 ASP A CB  1 
ATOM   1368 C CG  . ASP A 1 187 ? -31.803 -18.317 38.532  1.00 43.18 ? 223 ASP A CG  1 
ATOM   1369 O OD1 . ASP A 1 187 ? -30.764 -19.010 38.672  1.00 40.95 ? 223 ASP A OD1 1 
ATOM   1370 O OD2 . ASP A 1 187 ? -31.768 -17.066 38.432  1.00 43.30 ? 223 ASP A OD2 1 
ATOM   1371 N N   . ALA A 1 188 ? -35.453 -20.767 38.063  1.00 32.30 ? 224 ALA A N   1 
ATOM   1372 C CA  . ALA A 1 188 ? -36.883 -21.021 38.195  1.00 28.86 ? 224 ALA A CA  1 
ATOM   1373 C C   . ALA A 1 188 ? -37.180 -22.480 38.509  1.00 27.61 ? 224 ALA A C   1 
ATOM   1374 O O   . ALA A 1 188 ? -38.161 -22.778 39.171  1.00 29.38 ? 224 ALA A O   1 
ATOM   1375 C CB  . ALA A 1 188 ? -37.607 -20.595 36.934  1.00 24.42 ? 224 ALA A CB  1 
ATOM   1376 N N   . ALA A 1 189 ? -36.332 -23.390 38.054  1.00 25.05 ? 225 ALA A N   1 
ATOM   1377 C CA  . ALA A 1 189 ? -36.529 -24.791 38.373  1.00 26.20 ? 225 ALA A CA  1 
ATOM   1378 C C   . ALA A 1 189 ? -36.247 -25.047 39.859  1.00 34.62 ? 225 ALA A C   1 
ATOM   1379 O O   . ALA A 1 189 ? -37.009 -25.747 40.528  1.00 35.94 ? 225 ALA A O   1 
ATOM   1380 C CB  . ALA A 1 189 ? -35.665 -25.658 37.510  1.00 24.35 ? 225 ALA A CB  1 
ATOM   1381 N N   . GLN A 1 190 ? -35.164 -24.472 40.378  1.00 36.50 ? 226 GLN A N   1 
ATOM   1382 C CA  . GLN A 1 190 ? -34.833 -24.633 41.791  1.00 33.44 ? 226 GLN A CA  1 
ATOM   1383 C C   . GLN A 1 190 ? -35.914 -23.994 42.652  1.00 32.67 ? 226 GLN A C   1 
ATOM   1384 O O   . GLN A 1 190 ? -36.313 -24.567 43.661  1.00 36.61 ? 226 GLN A O   1 
ATOM   1385 C CB  . GLN A 1 190 ? -33.468 -24.018 42.124  1.00 36.31 ? 226 GLN A CB  1 
ATOM   1386 C CG  . GLN A 1 190 ? -32.361 -24.384 41.147  1.00 46.03 ? 226 GLN A CG  1 
ATOM   1387 C CD  . GLN A 1 190 ? -31.139 -25.017 41.816  1.00 55.68 ? 226 GLN A CD  1 
ATOM   1388 O OE1 . GLN A 1 190 ? -31.216 -25.514 42.952  1.00 57.06 ? 226 GLN A OE1 1 
ATOM   1389 N NE2 . GLN A 1 190 ? -30.007 -25.020 41.101  1.00 47.05 ? 226 GLN A NE2 1 
ATOM   1390 N N   . ALA A 1 191 ? -36.369 -22.805 42.250  1.00 28.36 ? 227 ALA A N   1 
ATOM   1391 C CA  . ALA A 1 191 ? -37.450 -22.100 42.932  1.00 29.37 ? 227 ALA A CA  1 
ATOM   1392 C C   . ALA A 1 191 ? -38.677 -22.999 43.077  1.00 35.87 ? 227 ALA A C   1 
ATOM   1393 O O   . ALA A 1 191 ? -39.195 -23.190 44.182  1.00 35.40 ? 227 ALA A O   1 
ATOM   1394 C CB  . ALA A 1 191 ? -37.812 -20.831 42.181  1.00 22.27 ? 227 ALA A CB  1 
ATOM   1395 N N   . ARG A 1 192 ? -39.127 -23.544 41.947  1.00 35.21 ? 228 ARG A N   1 
ATOM   1396 C CA  . ARG A 1 192 ? -40.210 -24.507 41.919  1.00 28.71 ? 228 ARG A CA  1 
ATOM   1397 C C   . ARG A 1 192 ? -39.941 -25.667 42.841  1.00 30.77 ? 228 ARG A C   1 
ATOM   1398 O O   . ARG A 1 192 ? -40.805 -26.039 43.623  1.00 33.54 ? 228 ARG A O   1 
ATOM   1399 C CB  . ARG A 1 192 ? -40.439 -25.031 40.507  1.00 28.76 ? 228 ARG A CB  1 
ATOM   1400 C CG  . ARG A 1 192 ? -41.188 -24.077 39.595  1.00 34.93 ? 228 ARG A CG  1 
ATOM   1401 C CD  . ARG A 1 192 ? -41.715 -24.794 38.356  1.00 34.79 ? 228 ARG A CD  1 
ATOM   1402 N NE  . ARG A 1 192 ? -40.693 -25.603 37.680  1.00 33.50 ? 228 ARG A NE  1 
ATOM   1403 C CZ  . ARG A 1 192 ? -39.890 -25.139 36.722  1.00 30.54 ? 228 ARG A CZ  1 
ATOM   1404 N NH1 . ARG A 1 192 ? -39.985 -23.877 36.329  1.00 27.36 ? 228 ARG A NH1 1 
ATOM   1405 N NH2 . ARG A 1 192 ? -38.998 -25.937 36.153  1.00 27.95 ? 228 ARG A NH2 1 
ATOM   1406 N N   . LEU A 1 193 ? -38.765 -26.240 42.757  1.00 32.40 ? 229 LEU A N   1 
ATOM   1407 C CA  . LEU A 1 193 ? -38.428 -27.348 43.612  1.00 33.69 ? 229 LEU A CA  1 
ATOM   1408 C C   . LEU A 1 193 ? -38.474 -26.962 45.087  1.00 38.16 ? 229 LEU A C   1 
ATOM   1409 O O   . LEU A 1 193 ? -38.972 -27.698 45.874  1.00 38.65 ? 229 LEU A O   1 
ATOM   1410 C CB  . LEU A 1 193 ? -37.109 -27.997 43.240  1.00 36.17 ? 229 LEU A CB  1 
ATOM   1411 C CG  . LEU A 1 193 ? -36.578 -28.944 44.307  1.00 45.90 ? 229 LEU A CG  1 
ATOM   1412 C CD1 . LEU A 1 193 ? -37.413 -30.189 44.486  1.00 52.61 ? 229 LEU A CD1 1 
ATOM   1413 C CD2 . LEU A 1 193 ? -35.103 -29.263 44.313  1.00 44.81 ? 229 LEU A CD2 1 
ATOM   1414 N N   . GLN A 1 194 ? -37.965 -25.799 45.438  1.00 35.59 ? 230 GLN A N   1 
ATOM   1415 C CA  . GLN A 1 194 ? -38.010 -25.351 46.794  1.00 38.82 ? 230 GLN A CA  1 
ATOM   1416 C C   . GLN A 1 194 ? -39.447 -25.172 47.247  1.00 40.65 ? 230 GLN A C   1 
ATOM   1417 O O   . GLN A 1 194 ? -39.826 -25.646 48.285  1.00 41.06 ? 230 GLN A O   1 
ATOM   1418 C CB  . GLN A 1 194 ? -37.270 -24.052 46.960  1.00 38.65 ? 230 GLN A CB  1 
ATOM   1419 C CG  . GLN A 1 194 ? -36.077 -24.170 47.865  1.00 48.73 ? 230 GLN A CG  1 
ATOM   1420 C CD  . GLN A 1 194 ? -35.625 -22.820 48.373  1.00 60.34 ? 230 GLN A CD  1 
ATOM   1421 O OE1 . GLN A 1 194 ? -34.443 -22.593 48.625  1.00 62.49 ? 230 GLN A OE1 1 
ATOM   1422 N NE2 . GLN A 1 194 ? -36.571 -21.903 48.506  1.00 64.58 ? 230 GLN A NE2 1 
ATOM   1423 N N   . ALA A 1 195 ? -40.229 -24.484 46.444  1.00 34.53 ? 231 ALA A N   1 
ATOM   1424 C CA  . ALA A 1 195 ? -41.610 -24.242 46.731  1.00 34.72 ? 231 ALA A CA  1 
ATOM   1425 C C   . ALA A 1 195 ? -42.354 -25.535 47.023  1.00 37.75 ? 231 ALA A C   1 
ATOM   1426 O O   . ALA A 1 195 ? -43.121 -25.607 47.927  1.00 40.66 ? 231 ALA A O   1 
ATOM   1427 C CB  . ALA A 1 195 ? -42.262 -23.478 45.616  1.00 26.62 ? 231 ALA A CB  1 
ATOM   1428 N N   . ALA A 1 196 ? -42.088 -26.552 46.251  1.00 35.92 ? 232 ALA A N   1 
ATOM   1429 C CA  . ALA A 1 196 ? -42.694 -27.809 46.438  1.00 34.25 ? 232 ALA A CA  1 
ATOM   1430 C C   . ALA A 1 196 ? -42.291 -28.437 47.729  1.00 38.74 ? 232 ALA A C   1 
ATOM   1431 O O   . ALA A 1 196 ? -43.079 -29.064 48.332  1.00 45.11 ? 232 ALA A O   1 
ATOM   1432 C CB  . ALA A 1 196 ? -42.354 -28.712 45.304  1.00 34.14 ? 232 ALA A CB  1 
ATOM   1433 N N   . ARG A 1 197 ? -41.038 -28.247 48.130  1.00 42.28 ? 233 ARG A N   1 
ATOM   1434 C CA  . ARG A 1 197 ? -40.539 -28.816 49.377  1.00 48.06 ? 233 ARG A CA  1 
ATOM   1435 C C   . ARG A 1 197 ? -41.218 -28.182 50.585  1.00 48.80 ? 233 ARG A C   1 
ATOM   1436 O O   . ARG A 1 197 ? -41.547 -28.866 51.555  1.00 50.67 ? 233 ARG A O   1 
ATOM   1437 C CB  . ARG A 1 197 ? -39.021 -28.642 49.475  1.00 48.72 ? 233 ARG A CB  1 
ATOM   1438 C CG  . ARG A 1 197 ? -38.236 -29.457 48.461  1.00 49.38 ? 233 ARG A CG  1 
ATOM   1439 C CD  . ARG A 1 197 ? -36.843 -29.782 48.976  1.00 58.36 ? 233 ARG A CD  1 
ATOM   1440 N NE  . ARG A 1 197 ? -36.153 -30.740 48.116  1.00 67.13 ? 233 ARG A NE  1 
ATOM   1441 C CZ  . ARG A 1 197 ? -34.841 -30.952 48.136  1.00 72.73 ? 233 ARG A CZ  1 
ATOM   1442 N NH1 . ARG A 1 197 ? -34.071 -30.272 48.975  1.00 76.73 ? 233 ARG A NH1 1 
ATOM   1443 N NH2 . ARG A 1 197 ? -34.298 -31.842 47.318  1.00 77.77 ? 233 ARG A NH2 1 
ATOM   1444 N N   . LEU A 1 198 ? -41.427 -26.870 50.521  1.00 44.04 ? 234 LEU A N   1 
ATOM   1445 C CA  . LEU A 1 198 ? -42.067 -26.141 51.609  1.00 45.64 ? 234 LEU A CA  1 
ATOM   1446 C C   . LEU A 1 198 ? -43.504 -26.610 51.818  1.00 49.53 ? 234 LEU A C   1 
ATOM   1447 O O   . LEU A 1 198 ? -43.930 -26.851 52.947  1.00 52.63 ? 234 LEU A O   1 
ATOM   1448 C CB  . LEU A 1 198 ? -42.040 -24.636 51.334  1.00 45.17 ? 234 LEU A CB  1 
ATOM   1449 C CG  . LEU A 1 198 ? -41.302 -23.775 52.360  1.00 52.75 ? 234 LEU A CG  1 
ATOM   1450 C CD1 . LEU A 1 198 ? -41.810 -22.341 52.323  1.00 47.33 ? 234 LEU A CD1 1 
ATOM   1451 C CD2 . LEU A 1 198 ? -41.442 -24.360 53.757  1.00 52.98 ? 234 LEU A CD2 1 
ATOM   1452 N N   . VAL A 1 199 ? -44.223 -26.767 50.722  1.00 46.36 ? 235 VAL A N   1 
ATOM   1453 C CA  . VAL A 1 199 ? -45.597 -27.208 50.724  1.00 47.66 ? 235 VAL A CA  1 
ATOM   1454 C C   . VAL A 1 199 ? -45.676 -28.633 51.212  1.00 49.52 ? 235 VAL A C   1 
ATOM   1455 O O   . VAL A 1 199 ? -46.578 -28.997 51.912  1.00 52.52 ? 235 VAL A O   1 
ATOM   1456 C CB  . VAL A 1 199 ? -46.220 -27.045 49.304  1.00 42.49 ? 235 VAL A CB  1 
ATOM   1457 C CG1 . VAL A 1 199 ? -47.220 -28.108 48.920  1.00 42.31 ? 235 VAL A CG1 1 
ATOM   1458 C CG2 . VAL A 1 199 ? -46.882 -25.700 49.177  1.00 43.15 ? 235 VAL A CG2 1 
ATOM   1459 N N   . ALA A 1 200 ? -44.726 -29.422 50.794  1.00 45.11 ? 236 ALA A N   1 
ATOM   1460 C CA  . ALA A 1 200 ? -44.698 -30.847 51.103  1.00 49.54 ? 236 ALA A CA  1 
ATOM   1461 C C   . ALA A 1 200 ? -44.305 -31.090 52.556  1.00 55.24 ? 236 ALA A C   1 
ATOM   1462 O O   . ALA A 1 200 ? -44.592 -32.147 53.118  1.00 61.16 ? 236 ALA A O   1 
ATOM   1463 C CB  . ALA A 1 200 ? -43.747 -31.575 50.165  1.00 47.76 ? 236 ALA A CB  1 
ATOM   1464 N N   . TRP A 1 201 ? -43.647 -30.105 53.159  1.00 48.03 ? 237 TRP A N   1 
ATOM   1465 C CA  . TRP A 1 201 ? -43.218 -30.209 54.531  1.00 55.09 ? 237 TRP A CA  1 
ATOM   1466 C C   . TRP A 1 201 ? -44.291 -29.650 55.461  1.00 57.99 ? 237 TRP A C   1 
ATOM   1467 O O   . TRP A 1 201 ? -44.510 -30.147 56.537  1.00 54.94 ? 237 TRP A O   1 
ATOM   1468 C CB  . TRP A 1 201 ? -41.874 -29.524 54.713  1.00 51.23 ? 237 TRP A CB  1 
ATOM   1469 C CG  . TRP A 1 201 ? -41.388 -29.463 56.082  1.00 50.80 ? 237 TRP A CG  1 
ATOM   1470 C CD1 . TRP A 1 201 ? -41.064 -30.498 56.873  1.00 53.57 ? 237 TRP A CD1 1 
ATOM   1471 C CD2 . TRP A 1 201 ? -41.144 -28.296 56.836  1.00 51.01 ? 237 TRP A CD2 1 
ATOM   1472 N NE1 . TRP A 1 201 ? -40.641 -30.061 58.081  1.00 50.96 ? 237 TRP A NE1 1 
ATOM   1473 C CE2 . TRP A 1 201 ? -40.693 -28.702 58.092  1.00 49.70 ? 237 TRP A CE2 1 
ATOM   1474 C CE3 . TRP A 1 201 ? -41.282 -26.940 56.583  1.00 48.85 ? 237 TRP A CE3 1 
ATOM   1475 C CZ2 . TRP A 1 201 ? -40.371 -27.806 59.081  1.00 42.18 ? 237 TRP A CZ2 1 
ATOM   1476 C CZ3 . TRP A 1 201 ? -40.956 -26.071 57.550  1.00 46.17 ? 237 TRP A CZ3 1 
ATOM   1477 C CH2 . TRP A 1 201 ? -40.509 -26.496 58.788  1.00 43.83 ? 237 TRP A CH2 1 
ATOM   1478 N N   . SER A 1 202 ? -44.968 -28.625 54.995  1.00 55.48 ? 238 SER A N   1 
ATOM   1479 C CA  . SER A 1 202 ? -46.019 -27.992 55.720  1.00 55.18 ? 238 SER A CA  1 
ATOM   1480 C C   . SER A 1 202 ? -47.182 -28.903 56.058  1.00 59.20 ? 238 SER A C   1 
ATOM   1481 O O   . SER A 1 202 ? -48.056 -28.515 56.787  1.00 59.76 ? 238 SER A O   1 
ATOM   1482 C CB  . SER A 1 202 ? -46.567 -26.885 54.859  1.00 51.78 ? 238 SER A CB  1 
ATOM   1483 O OG  . SER A 1 202 ? -45.666 -25.829 54.793  1.00 52.44 ? 238 SER A OG  1 
ATOM   1484 N N   . SER A 1 203 ? -47.204 -30.099 55.484  1.00 62.27 ? 239 SER A N   1 
ATOM   1485 C CA  . SER A 1 203 ? -48.309 -31.017 55.730  1.00 61.48 ? 239 SER A CA  1 
ATOM   1486 C C   . SER A 1 203 ? -47.852 -32.368 56.252  1.00 62.34 ? 239 SER A C   1 
ATOM   1487 O O   . SER A 1 203 ? -48.656 -33.290 56.387  1.00 65.39 ? 239 SER A O   1 
ATOM   1488 C CB  . SER A 1 203 ? -49.139 -31.204 54.457  1.00 62.71 ? 239 SER A CB  1 
ATOM   1489 O OG  . SER A 1 203 ? -48.932 -30.133 53.551  1.00 62.78 ? 239 SER A OG  1 
ATOM   1490 N N   . GLU A 1 204 ? -46.564 -32.490 56.548  1.00 63.00 ? 240 GLU A N   1 
ATOM   1491 C CA  . GLU A 1 204 ? -46.056 -33.744 57.052  1.00 62.52 ? 240 GLU A CA  1 
ATOM   1492 C C   . GLU A 1 204 ? -46.047 -33.705 58.571  1.00 61.14 ? 240 GLU A C   1 
ATOM   1493 O O   . GLU A 1 204 ? -46.821 -33.003 59.177  1.00 53.01 ? 240 GLU A O   1 
ATOM   1494 C CB  . GLU A 1 204 ? -44.670 -34.016 56.493  1.00 60.78 ? 240 GLU A CB  1 
ATOM   1495 C CG  . GLU A 1 204 ? -44.692 -34.128 54.982  1.00 66.21 ? 240 GLU A CG  1 
ATOM   1496 C CD  . GLU A 1 204 ? -43.462 -34.756 54.389  1.00 71.20 ? 240 GLU A CD  1 
ATOM   1497 O OE1 . GLU A 1 204 ? -42.520 -34.996 55.145  1.00 70.26 ? 240 GLU A OE1 1 
ATOM   1498 O OE2 . GLU A 1 204 ? -43.443 -35.005 53.168  1.00 63.33 ? 240 GLU A OE2 1 
HETATM 1499 O O   . HOH B 2 .   ? 17.650  23.987  -33.174 1.00 36.83 ? 301 HOH A O   1 
HETATM 1500 O O   . HOH B 2 .   ? 1.976   4.001   -5.454  1.00 41.82 ? 302 HOH A O   1 
HETATM 1501 O O   . HOH B 2 .   ? 8.821   -1.909  -3.927  1.00 33.53 ? 303 HOH A O   1 
HETATM 1502 O O   . HOH B 2 .   ? 15.326  1.202   -19.176 1.00 53.30 ? 304 HOH A O   1 
HETATM 1503 O O   . HOH B 2 .   ? 9.321   3.452   -7.072  1.00 23.92 ? 305 HOH A O   1 
HETATM 1504 O O   . HOH B 2 .   ? -1.478  5.363   5.740   1.00 31.39 ? 306 HOH A O   1 
HETATM 1505 O O   . HOH B 2 .   ? -26.638 -14.568 14.582  1.00 49.53 ? 307 HOH A O   1 
HETATM 1506 O O   . HOH B 2 .   ? -16.980 -5.597  11.578  1.00 37.93 ? 308 HOH A O   1 
HETATM 1507 O O   . HOH B 2 .   ? 19.363  7.626   -12.749 1.00 30.29 ? 309 HOH A O   1 
HETATM 1508 O O   . HOH B 2 .   ? 28.148  25.591  -25.304 1.00 51.72 ? 310 HOH A O   1 
HETATM 1509 O O   . HOH B 2 .   ? -39.056 -21.623 46.136  1.00 36.14 ? 311 HOH A O   1 
HETATM 1510 O O   . HOH B 2 .   ? -1.272  -11.812 5.345   1.00 51.82 ? 312 HOH A O   1 
HETATM 1511 O O   . HOH B 2 .   ? 3.970   -1.354  0.169   1.00 24.13 ? 313 HOH A O   1 
HETATM 1512 O O   . HOH B 2 .   ? 11.748  10.181  -23.058 1.00 27.21 ? 314 HOH A O   1 
HETATM 1513 O O   . HOH B 2 .   ? -2.633  -1.455  -3.380  1.00 33.29 ? 315 HOH A O   1 
HETATM 1514 O O   . HOH B 2 .   ? -11.820 -4.168  1.085   1.00 40.40 ? 316 HOH A O   1 
HETATM 1515 O O   . HOH B 2 .   ? -2.789  -6.352  6.990   1.00 28.24 ? 317 HOH A O   1 
HETATM 1516 O O   . HOH B 2 .   ? 27.329  16.538  -22.103 1.00 23.75 ? 318 HOH A O   1 
HETATM 1517 O O   . HOH B 2 .   ? 25.030  9.925   -16.254 1.00 45.32 ? 319 HOH A O   1 
HETATM 1518 O O   . HOH B 2 .   ? 11.350  3.101   -5.250  1.00 27.65 ? 320 HOH A O   1 
HETATM 1519 O O   . HOH B 2 .   ? 18.515  8.507   -24.977 1.00 39.19 ? 321 HOH A O   1 
HETATM 1520 O O   . HOH B 2 .   ? 16.299  22.134  -29.752 1.00 32.10 ? 322 HOH A O   1 
HETATM 1521 O O   . HOH B 2 .   ? 34.789  35.387  -50.763 1.00 54.99 ? 323 HOH A O   1 
HETATM 1522 O O   . HOH B 2 .   ? 30.667  12.191  -25.373 1.00 26.47 ? 324 HOH A O   1 
HETATM 1523 O O   . HOH B 2 .   ? -32.091 -21.878 25.722  1.00 34.32 ? 325 HOH A O   1 
HETATM 1524 O O   . HOH B 2 .   ? -0.883  -8.894  8.013   1.00 44.31 ? 326 HOH A O   1 
HETATM 1525 O O   . HOH B 2 .   ? -3.373  -10.182 11.192  1.00 38.38 ? 327 HOH A O   1 
HETATM 1526 O O   . HOH B 2 .   ? 8.438   3.564   3.838   1.00 50.66 ? 328 HOH A O   1 
HETATM 1527 O O   . HOH B 2 .   ? 8.657   10.016  -18.317 1.00 50.83 ? 329 HOH A O   1 
HETATM 1528 O O   . HOH B 2 .   ? -20.716 -9.213  15.201  1.00 33.18 ? 330 HOH A O   1 
HETATM 1529 O O   . HOH B 2 .   ? 32.414  17.055  -38.226 1.00 31.47 ? 331 HOH A O   1 
HETATM 1530 O O   . HOH B 2 .   ? -8.460  -6.909  24.715  1.00 30.87 ? 332 HOH A O   1 
HETATM 1531 O O   . HOH B 2 .   ? 28.542  32.598  -43.756 1.00 45.76 ? 333 HOH A O   1 
HETATM 1532 O O   . HOH B 2 .   ? 32.095  27.976  -39.984 1.00 28.10 ? 334 HOH A O   1 
HETATM 1533 O O   . HOH B 2 .   ? 15.219  9.069   -13.709 1.00 18.09 ? 335 HOH A O   1 
HETATM 1534 O O   . HOH B 2 .   ? 31.978  37.728  -49.165 1.00 50.83 ? 336 HOH A O   1 
HETATM 1535 O O   . HOH B 2 .   ? -40.404 -21.217 39.621  1.00 38.42 ? 337 HOH A O   1 
HETATM 1536 O O   . HOH B 2 .   ? 9.108   1.859   -0.547  1.00 29.83 ? 338 HOH A O   1 
HETATM 1537 O O   . HOH B 2 .   ? -9.056  -11.499 13.373  1.00 31.01 ? 339 HOH A O   1 
HETATM 1538 O O   . HOH B 2 .   ? 1.922   -7.082  2.524   1.00 37.58 ? 340 HOH A O   1 
HETATM 1539 O O   . HOH B 2 .   ? 13.402  -1.679  -8.726  1.00 31.60 ? 341 HOH A O   1 
HETATM 1540 O O   . HOH B 2 .   ? 30.933  34.834  -38.790 1.00 33.03 ? 342 HOH A O   1 
HETATM 1541 O O   . HOH B 2 .   ? -22.888 -19.254 19.322  1.00 28.30 ? 343 HOH A O   1 
HETATM 1542 O O   . HOH B 2 .   ? -3.761  8.218   1.306   1.00 36.70 ? 344 HOH A O   1 
HETATM 1543 O O   . HOH B 2 .   ? -24.585 -24.296 36.703  1.00 24.31 ? 345 HOH A O   1 
HETATM 1544 O O   . HOH B 2 .   ? 19.554  26.429  -25.265 1.00 32.20 ? 346 HOH A O   1 
HETATM 1545 O O   . HOH B 2 .   ? 14.906  22.787  -22.977 1.00 24.46 ? 347 HOH A O   1 
HETATM 1546 O O   . HOH B 2 .   ? 11.145  4.119   -1.401  1.00 44.69 ? 348 HOH A O   1 
HETATM 1547 O O   . HOH B 2 .   ? -2.151  6.620   3.802   1.00 51.12 ? 349 HOH A O   1 
HETATM 1548 O O   . HOH B 2 .   ? -36.363 -17.309 36.300  1.00 35.40 ? 350 HOH A O   1 
HETATM 1549 O O   . HOH B 2 .   ? 14.504  16.514  -26.244 1.00 26.89 ? 351 HOH A O   1 
HETATM 1550 O O   . HOH B 2 .   ? 23.017  34.613  -48.096 1.00 38.03 ? 352 HOH A O   1 
HETATM 1551 O O   . HOH B 2 .   ? -6.029  -12.273 8.310   1.00 43.53 ? 353 HOH A O   1 
HETATM 1552 O O   . HOH B 2 .   ? 14.113  14.607  -10.131 1.00 22.64 ? 354 HOH A O   1 
HETATM 1553 O O   . HOH B 2 .   ? 16.980  9.455   -12.189 1.00 20.33 ? 355 HOH A O   1 
HETATM 1554 O O   . HOH B 2 .   ? 7.355   14.520  -6.124  1.00 38.00 ? 356 HOH A O   1 
HETATM 1555 O O   . HOH B 2 .   ? 18.084  14.905  -14.999 1.00 27.52 ? 357 HOH A O   1 
HETATM 1556 O O   . HOH B 2 .   ? 20.420  14.569  -20.717 1.00 20.93 ? 358 HOH A O   1 
HETATM 1557 O O   . HOH B 2 .   ? -30.894 -14.908 33.559  1.00 50.97 ? 359 HOH A O   1 
HETATM 1558 O O   . HOH B 2 .   ? -14.071 -6.959  6.489   1.00 33.66 ? 360 HOH A O   1 
HETATM 1559 O O   . HOH B 2 .   ? 25.360  12.587  -31.058 1.00 27.05 ? 361 HOH A O   1 
HETATM 1560 O O   . HOH B 2 .   ? 20.885  13.529  -16.342 1.00 37.26 ? 362 HOH A O   1 
HETATM 1561 O O   . HOH B 2 .   ? -5.854  0.411   8.176   1.00 30.19 ? 363 HOH A O   1 
HETATM 1562 O O   . HOH B 2 .   ? 31.280  43.202  -44.972 1.00 34.77 ? 364 HOH A O   1 
HETATM 1563 O O   . HOH B 2 .   ? 21.150  26.341  -37.698 1.00 33.89 ? 365 HOH A O   1 
HETATM 1564 O O   . HOH B 2 .   ? 28.260  23.103  -38.569 1.00 34.48 ? 366 HOH A O   1 
HETATM 1565 O O   . HOH B 2 .   ? -0.118  5.676   0.325   1.00 39.86 ? 367 HOH A O   1 
HETATM 1566 O O   . HOH B 2 .   ? 12.861  15.823  -7.852  1.00 22.47 ? 368 HOH A O   1 
HETATM 1567 O O   . HOH B 2 .   ? 14.240  8.093   -8.336  1.00 40.08 ? 369 HOH A O   1 
HETATM 1568 O O   . HOH B 2 .   ? 4.993   -2.607  1.463   1.00 28.87 ? 370 HOH A O   1 
HETATM 1569 O O   . HOH B 2 .   ? 10.865  18.309  -21.120 1.00 42.51 ? 371 HOH A O   1 
HETATM 1570 O O   . HOH B 2 .   ? 14.730  13.820  -26.230 1.00 39.59 ? 372 HOH A O   1 
HETATM 1571 O O   . HOH B 2 .   ? 22.446  10.766  -15.603 1.00 46.77 ? 373 HOH A O   1 
HETATM 1572 O O   . HOH B 2 .   ? 17.406  16.006  -12.532 1.00 44.88 ? 374 HOH A O   1 
HETATM 1573 O O   . HOH B 2 .   ? 35.437  23.097  -29.681 1.00 46.03 ? 375 HOH A O   1 
HETATM 1574 O O   . HOH B 2 .   ? 25.527  12.039  -15.817 1.00 54.51 ? 376 HOH A O   1 
HETATM 1575 O O   . HOH B 2 .   ? 12.107  19.058  -23.574 1.00 29.78 ? 377 HOH A O   1 
HETATM 1576 O O   . HOH B 2 .   ? 19.387  16.793  -16.450 1.00 39.91 ? 378 HOH A O   1 
HETATM 1577 O O   . HOH B 2 .   ? 29.309  9.513   -23.431 1.00 55.08 ? 379 HOH A O   1 
HETATM 1578 O O   . HOH B 2 .   ? 12.278  16.966  -25.535 1.00 33.22 ? 380 HOH A O   1 
HETATM 1579 O O   . HOH B 2 .   ? 30.502  31.327  -42.112 1.00 33.33 ? 381 HOH A O   1 
HETATM 1580 O O   . HOH B 2 .   ? 30.903  27.448  -37.544 1.00 38.00 ? 382 HOH A O   1 
HETATM 1581 O O   . HOH B 2 .   ? 10.849  -2.970  -5.210  1.00 35.10 ? 383 HOH A O   1 
HETATM 1582 O O   . HOH B 2 .   ? -4.068  -11.574 -0.350  1.00 58.50 ? 384 HOH A O   1 
HETATM 1583 O O   . HOH B 2 .   ? 9.067   12.304  -19.273 1.00 50.71 ? 385 HOH A O   1 
HETATM 1584 O O   . HOH B 2 .   ? 35.355  15.331  -30.586 1.00 44.32 ? 386 HOH A O   1 
HETATM 1585 O O   . HOH B 2 .   ? 34.283  24.401  -31.826 1.00 41.32 ? 387 HOH A O   1 
HETATM 1586 O O   . HOH B 2 .   ? 29.692  28.751  -41.146 1.00 30.99 ? 388 HOH A O   1 
HETATM 1587 O O   . HOH B 2 .   ? 15.089  8.271   -6.219  1.00 39.25 ? 389 HOH A O   1 
HETATM 1588 O O   . HOH B 2 .   ? 14.756  -0.772  -6.834  1.00 46.79 ? 390 HOH A O   1 
HETATM 1589 O O   . HOH B 2 .   ? 8.785   9.096   -21.149 1.00 41.49 ? 391 HOH A O   1 
HETATM 1590 O O   . HOH B 2 .   ? -4.941  -13.577 10.156  1.00 56.80 ? 392 HOH A O   1 
HETATM 1591 O O   . HOH B 2 .   ? 6.726   10.872  3.020   1.00 41.24 ? 393 HOH A O   1 
HETATM 1592 O O   . HOH B 2 .   ? 14.531  24.305  -20.722 1.00 33.14 ? 394 HOH A O   1 
HETATM 1593 O O   . HOH B 2 .   ? -22.411 -7.931  12.971  1.00 48.77 ? 395 HOH A O   1 
HETATM 1594 O O   . HOH B 2 .   ? 21.784  15.569  -18.185 1.00 37.57 ? 396 HOH A O   1 
HETATM 1595 O O   . HOH B 2 .   ? 36.992  16.106  -32.031 1.00 47.11 ? 397 HOH A O   1 
HETATM 1596 O O   . HOH B 2 .   ? 11.887  21.670  -24.986 1.00 40.19 ? 398 HOH A O   1 
# 
